data_7IBC
# 
_entry.id   7IBC 
# 
_audit_conform.dict_name       mmcif_pdbx.dic 
_audit_conform.dict_version    5.408 
_audit_conform.dict_location   http://mmcif.pdb.org/dictionaries/ascii/mmcif_pdbx.dic 
# 
loop_
_database_2.database_id 
_database_2.database_code 
_database_2.pdbx_database_accession 
_database_2.pdbx_DOI 
PDB   7IBC         pdb_00007ibc 10.2210/pdb7ibc/pdb 
WWPDB D_1001408551 ?            ?                   
# 
loop_
_pdbx_audit_revision_history.ordinal 
_pdbx_audit_revision_history.data_content_type 
_pdbx_audit_revision_history.major_revision 
_pdbx_audit_revision_history.minor_revision 
_pdbx_audit_revision_history.revision_date 
_pdbx_audit_revision_history.part_number 
1 'Structure model' 1 0 2025-10-22 ? 
2 'Structure model' 1 1 2025-12-10 ? 
# 
_pdbx_audit_revision_details.ordinal             1 
_pdbx_audit_revision_details.revision_ordinal    1 
_pdbx_audit_revision_details.data_content_type   'Structure model' 
_pdbx_audit_revision_details.provider            repository 
_pdbx_audit_revision_details.type                'Initial release' 
_pdbx_audit_revision_details.description         ? 
_pdbx_audit_revision_details.details             ? 
# 
_pdbx_audit_revision_group.ordinal             1 
_pdbx_audit_revision_group.revision_ordinal    2 
_pdbx_audit_revision_group.data_content_type   'Structure model' 
_pdbx_audit_revision_group.group               'Database references' 
# 
_pdbx_audit_revision_category.ordinal             1 
_pdbx_audit_revision_category.revision_ordinal    2 
_pdbx_audit_revision_category.data_content_type   'Structure model' 
_pdbx_audit_revision_category.category            citation 
# 
loop_
_pdbx_audit_revision_item.ordinal 
_pdbx_audit_revision_item.revision_ordinal 
_pdbx_audit_revision_item.data_content_type 
_pdbx_audit_revision_item.item 
1 2 'Structure model' '_citation.journal_volume' 
2 2 'Structure model' '_citation.page_first'     
3 2 'Structure model' '_citation.page_last'      
# 
loop_
_database_PDB_caveat.id 
_database_PDB_caveat.text 
1 
'Residues LEU A 46 and LYS A 47 that are next to each other in the sample sequence are not properly linked in conformers C and D.' 
2 
'Residues LYS A 47 and ASP A 48 that are next to each other in the sample sequence are not properly linked in conformers C and D.' 
# 
_pdbx_database_status.entry_id                        7IBC 
_pdbx_database_status.status_code                     REL 
_pdbx_database_status.status_code_sf                  REL 
_pdbx_database_status.status_code_mr                  ? 
_pdbx_database_status.status_code_cs                  ? 
_pdbx_database_status.recvd_initial_deposition_date   2025-05-27 
_pdbx_database_status.status_code_nmr_data            ? 
_pdbx_database_status.deposit_site                    RCSB 
_pdbx_database_status.process_site                    RCSB 
_pdbx_database_status.SG_entry                        ? 
_pdbx_database_status.pdb_format_compatible           N 
_pdbx_database_status.methods_development_category    ? 
# 
_pdbx_contact_author.id                 2 
_pdbx_contact_author.name_last          Weiss 
_pdbx_contact_author.name_first         Manfred 
_pdbx_contact_author.name_mi            S. 
_pdbx_contact_author.email              manfred.weiss@helmholtz-berlin.de 
_pdbx_contact_author.identifier_ORCID   0000-0002-2362-7047 
_pdbx_contact_author.role               'principal investigator/group leader' 
# 
loop_
_audit_author.pdbx_ordinal 
_audit_author.name 
_audit_author.identifier_ORCID 
1 'Lennartz, F.' 0000-0001-5617-5502 
2 'Weiss, M.S.'  0000-0002-2362-7047 
# 
_citation.id                        primary 
_citation.title                     
;Crystallographic fragment screening against SARS-CoV-2 nonstructural protein 1 using the F2X-Entry Screen and a newly developed fragment library.
;
_citation.journal_abbrev            'Acta Crystallogr D Struct Biol' 
_citation.journal_volume            81 
_citation.page_first                630 
_citation.page_last                 645 
_citation.year                      2025 
_citation.journal_id_ASTM           ? 
_citation.country                   ? 
_citation.journal_id_ISSN           2059-7983 
_citation.journal_id_CSD            ? 
_citation.book_publisher            ? 
_citation.pdbx_database_id_PubMed   41081353 
_citation.pdbx_database_id_DOI      10.1107/S2059798325008563 
# 
loop_
_citation_author.ordinal 
_citation_author.citation_id 
_citation_author.name 
_citation_author.identifier_ORCID 
1  primary 'Lennartz, F.'    ?                   
2  primary 'Wollenhaupt, J.' 0000-0002-3418-5213 
3  primary 'Oelker, M.'      0000-0001-7301-8445 
4  primary 'Froling, P.'     ?                   
5  primary 'Mueller, U.'     0000-0002-7139-0718 
6  primary 'Deckers, A.'     ?                   
7  primary 'Grathwol, C.'    ?                   
8  primary 'Brase, S.'       ?                   
9  primary 'Jung, N.'        0000-0001-9513-2468 
10 primary 'Weiss, M.S.'     0000-0002-2362-7047 
# 
loop_
_entity.id 
_entity.type 
_entity.src_method 
_entity.pdbx_description 
_entity.formula_weight 
_entity.pdbx_number_of_molecules 
_entity.pdbx_ec 
_entity.pdbx_mutation 
_entity.pdbx_fragment 
_entity.details 
1 polymer     man 'Host translation inhibitor nsp1'              12863.854 1  ? ? ? ? 
2 non-polymer syn '2-[(1-methylcyclobutyl)sulfanyl]benzoic acid' 222.303   1  ? ? ? ? 
3 water       nat water                                          18.015    81 ? ? ? ? 
# 
_entity_name_com.entity_id   1 
_entity_name_com.name        'Leader protein,Non-structural protein 1,nsp1' 
# 
_entity_poly.entity_id                      1 
_entity_poly.type                           'polypeptide(L)' 
_entity_poly.nstd_linkage                   no 
_entity_poly.nstd_monomer                   no 
_entity_poly.pdbx_seq_one_letter_code       
;EKTHVQLSLPVLQVRDVLVRGFGDSVEEVLSEARQHLKDGTCGLVEVEKGVLPQLEQPYVFIKRSDARTAPHGHVMVELV
AELEGIQYGRSGETLGVLVPHVGEIPVAYRKVLLRK
;
_entity_poly.pdbx_seq_one_letter_code_can   
;EKTHVQLSLPVLQVRDVLVRGFGDSVEEVLSEARQHLKDGTCGLVEVEKGVLPQLEQPYVFIKRSDARTAPHGHVMVELV
AELEGIQYGRSGETLGVLVPHVGEIPVAYRKVLLRK
;
_entity_poly.pdbx_strand_id                 A 
_entity_poly.pdbx_target_identifier         ? 
# 
loop_
_pdbx_entity_nonpoly.entity_id 
_pdbx_entity_nonpoly.name 
_pdbx_entity_nonpoly.comp_id 
2 '2-[(1-methylcyclobutyl)sulfanyl]benzoic acid' A1CS2 
3 water                                          HOH   
# 
loop_
_entity_poly_seq.entity_id 
_entity_poly_seq.num 
_entity_poly_seq.mon_id 
_entity_poly_seq.hetero 
1 1   GLU n 
1 2   LYS n 
1 3   THR n 
1 4   HIS n 
1 5   VAL n 
1 6   GLN n 
1 7   LEU n 
1 8   SER n 
1 9   LEU n 
1 10  PRO n 
1 11  VAL n 
1 12  LEU n 
1 13  GLN n 
1 14  VAL n 
1 15  ARG n 
1 16  ASP n 
1 17  VAL n 
1 18  LEU n 
1 19  VAL n 
1 20  ARG n 
1 21  GLY n 
1 22  PHE n 
1 23  GLY n 
1 24  ASP n 
1 25  SER n 
1 26  VAL n 
1 27  GLU n 
1 28  GLU n 
1 29  VAL n 
1 30  LEU n 
1 31  SER n 
1 32  GLU n 
1 33  ALA n 
1 34  ARG n 
1 35  GLN n 
1 36  HIS n 
1 37  LEU n 
1 38  LYS n 
1 39  ASP n 
1 40  GLY n 
1 41  THR n 
1 42  CYS n 
1 43  GLY n 
1 44  LEU n 
1 45  VAL n 
1 46  GLU n 
1 47  VAL n 
1 48  GLU n 
1 49  LYS n 
1 50  GLY n 
1 51  VAL n 
1 52  LEU n 
1 53  PRO n 
1 54  GLN n 
1 55  LEU n 
1 56  GLU n 
1 57  GLN n 
1 58  PRO n 
1 59  TYR n 
1 60  VAL n 
1 61  PHE n 
1 62  ILE n 
1 63  LYS n 
1 64  ARG n 
1 65  SER n 
1 66  ASP n 
1 67  ALA n 
1 68  ARG n 
1 69  THR n 
1 70  ALA n 
1 71  PRO n 
1 72  HIS n 
1 73  GLY n 
1 74  HIS n 
1 75  VAL n 
1 76  MET n 
1 77  VAL n 
1 78  GLU n 
1 79  LEU n 
1 80  VAL n 
1 81  ALA n 
1 82  GLU n 
1 83  LEU n 
1 84  GLU n 
1 85  GLY n 
1 86  ILE n 
1 87  GLN n 
1 88  TYR n 
1 89  GLY n 
1 90  ARG n 
1 91  SER n 
1 92  GLY n 
1 93  GLU n 
1 94  THR n 
1 95  LEU n 
1 96  GLY n 
1 97  VAL n 
1 98  LEU n 
1 99  VAL n 
1 100 PRO n 
1 101 HIS n 
1 102 VAL n 
1 103 GLY n 
1 104 GLU n 
1 105 ILE n 
1 106 PRO n 
1 107 VAL n 
1 108 ALA n 
1 109 TYR n 
1 110 ARG n 
1 111 LYS n 
1 112 VAL n 
1 113 LEU n 
1 114 LEU n 
1 115 ARG n 
1 116 LYS n 
# 
_entity_src_gen.entity_id                          1 
_entity_src_gen.pdbx_src_id                        1 
_entity_src_gen.pdbx_alt_source_flag               sample 
_entity_src_gen.pdbx_seq_type                      'Biological sequence' 
_entity_src_gen.pdbx_beg_seq_num                   1 
_entity_src_gen.pdbx_end_seq_num                   116 
_entity_src_gen.gene_src_common_name               ? 
_entity_src_gen.gene_src_genus                     ? 
_entity_src_gen.pdbx_gene_src_gene                 'rep, 1a-1b' 
_entity_src_gen.gene_src_species                   ? 
_entity_src_gen.gene_src_strain                    ? 
_entity_src_gen.gene_src_tissue                    ? 
_entity_src_gen.gene_src_tissue_fraction           ? 
_entity_src_gen.gene_src_details                   ? 
_entity_src_gen.pdbx_gene_src_fragment             ? 
_entity_src_gen.pdbx_gene_src_scientific_name      'Severe acute respiratory syndrome coronavirus 2' 
_entity_src_gen.pdbx_gene_src_ncbi_taxonomy_id     2697049 
_entity_src_gen.pdbx_gene_src_variant              ? 
_entity_src_gen.pdbx_gene_src_cell_line            ? 
_entity_src_gen.pdbx_gene_src_atcc                 ? 
_entity_src_gen.pdbx_gene_src_organ                ? 
_entity_src_gen.pdbx_gene_src_organelle            ? 
_entity_src_gen.pdbx_gene_src_cell                 ? 
_entity_src_gen.pdbx_gene_src_cellular_location    ? 
_entity_src_gen.host_org_common_name               ? 
_entity_src_gen.pdbx_host_org_scientific_name      'Escherichia coli BL21(DE3)' 
_entity_src_gen.pdbx_host_org_ncbi_taxonomy_id     469008 
_entity_src_gen.host_org_genus                     ? 
_entity_src_gen.pdbx_host_org_gene                 ? 
_entity_src_gen.pdbx_host_org_organ                ? 
_entity_src_gen.host_org_species                   ? 
_entity_src_gen.pdbx_host_org_tissue               ? 
_entity_src_gen.pdbx_host_org_tissue_fraction      ? 
_entity_src_gen.pdbx_host_org_strain               ? 
_entity_src_gen.pdbx_host_org_variant              ? 
_entity_src_gen.pdbx_host_org_cell_line            ? 
_entity_src_gen.pdbx_host_org_atcc                 ? 
_entity_src_gen.pdbx_host_org_culture_collection   ? 
_entity_src_gen.pdbx_host_org_cell                 ? 
_entity_src_gen.pdbx_host_org_organelle            ? 
_entity_src_gen.pdbx_host_org_cellular_location    ? 
_entity_src_gen.pdbx_host_org_vector_type          plasmid 
_entity_src_gen.pdbx_host_org_vector               ? 
_entity_src_gen.host_org_details                   ? 
_entity_src_gen.expression_system_id               ? 
_entity_src_gen.plasmid_name                       pET15b 
_entity_src_gen.plasmid_details                    ? 
_entity_src_gen.pdbx_description                   ? 
# 
loop_
_chem_comp.id 
_chem_comp.type 
_chem_comp.mon_nstd_flag 
_chem_comp.name 
_chem_comp.pdbx_synonyms 
_chem_comp.formula 
_chem_comp.formula_weight 
A1CS2 non-polymer         . '2-[(1-methylcyclobutyl)sulfanyl]benzoic acid' ? 'C12 H14 O2 S'   222.303 
ALA   'L-peptide linking' y ALANINE                                        ? 'C3 H7 N O2'     89.093  
ARG   'L-peptide linking' y ARGININE                                       ? 'C6 H15 N4 O2 1' 175.209 
ASP   'L-peptide linking' y 'ASPARTIC ACID'                                ? 'C4 H7 N O4'     133.103 
CYS   'L-peptide linking' y CYSTEINE                                       ? 'C3 H7 N O2 S'   121.158 
GLN   'L-peptide linking' y GLUTAMINE                                      ? 'C5 H10 N2 O3'   146.144 
GLU   'L-peptide linking' y 'GLUTAMIC ACID'                                ? 'C5 H9 N O4'     147.129 
GLY   'peptide linking'   y GLYCINE                                        ? 'C2 H5 N O2'     75.067  
HIS   'L-peptide linking' y HISTIDINE                                      ? 'C6 H10 N3 O2 1' 156.162 
HOH   non-polymer         . WATER                                          ? 'H2 O'           18.015  
ILE   'L-peptide linking' y ISOLEUCINE                                     ? 'C6 H13 N O2'    131.173 
LEU   'L-peptide linking' y LEUCINE                                        ? 'C6 H13 N O2'    131.173 
LYS   'L-peptide linking' y LYSINE                                         ? 'C6 H15 N2 O2 1' 147.195 
MET   'L-peptide linking' y METHIONINE                                     ? 'C5 H11 N O2 S'  149.211 
PHE   'L-peptide linking' y PHENYLALANINE                                  ? 'C9 H11 N O2'    165.189 
PRO   'L-peptide linking' y PROLINE                                        ? 'C5 H9 N O2'     115.130 
SER   'L-peptide linking' y SERINE                                         ? 'C3 H7 N O3'     105.093 
THR   'L-peptide linking' y THREONINE                                      ? 'C4 H9 N O3'     119.119 
TYR   'L-peptide linking' y TYROSINE                                       ? 'C9 H11 N O3'    181.189 
VAL   'L-peptide linking' y VALINE                                         ? 'C5 H11 N O2'    117.146 
# 
loop_
_pdbx_poly_seq_scheme.asym_id 
_pdbx_poly_seq_scheme.entity_id 
_pdbx_poly_seq_scheme.seq_id 
_pdbx_poly_seq_scheme.mon_id 
_pdbx_poly_seq_scheme.ndb_seq_num 
_pdbx_poly_seq_scheme.pdb_seq_num 
_pdbx_poly_seq_scheme.auth_seq_num 
_pdbx_poly_seq_scheme.pdb_mon_id 
_pdbx_poly_seq_scheme.auth_mon_id 
_pdbx_poly_seq_scheme.pdb_strand_id 
_pdbx_poly_seq_scheme.pdb_ins_code 
_pdbx_poly_seq_scheme.hetero 
A 1 1   GLU 1   10  ?   ?   ?   A . n 
A 1 2   LYS 2   11  11  LYS LYS A . n 
A 1 3   THR 3   12  12  THR THR A . n 
A 1 4   HIS 4   13  13  HIS HIS A . n 
A 1 5   VAL 5   14  14  VAL VAL A . n 
A 1 6   GLN 6   15  15  GLN GLN A . n 
A 1 7   LEU 7   16  16  LEU LEU A . n 
A 1 8   SER 8   17  17  SER SER A . n 
A 1 9   LEU 9   18  18  LEU LEU A . n 
A 1 10  PRO 10  19  19  PRO PRO A . n 
A 1 11  VAL 11  20  20  VAL VAL A . n 
A 1 12  LEU 12  21  21  LEU LEU A . n 
A 1 13  GLN 13  22  22  GLN GLN A . n 
A 1 14  VAL 14  23  23  VAL VAL A . n 
A 1 15  ARG 15  24  24  ARG ARG A . n 
A 1 16  ASP 16  25  25  ASP ASP A . n 
A 1 17  VAL 17  26  26  VAL VAL A . n 
A 1 18  LEU 18  27  27  LEU LEU A . n 
A 1 19  VAL 19  28  28  VAL VAL A . n 
A 1 20  ARG 20  29  29  ARG ARG A . n 
A 1 21  GLY 21  30  30  GLY GLY A . n 
A 1 22  PHE 22  31  31  PHE PHE A . n 
A 1 23  GLY 23  32  32  GLY GLY A . n 
A 1 24  ASP 24  33  33  ASP ASP A . n 
A 1 25  SER 25  34  34  SER SER A . n 
A 1 26  VAL 26  35  35  VAL VAL A . n 
A 1 27  GLU 27  36  36  GLU GLU A . n 
A 1 28  GLU 28  37  37  GLU GLU A . n 
A 1 29  VAL 29  38  38  VAL VAL A . n 
A 1 30  LEU 30  39  39  LEU LEU A . n 
A 1 31  SER 31  40  40  SER SER A . n 
A 1 32  GLU 32  41  41  GLU GLU A . n 
A 1 33  ALA 33  42  42  ALA ALA A . n 
A 1 34  ARG 34  43  43  ARG ARG A . n 
A 1 35  GLN 35  44  44  GLN GLN A . n 
A 1 36  HIS 36  45  45  HIS HIS A . n 
A 1 37  LEU 37  46  46  LEU LEU A . n 
A 1 38  LYS 38  47  47  LYS LYS A . n 
A 1 39  ASP 39  48  48  ASP ASP A . n 
A 1 40  GLY 40  49  49  GLY GLY A . n 
A 1 41  THR 41  50  50  THR THR A . n 
A 1 42  CYS 42  51  51  CYS CYS A . n 
A 1 43  GLY 43  52  52  GLY GLY A . n 
A 1 44  LEU 44  53  53  LEU LEU A . n 
A 1 45  VAL 45  54  54  VAL VAL A . n 
A 1 46  GLU 46  55  55  GLU GLU A . n 
A 1 47  VAL 47  56  56  VAL VAL A . n 
A 1 48  GLU 48  57  57  GLU GLU A . n 
A 1 49  LYS 49  58  58  LYS LYS A . n 
A 1 50  GLY 50  59  59  GLY GLY A . n 
A 1 51  VAL 51  60  60  VAL VAL A . n 
A 1 52  LEU 52  61  61  LEU LEU A . n 
A 1 53  PRO 53  62  62  PRO PRO A . n 
A 1 54  GLN 54  63  63  GLN GLN A . n 
A 1 55  LEU 55  64  64  LEU LEU A . n 
A 1 56  GLU 56  65  65  GLU GLU A . n 
A 1 57  GLN 57  66  66  GLN GLN A . n 
A 1 58  PRO 58  67  67  PRO PRO A . n 
A 1 59  TYR 59  68  68  TYR TYR A . n 
A 1 60  VAL 60  69  69  VAL VAL A . n 
A 1 61  PHE 61  70  70  PHE PHE A . n 
A 1 62  ILE 62  71  71  ILE ILE A . n 
A 1 63  LYS 63  72  72  LYS LYS A . n 
A 1 64  ARG 64  73  73  ARG ARG A . n 
A 1 65  SER 65  74  74  SER SER A . n 
A 1 66  ASP 66  75  75  ASP ASP A . n 
A 1 67  ALA 67  76  76  ALA ALA A . n 
A 1 68  ARG 68  77  ?   ?   ?   A . n 
A 1 69  THR 69  78  ?   ?   ?   A . n 
A 1 70  ALA 70  79  79  ALA ALA A . n 
A 1 71  PRO 71  80  80  PRO PRO A . n 
A 1 72  HIS 72  81  81  HIS HIS A . n 
A 1 73  GLY 73  82  82  GLY GLY A . n 
A 1 74  HIS 74  83  83  HIS HIS A . n 
A 1 75  VAL 75  84  84  VAL VAL A . n 
A 1 76  MET 76  85  85  MET MET A . n 
A 1 77  VAL 77  86  86  VAL VAL A . n 
A 1 78  GLU 78  87  87  GLU GLU A . n 
A 1 79  LEU 79  88  88  LEU LEU A . n 
A 1 80  VAL 80  89  89  VAL VAL A . n 
A 1 81  ALA 81  90  90  ALA ALA A . n 
A 1 82  GLU 82  91  91  GLU GLU A . n 
A 1 83  LEU 83  92  92  LEU LEU A . n 
A 1 84  GLU 84  93  93  GLU GLU A . n 
A 1 85  GLY 85  94  94  GLY GLY A . n 
A 1 86  ILE 86  95  95  ILE ILE A . n 
A 1 87  GLN 87  96  96  GLN GLN A . n 
A 1 88  TYR 88  97  97  TYR TYR A . n 
A 1 89  GLY 89  98  98  GLY GLY A . n 
A 1 90  ARG 90  99  99  ARG ARG A . n 
A 1 91  SER 91  100 100 SER SER A . n 
A 1 92  GLY 92  101 101 GLY GLY A . n 
A 1 93  GLU 93  102 102 GLU GLU A . n 
A 1 94  THR 94  103 103 THR THR A . n 
A 1 95  LEU 95  104 104 LEU LEU A . n 
A 1 96  GLY 96  105 105 GLY GLY A . n 
A 1 97  VAL 97  106 106 VAL VAL A . n 
A 1 98  LEU 98  107 107 LEU LEU A . n 
A 1 99  VAL 99  108 108 VAL VAL A . n 
A 1 100 PRO 100 109 109 PRO PRO A . n 
A 1 101 HIS 101 110 110 HIS HIS A . n 
A 1 102 VAL 102 111 111 VAL VAL A . n 
A 1 103 GLY 103 112 112 GLY GLY A . n 
A 1 104 GLU 104 113 113 GLU GLU A . n 
A 1 105 ILE 105 114 114 ILE ILE A . n 
A 1 106 PRO 106 115 115 PRO PRO A . n 
A 1 107 VAL 107 116 116 VAL VAL A . n 
A 1 108 ALA 108 117 117 ALA ALA A . n 
A 1 109 TYR 109 118 118 TYR TYR A . n 
A 1 110 ARG 110 119 119 ARG ARG A . n 
A 1 111 LYS 111 120 120 LYS LYS A . n 
A 1 112 VAL 112 121 121 VAL VAL A . n 
A 1 113 LEU 113 122 122 LEU LEU A . n 
A 1 114 LEU 114 123 123 LEU LEU A . n 
A 1 115 ARG 115 124 124 ARG ARG A . n 
A 1 116 LYS 116 125 125 LYS LYS A . n 
# 
loop_
_pdbx_nonpoly_scheme.asym_id 
_pdbx_nonpoly_scheme.entity_id 
_pdbx_nonpoly_scheme.mon_id 
_pdbx_nonpoly_scheme.ndb_seq_num 
_pdbx_nonpoly_scheme.pdb_seq_num 
_pdbx_nonpoly_scheme.auth_seq_num 
_pdbx_nonpoly_scheme.pdb_mon_id 
_pdbx_nonpoly_scheme.auth_mon_id 
_pdbx_nonpoly_scheme.pdb_strand_id 
_pdbx_nonpoly_scheme.pdb_ins_code 
B 2 A1CS2 1  201 210 A1CS2 LIG A . 
C 3 HOH   1  301 42  HOH   HOH A . 
C 3 HOH   2  302 68  HOH   HOH A . 
C 3 HOH   3  303 28  HOH   HOH A . 
C 3 HOH   4  304 21  HOH   HOH A . 
C 3 HOH   5  305 51  HOH   HOH A . 
C 3 HOH   6  306 40  HOH   HOH A . 
C 3 HOH   7  307 80  HOH   HOH A . 
C 3 HOH   8  308 35  HOH   HOH A . 
C 3 HOH   9  309 57  HOH   HOH A . 
C 3 HOH   10 310 19  HOH   HOH A . 
C 3 HOH   11 311 72  HOH   HOH A . 
C 3 HOH   12 312 66  HOH   HOH A . 
C 3 HOH   13 313 45  HOH   HOH A . 
C 3 HOH   14 314 56  HOH   HOH A . 
C 3 HOH   15 315 30  HOH   HOH A . 
C 3 HOH   16 316 37  HOH   HOH A . 
C 3 HOH   17 317 9   HOH   HOH A . 
C 3 HOH   18 318 15  HOH   HOH A . 
C 3 HOH   19 319 49  HOH   HOH A . 
C 3 HOH   20 320 41  HOH   HOH A . 
C 3 HOH   21 321 73  HOH   HOH A . 
C 3 HOH   22 322 74  HOH   HOH A . 
C 3 HOH   23 323 7   HOH   HOH A . 
C 3 HOH   24 324 2   HOH   HOH A . 
C 3 HOH   25 325 26  HOH   HOH A . 
C 3 HOH   26 326 64  HOH   HOH A . 
C 3 HOH   27 327 69  HOH   HOH A . 
C 3 HOH   28 328 20  HOH   HOH A . 
C 3 HOH   29 329 3   HOH   HOH A . 
C 3 HOH   30 330 25  HOH   HOH A . 
C 3 HOH   31 331 44  HOH   HOH A . 
C 3 HOH   32 332 6   HOH   HOH A . 
C 3 HOH   33 333 4   HOH   HOH A . 
C 3 HOH   34 334 46  HOH   HOH A . 
C 3 HOH   35 335 8   HOH   HOH A . 
C 3 HOH   36 336 43  HOH   HOH A . 
C 3 HOH   37 337 62  HOH   HOH A . 
C 3 HOH   38 338 16  HOH   HOH A . 
C 3 HOH   39 339 23  HOH   HOH A . 
C 3 HOH   40 340 76  HOH   HOH A . 
C 3 HOH   41 341 12  HOH   HOH A . 
C 3 HOH   42 342 24  HOH   HOH A . 
C 3 HOH   43 343 14  HOH   HOH A . 
C 3 HOH   44 344 1   HOH   HOH A . 
C 3 HOH   45 345 31  HOH   HOH A . 
C 3 HOH   46 346 48  HOH   HOH A . 
C 3 HOH   47 347 71  HOH   HOH A . 
C 3 HOH   48 348 22  HOH   HOH A . 
C 3 HOH   49 349 81  HOH   HOH A . 
C 3 HOH   50 350 18  HOH   HOH A . 
C 3 HOH   51 351 5   HOH   HOH A . 
C 3 HOH   52 352 36  HOH   HOH A . 
C 3 HOH   53 353 54  HOH   HOH A . 
C 3 HOH   54 354 17  HOH   HOH A . 
C 3 HOH   55 355 10  HOH   HOH A . 
C 3 HOH   56 356 47  HOH   HOH A . 
C 3 HOH   57 357 13  HOH   HOH A . 
C 3 HOH   58 358 58  HOH   HOH A . 
C 3 HOH   59 359 39  HOH   HOH A . 
C 3 HOH   60 360 65  HOH   HOH A . 
C 3 HOH   61 361 34  HOH   HOH A . 
C 3 HOH   62 362 27  HOH   HOH A . 
C 3 HOH   63 363 29  HOH   HOH A . 
C 3 HOH   64 364 50  HOH   HOH A . 
C 3 HOH   65 365 55  HOH   HOH A . 
C 3 HOH   66 366 32  HOH   HOH A . 
C 3 HOH   67 367 11  HOH   HOH A . 
C 3 HOH   68 368 60  HOH   HOH A . 
C 3 HOH   69 369 52  HOH   HOH A . 
C 3 HOH   70 370 38  HOH   HOH A . 
C 3 HOH   71 371 77  HOH   HOH A . 
C 3 HOH   72 372 59  HOH   HOH A . 
C 3 HOH   73 373 63  HOH   HOH A . 
C 3 HOH   74 374 78  HOH   HOH A . 
C 3 HOH   75 375 61  HOH   HOH A . 
C 3 HOH   76 376 79  HOH   HOH A . 
C 3 HOH   77 377 33  HOH   HOH A . 
C 3 HOH   78 378 67  HOH   HOH A . 
C 3 HOH   79 379 75  HOH   HOH A . 
C 3 HOH   80 380 70  HOH   HOH A . 
C 3 HOH   81 381 53  HOH   HOH A . 
# 
loop_
_pdbx_unobs_or_zero_occ_atoms.id 
_pdbx_unobs_or_zero_occ_atoms.PDB_model_num 
_pdbx_unobs_or_zero_occ_atoms.polymer_flag 
_pdbx_unobs_or_zero_occ_atoms.occupancy_flag 
_pdbx_unobs_or_zero_occ_atoms.auth_asym_id 
_pdbx_unobs_or_zero_occ_atoms.auth_comp_id 
_pdbx_unobs_or_zero_occ_atoms.auth_seq_id 
_pdbx_unobs_or_zero_occ_atoms.PDB_ins_code 
_pdbx_unobs_or_zero_occ_atoms.auth_atom_id 
_pdbx_unobs_or_zero_occ_atoms.label_alt_id 
_pdbx_unobs_or_zero_occ_atoms.label_asym_id 
_pdbx_unobs_or_zero_occ_atoms.label_comp_id 
_pdbx_unobs_or_zero_occ_atoms.label_seq_id 
_pdbx_unobs_or_zero_occ_atoms.label_atom_id 
1 1 Y 1 A LYS 125 ? CG ? A LYS 116 CG 
2 1 Y 1 A LYS 125 ? CD ? A LYS 116 CD 
3 1 Y 1 A LYS 125 ? CE ? A LYS 116 CE 
4 1 Y 1 A LYS 125 ? NZ ? A LYS 116 NZ 
# 
loop_
_software.classification 
_software.name 
_software.version 
_software.citation_id 
_software.pdbx_ordinal 
refinement       REFMAC 5.8.0267 ? 1 
phasing          PHASER .        ? 2 
'data scaling'   XDS    .        ? 3 
'data reduction' XDS    .        ? 4 
# 
_cell.entry_id           7IBC 
_cell.length_a           36.610 
_cell.length_b           36.610 
_cell.length_c           143.290 
_cell.angle_alpha        90.00 
_cell.angle_beta         90.00 
_cell.angle_gamma        90.00 
_cell.Z_PDB              8 
_cell.pdbx_unique_axis   ? 
# 
_symmetry.entry_id                         7IBC 
_symmetry.space_group_name_H-M             'P 43 21 2' 
_symmetry.pdbx_full_space_group_name_H-M   ? 
_symmetry.cell_setting                     ? 
_symmetry.Int_Tables_number                96 
# 
_exptl.entry_id          7IBC 
_exptl.method            'X-RAY DIFFRACTION' 
_exptl.crystals_number   1 
# 
_exptl_crystal.id                    1 
_exptl_crystal.density_Matthews      1.87 
_exptl_crystal.density_percent_sol   34.23 
_exptl_crystal.density_meas          ? 
_exptl_crystal.description           ? 
# 
_exptl_crystal_grow.crystal_id      1 
_exptl_crystal_grow.method          'VAPOR DIFFUSION, SITTING DROP' 
_exptl_crystal_grow.pdbx_details    '0.1 M HEPES pH 7.5 and 25% (w/v) PEG 3350. Reproducibility was improved by seeding.' 
_exptl_crystal_grow.temp            293 
_exptl_crystal_grow.pH              7.5 
_exptl_crystal_grow.temp_details    ? 
_exptl_crystal_grow.pdbx_pH_range   ? 
# 
_diffrn.id                     1 
_diffrn.ambient_temp           100 
_diffrn.crystal_id             1 
_diffrn.ambient_temp_details   ? 
# 
_diffrn_detector.diffrn_id              1 
_diffrn_detector.detector               PIXEL 
_diffrn_detector.pdbx_collection_date   2023-05-02 
_diffrn_detector.type                   'DECTRIS PILATUS3 6M' 
_diffrn_detector.id                     1 
_diffrn_detector.details                ? 
# 
_diffrn_radiation.diffrn_id                        1 
_diffrn_radiation.pdbx_diffrn_protocol             'SINGLE WAVELENGTH' 
_diffrn_radiation.pdbx_monochromatic_or_laue_m_l   M 
_diffrn_radiation.pdbx_scattering_type             x-ray 
_diffrn_radiation.wavelength_id                    1 
_diffrn_radiation.monochromator                    ? 
# 
_diffrn_radiation_wavelength.id           1 
_diffrn_radiation_wavelength.wavelength   0.9184 
_diffrn_radiation_wavelength.wt           1.0 
# 
_diffrn_source.diffrn_id                   1 
_diffrn_source.pdbx_wavelength_list        0.9184 
_diffrn_source.source                      SYNCHROTRON 
_diffrn_source.type                        'BESSY BEAMLINE 14.1' 
_diffrn_source.pdbx_synchrotron_site       BESSY 
_diffrn_source.pdbx_synchrotron_beamline   14.1 
_diffrn_source.pdbx_wavelength             ? 
# 
_reflns.entry_id                     7IBC 
_reflns.pdbx_diffrn_id               1 
_reflns.pdbx_ordinal                 1 
_reflns.d_resolution_low             35.47 
_reflns.d_resolution_high            2.13 
_reflns.number_obs                   6009 
_reflns.percent_possible_obs         100.0 
_reflns.pdbx_Rmerge_I_obs            0.171 
_reflns.pdbx_netI_over_sigmaI        11.23 
_reflns.pdbx_Rrim_I_all              0.179 
_reflns.pdbx_CC_half                 0.9990000000000001 
_reflns.pdbx_number_measured_all     72529 
_reflns.observed_criterion_sigma_I   ? 
_reflns.observed_criterion_sigma_F   ? 
_reflns.number_all                   ? 
_reflns.pdbx_Rsym_value              ? 
_reflns.B_iso_Wilson_estimate        ? 
_reflns.pdbx_redundancy              ? 
# 
loop_
_reflns_shell.pdbx_diffrn_id 
_reflns_shell.pdbx_ordinal 
_reflns_shell.d_res_high 
_reflns_shell.d_res_low 
_reflns_shell.number_measured_obs 
_reflns_shell.number_unique_obs 
_reflns_shell.Rmerge_I_obs 
_reflns_shell.percent_possible_obs 
_reflns_shell.pdbx_netI_over_sigmaI_obs 
_reflns_shell.pdbx_Rrim_I_all 
_reflns_shell.pdbx_CC_half 
_reflns_shell.percent_possible_all 
_reflns_shell.pdbx_Rsym_value 
_reflns_shell.meanI_over_sigI_obs 
_reflns_shell.pdbx_redundancy 
1 1 2.13 2.26 11948 937 2.967                100.0 0.74  3.091                0.35100000000000003 ? ? ? ? 
1 2 2.26 2.41 10120 874 2.171                99.8  1.01  2.271                0.494               ? ? ? ? 
1 3 2.41 2.61 10635 828 1.165                100.0 2.07  1.214                0.81                ? ? ? ? 
1 4 2.61 2.85 9829  766 0.716                100.0 3.42  0.746                0.9059999999999999  ? ? ? ? 
1 5 2.85 3.19 8550  694 0.376                100.0 6.53  0.39299999999999996  0.98                ? ? ? ? 
1 6 3.19 3.68 7245  645 0.151                100.0 15.22 0.159                0.995               ? ? ? ? 
1 7 3.68 4.49 6539  538 0.077                100.0 30.83 0.081                0.9990000000000001  ? ? ? ? 
1 8 4.49 6.3  4952  444 0.055999999999999994 100.0 36.54 0.059000000000000004 0.9990000000000001  ? ? ? ? 
1 9 6.30 ?    2711  283 0.033                99.6  50.95 0.035                1.0                 ? ? ? ? 
# 
_refine.pdbx_refine_id                           'X-RAY DIFFRACTION' 
_refine.entry_id                                 7IBC 
_refine.pdbx_diffrn_id                           1 
_refine.pdbx_TLS_residual_ADP_flag               ? 
_refine.ls_number_reflns_obs                     5708 
_refine.ls_number_reflns_all                     ? 
_refine.pdbx_ls_sigma_I                          ? 
_refine.pdbx_ls_sigma_F                          ? 
_refine.pdbx_data_cutoff_high_absF               ? 
_refine.pdbx_data_cutoff_low_absF                ? 
_refine.pdbx_data_cutoff_high_rms_absF           ? 
_refine.ls_d_res_low                             35.47 
_refine.ls_d_res_high                            2.13 
_refine.ls_percent_reflns_obs                    99.95 
_refine.ls_R_factor_obs                          0.21845 
_refine.ls_R_factor_all                          ? 
_refine.ls_R_factor_R_work                       0.21451 
_refine.ls_R_factor_R_free                       0.29550 
_refine.ls_R_factor_R_free_error                 ? 
_refine.ls_R_factor_R_free_error_details         ? 
_refine.ls_percent_reflns_R_free                 5.0 
_refine.ls_number_reflns_R_free                  301 
_refine.ls_number_parameters                     ? 
_refine.ls_number_restraints                     ? 
_refine.occupancy_min                            ? 
_refine.occupancy_max                            ? 
_refine.correlation_coeff_Fo_to_Fc               0.952 
_refine.correlation_coeff_Fo_to_Fc_free          0.915 
_refine.B_iso_mean                               55.535 
_refine.aniso_B[1][1]                            0.81 
_refine.aniso_B[2][2]                            0.81 
_refine.aniso_B[3][3]                            -1.61 
_refine.aniso_B[1][2]                            -0.00 
_refine.aniso_B[1][3]                            -0.00 
_refine.aniso_B[2][3]                            -0.00 
_refine.solvent_model_details                    MASK 
_refine.solvent_model_param_ksol                 ? 
_refine.solvent_model_param_bsol                 ? 
_refine.pdbx_solvent_vdw_probe_radii             1.20 
_refine.pdbx_solvent_ion_probe_radii             0.80 
_refine.pdbx_solvent_shrinkage_radii             0.80 
_refine.pdbx_ls_cross_valid_method               THROUGHOUT 
_refine.details                                  'HYDROGENS HAVE BEEN ADDED IN THE RIDING POSITIONS' 
_refine.pdbx_starting_model                      ? 
_refine.pdbx_method_to_determine_struct          'MOLECULAR REPLACEMENT' 
_refine.pdbx_isotropic_thermal_model             ? 
_refine.pdbx_stereochemistry_target_values       'MAXIMUM LIKELIHOOD' 
_refine.pdbx_stereochem_target_val_spec_case     ? 
_refine.pdbx_R_Free_selection_details            RANDOM 
_refine.pdbx_overall_ESU_R                       ? 
_refine.pdbx_overall_ESU_R_Free                  0.325 
_refine.overall_SU_ML                            0.335 
_refine.pdbx_overall_phase_error                 ? 
_refine.overall_SU_B                             14.758 
_refine.overall_SU_R_Cruickshank_DPI             ? 
_refine.pdbx_overall_SU_R_free_Cruickshank_DPI   ? 
_refine.pdbx_overall_SU_R_Blow_DPI               ? 
_refine.pdbx_overall_SU_R_free_Blow_DPI          ? 
# 
_refine_hist.pdbx_refine_id                   'X-RAY DIFFRACTION' 
_refine_hist.cycle_id                         1 
_refine_hist.pdbx_number_atoms_protein        873 
_refine_hist.pdbx_number_atoms_nucleic_acid   0 
_refine_hist.pdbx_number_atoms_ligand         15 
_refine_hist.number_atoms_solvent             81 
_refine_hist.number_atoms_total               969 
_refine_hist.d_res_high                       2.13 
_refine_hist.d_res_low                        35.47 
# 
loop_
_refine_ls_restr.type 
_refine_ls_restr.dev_ideal 
_refine_ls_restr.dev_ideal_target 
_refine_ls_restr.weight 
_refine_ls_restr.number 
_refine_ls_restr.pdbx_refine_id 
_refine_ls_restr.pdbx_restraint_function 
r_bond_refined_d             0.005  0.014  ? 1758 'X-RAY DIFFRACTION' ? 
r_bond_other_d               0.001  0.017  ? 1461 'X-RAY DIFFRACTION' ? 
r_angle_refined_deg          1.376  1.647  ? 1959 'X-RAY DIFFRACTION' ? 
r_angle_other_deg            1.116  1.601  ? 3366 'X-RAY DIFFRACTION' ? 
r_dihedral_angle_1_deg       7.541  5.000  ? 191  'X-RAY DIFFRACTION' ? 
r_dihedral_angle_2_deg       27.367 20.152 ? 66   'X-RAY DIFFRACTION' ? 
r_dihedral_angle_3_deg       18.115 15.000 ? 259  'X-RAY DIFFRACTION' ? 
r_dihedral_angle_4_deg       17.386 15.000 ? 13   'X-RAY DIFFRACTION' ? 
r_chiral_restr               0.058  0.200  ? 178  'X-RAY DIFFRACTION' ? 
r_gen_planes_refined         0.005  0.020  ? 1650 'X-RAY DIFFRACTION' ? 
r_gen_planes_other           0.002  0.020  ? 320  'X-RAY DIFFRACTION' ? 
r_nbd_refined                ?      ?      ? ?    'X-RAY DIFFRACTION' ? 
r_nbd_other                  ?      ?      ? ?    'X-RAY DIFFRACTION' ? 
r_nbtor_refined              ?      ?      ? ?    'X-RAY DIFFRACTION' ? 
r_nbtor_other                ?      ?      ? ?    'X-RAY DIFFRACTION' ? 
r_xyhbond_nbd_refined        ?      ?      ? ?    'X-RAY DIFFRACTION' ? 
r_xyhbond_nbd_other          ?      ?      ? ?    'X-RAY DIFFRACTION' ? 
r_metal_ion_refined          ?      ?      ? ?    'X-RAY DIFFRACTION' ? 
r_metal_ion_other            ?      ?      ? ?    'X-RAY DIFFRACTION' ? 
r_symmetry_vdw_refined       ?      ?      ? ?    'X-RAY DIFFRACTION' ? 
r_symmetry_vdw_other         ?      ?      ? ?    'X-RAY DIFFRACTION' ? 
r_symmetry_hbond_refined     ?      ?      ? ?    'X-RAY DIFFRACTION' ? 
r_symmetry_hbond_other       ?      ?      ? ?    'X-RAY DIFFRACTION' ? 
r_symmetry_metal_ion_refined ?      ?      ? ?    'X-RAY DIFFRACTION' ? 
r_symmetry_metal_ion_other   ?      ?      ? ?    'X-RAY DIFFRACTION' ? 
r_mcbond_it                  3.189  5.544  ? 876  'X-RAY DIFFRACTION' ? 
r_mcbond_other               3.196  5.566  ? 872  'X-RAY DIFFRACTION' ? 
r_mcangle_it                 5.436  8.241  ? 919  'X-RAY DIFFRACTION' ? 
r_mcangle_other              5.433  8.234  ? 920  'X-RAY DIFFRACTION' ? 
r_scbond_it                  3.202  5.979  ? 882  'X-RAY DIFFRACTION' ? 
r_scbond_other               3.201  5.973  ? 883  'X-RAY DIFFRACTION' ? 
r_scangle_it                 ?      ?      ? ?    'X-RAY DIFFRACTION' ? 
r_scangle_other              5.793  8.726  ? 1031 'X-RAY DIFFRACTION' ? 
r_long_range_B_refined       10.329 61.980 ? 1435 'X-RAY DIFFRACTION' ? 
r_long_range_B_other         10.325 61.944 ? 1436 'X-RAY DIFFRACTION' ? 
r_rigid_bond_restr           ?      ?      ? ?    'X-RAY DIFFRACTION' ? 
r_sphericity_free            ?      ?      ? ?    'X-RAY DIFFRACTION' ? 
r_sphericity_bonded          ?      ?      ? ?    'X-RAY DIFFRACTION' ? 
# 
_refine_ls_shell.pdbx_refine_id                   'X-RAY DIFFRACTION' 
_refine_ls_shell.pdbx_total_number_of_bins_used   20 
_refine_ls_shell.d_res_high                       2.130 
_refine_ls_shell.d_res_low                        2.185 
_refine_ls_shell.number_reflns_R_work             398 
_refine_ls_shell.R_factor_R_work                  0.381 
_refine_ls_shell.percent_reflns_obs               100.00 
_refine_ls_shell.R_factor_R_free                  0.415 
_refine_ls_shell.R_factor_R_free_error            ? 
_refine_ls_shell.percent_reflns_R_free            ? 
_refine_ls_shell.number_reflns_R_free             21 
_refine_ls_shell.number_reflns_all                ? 
_refine_ls_shell.R_factor_all                     ? 
# 
_struct.entry_id                  7IBC 
_struct.title                     
'PanDDA analysis group deposition -- SARS-CoV-2 Nsp1 in complex with fragment X15604 (well C08) from the KIT library' 
_struct.pdbx_CASP_flag            N 
_struct.pdbx_model_details        ? 
_struct.pdbx_model_type_details   ? 
# 
_struct_keywords.entry_id        7IBC 
_struct_keywords.pdbx_keywords   'VIRAL PROTEIN' 
_struct_keywords.text            'SARS-CoV-2, fragment screen, Nsp1, KIT library, VIRAL PROTEIN' 
# 
loop_
_struct_asym.id 
_struct_asym.pdbx_blank_PDB_chainid_flag 
_struct_asym.pdbx_modified 
_struct_asym.entity_id 
_struct_asym.details 
A N N 1 ? 
B N N 2 ? 
C N N 3 ? 
# 
_struct_ref.id                         1 
_struct_ref.db_name                    UNP 
_struct_ref.db_code                    R1AB_SARS2 
_struct_ref.pdbx_db_accession          P0DTD1 
_struct_ref.pdbx_db_isoform            ? 
_struct_ref.entity_id                  1 
_struct_ref.pdbx_seq_one_letter_code   
;EKTHVQLSLPVLQVRDVLVRGFGDSVEEVLSEARQHLKDGTCGLVEVEKGVLPQLEQPYVFIKRSDARTAPHGHVMVELV
AELEGIQYGRSGETLGVLVPHVGEIPVAYRKVLLRK
;
_struct_ref.pdbx_align_begin           10 
# 
_struct_ref_seq.align_id                      1 
_struct_ref_seq.ref_id                        1 
_struct_ref_seq.pdbx_PDB_id_code              7IBC 
_struct_ref_seq.pdbx_strand_id                A 
_struct_ref_seq.seq_align_beg                 1 
_struct_ref_seq.pdbx_seq_align_beg_ins_code   ? 
_struct_ref_seq.seq_align_end                 116 
_struct_ref_seq.pdbx_seq_align_end_ins_code   ? 
_struct_ref_seq.pdbx_db_accession             P0DTD1 
_struct_ref_seq.db_align_beg                  10 
_struct_ref_seq.pdbx_db_align_beg_ins_code    ? 
_struct_ref_seq.db_align_end                  125 
_struct_ref_seq.pdbx_db_align_end_ins_code    ? 
_struct_ref_seq.pdbx_auth_seq_align_beg       10 
_struct_ref_seq.pdbx_auth_seq_align_end       125 
# 
_pdbx_struct_assembly.id                   1 
_pdbx_struct_assembly.details              author_and_software_defined_assembly 
_pdbx_struct_assembly.method_details       PISA 
_pdbx_struct_assembly.oligomeric_details   monomeric 
_pdbx_struct_assembly.oligomeric_count     1 
# 
loop_
_pdbx_struct_assembly_prop.biol_id 
_pdbx_struct_assembly_prop.type 
_pdbx_struct_assembly_prop.value 
_pdbx_struct_assembly_prop.details 
1 'ABSA (A^2)' 410  ? 
1 MORE         -2   ? 
1 'SSA (A^2)'  6430 ? 
# 
_pdbx_struct_assembly_gen.assembly_id       1 
_pdbx_struct_assembly_gen.oper_expression   1 
_pdbx_struct_assembly_gen.asym_id_list      A,B,C 
# 
_pdbx_struct_oper_list.id                   1 
_pdbx_struct_oper_list.type                 'identity operation' 
_pdbx_struct_oper_list.name                 1_555 
_pdbx_struct_oper_list.symmetry_operation   x,y,z 
_pdbx_struct_oper_list.matrix[1][1]         1.0000000000 
_pdbx_struct_oper_list.matrix[1][2]         0.0000000000 
_pdbx_struct_oper_list.matrix[1][3]         0.0000000000 
_pdbx_struct_oper_list.vector[1]            0.0000000000 
_pdbx_struct_oper_list.matrix[2][1]         0.0000000000 
_pdbx_struct_oper_list.matrix[2][2]         1.0000000000 
_pdbx_struct_oper_list.matrix[2][3]         0.0000000000 
_pdbx_struct_oper_list.vector[2]            0.0000000000 
_pdbx_struct_oper_list.matrix[3][1]         0.0000000000 
_pdbx_struct_oper_list.matrix[3][2]         0.0000000000 
_pdbx_struct_oper_list.matrix[3][3]         1.0000000000 
_pdbx_struct_oper_list.vector[3]            0.0000000000 
# 
loop_
_struct_conf.conf_type_id 
_struct_conf.id 
_struct_conf.pdbx_PDB_helix_id 
_struct_conf.beg_label_comp_id 
_struct_conf.beg_label_asym_id 
_struct_conf.beg_label_seq_id 
_struct_conf.pdbx_beg_PDB_ins_code 
_struct_conf.end_label_comp_id 
_struct_conf.end_label_asym_id 
_struct_conf.end_label_seq_id 
_struct_conf.pdbx_end_PDB_ins_code 
_struct_conf.beg_auth_comp_id 
_struct_conf.beg_auth_asym_id 
_struct_conf.beg_auth_seq_id 
_struct_conf.end_auth_comp_id 
_struct_conf.end_auth_asym_id 
_struct_conf.end_auth_seq_id 
_struct_conf.pdbx_PDB_helix_class 
_struct_conf.details 
_struct_conf.pdbx_PDB_helix_length 
HELX_P HELX_P1 AA1 GLN A 13 ? VAL A 17 ? GLN A 22 VAL A 26 5 ? 5  
HELX_P HELX_P2 AA2 SER A 25 ? ASP A 39 ? SER A 34 ASP A 48 1 ? 15 
HELX_P HELX_P3 AA3 VAL A 51 ? LEU A 55 ? VAL A 60 LEU A 64 5 ? 5  
HELX_P HELX_P4 AA4 ALA A 70 ? HIS A 74 ? ALA A 79 HIS A 83 5 ? 5  
# 
_struct_conf_type.id          HELX_P 
_struct_conf_type.criteria    ? 
_struct_conf_type.reference   ? 
# 
_struct_mon_prot_cis.pdbx_id                1 
_struct_mon_prot_cis.label_comp_id          GLN 
_struct_mon_prot_cis.label_seq_id           57 
_struct_mon_prot_cis.label_asym_id          A 
_struct_mon_prot_cis.label_alt_id           . 
_struct_mon_prot_cis.pdbx_PDB_ins_code      ? 
_struct_mon_prot_cis.auth_comp_id           GLN 
_struct_mon_prot_cis.auth_seq_id            66 
_struct_mon_prot_cis.auth_asym_id           A 
_struct_mon_prot_cis.pdbx_label_comp_id_2   PRO 
_struct_mon_prot_cis.pdbx_label_seq_id_2    58 
_struct_mon_prot_cis.pdbx_label_asym_id_2   A 
_struct_mon_prot_cis.pdbx_PDB_ins_code_2    ? 
_struct_mon_prot_cis.pdbx_auth_comp_id_2    PRO 
_struct_mon_prot_cis.pdbx_auth_seq_id_2     67 
_struct_mon_prot_cis.pdbx_auth_asym_id_2    A 
_struct_mon_prot_cis.pdbx_PDB_model_num     1 
_struct_mon_prot_cis.pdbx_omega_angle       -5.92 
# 
_struct_sheet.id               AA1 
_struct_sheet.type             ? 
_struct_sheet.number_strands   8 
_struct_sheet.details          ? 
# 
loop_
_struct_sheet_order.sheet_id 
_struct_sheet_order.range_id_1 
_struct_sheet_order.range_id_2 
_struct_sheet_order.offset 
_struct_sheet_order.sense 
AA1 1 2 ? anti-parallel 
AA1 2 3 ? parallel      
AA1 3 4 ? anti-parallel 
AA1 4 5 ? parallel      
AA1 5 6 ? anti-parallel 
AA1 6 7 ? anti-parallel 
AA1 7 8 ? anti-parallel 
# 
loop_
_struct_sheet_range.sheet_id 
_struct_sheet_range.id 
_struct_sheet_range.beg_label_comp_id 
_struct_sheet_range.beg_label_asym_id 
_struct_sheet_range.beg_label_seq_id 
_struct_sheet_range.pdbx_beg_PDB_ins_code 
_struct_sheet_range.end_label_comp_id 
_struct_sheet_range.end_label_asym_id 
_struct_sheet_range.end_label_seq_id 
_struct_sheet_range.pdbx_end_PDB_ins_code 
_struct_sheet_range.beg_auth_comp_id 
_struct_sheet_range.beg_auth_asym_id 
_struct_sheet_range.beg_auth_seq_id 
_struct_sheet_range.end_auth_comp_id 
_struct_sheet_range.end_auth_asym_id 
_struct_sheet_range.end_auth_seq_id 
AA1 1 ILE A 86  ? TYR A 88  ? ILE A 95  TYR A 97  
AA1 2 VAL A 75  ? LEU A 83  ? VAL A 84  LEU A 92  
AA1 3 ALA A 108 ? ARG A 115 ? ALA A 117 ARG A 124 
AA1 4 HIS A 4   ? VAL A 11  ? HIS A 13  VAL A 20  
AA1 5 CYS A 42  ? VAL A 45  ? CYS A 51  VAL A 54  
AA1 6 THR A 94  ? PRO A 100 ? THR A 103 PRO A 109 
AA1 7 TYR A 59  ? ARG A 64  ? TYR A 68  ARG A 73  
AA1 8 VAL A 75  ? LEU A 83  ? VAL A 84  LEU A 92  
# 
loop_
_pdbx_struct_sheet_hbond.sheet_id 
_pdbx_struct_sheet_hbond.range_id_1 
_pdbx_struct_sheet_hbond.range_id_2 
_pdbx_struct_sheet_hbond.range_1_label_atom_id 
_pdbx_struct_sheet_hbond.range_1_label_comp_id 
_pdbx_struct_sheet_hbond.range_1_label_asym_id 
_pdbx_struct_sheet_hbond.range_1_label_seq_id 
_pdbx_struct_sheet_hbond.range_1_PDB_ins_code 
_pdbx_struct_sheet_hbond.range_1_auth_atom_id 
_pdbx_struct_sheet_hbond.range_1_auth_comp_id 
_pdbx_struct_sheet_hbond.range_1_auth_asym_id 
_pdbx_struct_sheet_hbond.range_1_auth_seq_id 
_pdbx_struct_sheet_hbond.range_2_label_atom_id 
_pdbx_struct_sheet_hbond.range_2_label_comp_id 
_pdbx_struct_sheet_hbond.range_2_label_asym_id 
_pdbx_struct_sheet_hbond.range_2_label_seq_id 
_pdbx_struct_sheet_hbond.range_2_PDB_ins_code 
_pdbx_struct_sheet_hbond.range_2_auth_atom_id 
_pdbx_struct_sheet_hbond.range_2_auth_comp_id 
_pdbx_struct_sheet_hbond.range_2_auth_asym_id 
_pdbx_struct_sheet_hbond.range_2_auth_seq_id 
AA1 1 2 O ILE A 86  ? O ILE A 95  N LEU A 83  ? N LEU A 92  
AA1 2 3 N VAL A 75  ? N VAL A 84  O LEU A 113 ? O LEU A 122 
AA1 3 4 O ALA A 108 ? O ALA A 117 N VAL A 11  ? N VAL A 20  
AA1 4 5 N PRO A 10  ? N PRO A 19  O LEU A 44  ? O LEU A 53  
AA1 5 6 N GLY A 43  ? N GLY A 52  O VAL A 99  ? O VAL A 108 
AA1 6 7 O LEU A 98  ? O LEU A 107 N VAL A 60  ? N VAL A 69  
AA1 7 8 N PHE A 61  ? N PHE A 70  O VAL A 80  ? O VAL A 89  
# 
_pdbx_entry_details.entry_id                   7IBC 
_pdbx_entry_details.has_ligand_of_interest     Y 
_pdbx_entry_details.compound_details           ? 
_pdbx_entry_details.source_details             ? 
_pdbx_entry_details.nonpolymer_details         ? 
_pdbx_entry_details.sequence_details           ? 
_pdbx_entry_details.has_protein_modification   N 
# 
_pdbx_validate_symm_contact.id                1 
_pdbx_validate_symm_contact.PDB_model_num     1 
_pdbx_validate_symm_contact.auth_atom_id_1    O 
_pdbx_validate_symm_contact.auth_asym_id_1    A 
_pdbx_validate_symm_contact.auth_comp_id_1    HOH 
_pdbx_validate_symm_contact.auth_seq_id_1     378 
_pdbx_validate_symm_contact.PDB_ins_code_1    ? 
_pdbx_validate_symm_contact.label_alt_id_1    ? 
_pdbx_validate_symm_contact.site_symmetry_1   1_555 
_pdbx_validate_symm_contact.auth_atom_id_2    O 
_pdbx_validate_symm_contact.auth_asym_id_2    A 
_pdbx_validate_symm_contact.auth_comp_id_2    HOH 
_pdbx_validate_symm_contact.auth_seq_id_2     378 
_pdbx_validate_symm_contact.PDB_ins_code_2    ? 
_pdbx_validate_symm_contact.label_alt_id_2    ? 
_pdbx_validate_symm_contact.site_symmetry_2   7_555 
_pdbx_validate_symm_contact.dist              2.19 
# 
loop_
_pdbx_validate_torsion.id 
_pdbx_validate_torsion.PDB_model_num 
_pdbx_validate_torsion.auth_comp_id 
_pdbx_validate_torsion.auth_asym_id 
_pdbx_validate_torsion.auth_seq_id 
_pdbx_validate_torsion.PDB_ins_code 
_pdbx_validate_torsion.label_alt_id 
_pdbx_validate_torsion.phi 
_pdbx_validate_torsion.psi 
1 1 LYS A 58 ? ? -33.39 117.03 
2 1 GLU A 93 ? ? 35.58  60.19  
# 
loop_
_pdbx_validate_polymer_linkage.id 
_pdbx_validate_polymer_linkage.PDB_model_num 
_pdbx_validate_polymer_linkage.auth_atom_id_1 
_pdbx_validate_polymer_linkage.auth_asym_id_1 
_pdbx_validate_polymer_linkage.auth_comp_id_1 
_pdbx_validate_polymer_linkage.auth_seq_id_1 
_pdbx_validate_polymer_linkage.PDB_ins_code_1 
_pdbx_validate_polymer_linkage.label_alt_id_1 
_pdbx_validate_polymer_linkage.auth_atom_id_2 
_pdbx_validate_polymer_linkage.auth_asym_id_2 
_pdbx_validate_polymer_linkage.auth_comp_id_2 
_pdbx_validate_polymer_linkage.auth_seq_id_2 
_pdbx_validate_polymer_linkage.PDB_ins_code_2 
_pdbx_validate_polymer_linkage.label_alt_id_2 
_pdbx_validate_polymer_linkage.dist 
1 1 C A LEU 46 ? C N A LYS 47 ? C 2.13 
2 1 C A LEU 46 ? D N A LYS 47 ? D 2.14 
3 1 C A LYS 47 ? C N A ASP 48 ? ? 1.83 
4 1 C A LYS 47 ? D N A ASP 48 ? ? 1.83 
# 
loop_
_pdbx_struct_special_symmetry.id 
_pdbx_struct_special_symmetry.PDB_model_num 
_pdbx_struct_special_symmetry.auth_asym_id 
_pdbx_struct_special_symmetry.auth_comp_id 
_pdbx_struct_special_symmetry.auth_seq_id 
_pdbx_struct_special_symmetry.PDB_ins_code 
_pdbx_struct_special_symmetry.label_asym_id 
_pdbx_struct_special_symmetry.label_comp_id 
_pdbx_struct_special_symmetry.label_seq_id 
1 1 A HOH 301 ? C HOH . 
2 1 A HOH 331 ? C HOH . 
# 
loop_
_pdbx_unobs_or_zero_occ_residues.id 
_pdbx_unobs_or_zero_occ_residues.PDB_model_num 
_pdbx_unobs_or_zero_occ_residues.polymer_flag 
_pdbx_unobs_or_zero_occ_residues.occupancy_flag 
_pdbx_unobs_or_zero_occ_residues.auth_asym_id 
_pdbx_unobs_or_zero_occ_residues.auth_comp_id 
_pdbx_unobs_or_zero_occ_residues.auth_seq_id 
_pdbx_unobs_or_zero_occ_residues.PDB_ins_code 
_pdbx_unobs_or_zero_occ_residues.label_asym_id 
_pdbx_unobs_or_zero_occ_residues.label_comp_id 
_pdbx_unobs_or_zero_occ_residues.label_seq_id 
1 1 Y 1 A GLU 10 ? A GLU 1  
2 1 Y 1 A ARG 77 ? A ARG 68 
3 1 Y 1 A THR 78 ? A THR 69 
# 
loop_
_chem_comp_atom.comp_id 
_chem_comp_atom.atom_id 
_chem_comp_atom.type_symbol 
_chem_comp_atom.pdbx_aromatic_flag 
_chem_comp_atom.pdbx_stereo_config 
_chem_comp_atom.pdbx_ordinal 
A1CS2 C13  C N N 1   
A1CS2 C15  C N N 2   
A1CS2 O01  O N N 3   
A1CS2 C02  C N N 4   
A1CS2 O03  O N N 5   
A1CS2 C04  C Y N 6   
A1CS2 C05  C Y N 7   
A1CS2 C06  C Y N 8   
A1CS2 C07  C Y N 9   
A1CS2 C08  C Y N 10  
A1CS2 C09  C Y N 11  
A1CS2 S10  S N N 12  
A1CS2 C11  C N N 13  
A1CS2 C12  C N N 14  
A1CS2 C14  C N N 15  
A1CS2 H1   H N N 16  
A1CS2 H2   H N N 17  
A1CS2 H3   H N N 18  
A1CS2 H4   H N N 19  
A1CS2 H5   H N N 20  
A1CS2 H6   H N N 21  
A1CS2 H7   H N N 22  
A1CS2 H8   H N N 23  
A1CS2 H9   H N N 24  
A1CS2 H10  H N N 25  
A1CS2 H11  H N N 26  
A1CS2 H12  H N N 27  
A1CS2 H13  H N N 28  
A1CS2 H14  H N N 29  
ALA   N    N N N 30  
ALA   CA   C N S 31  
ALA   C    C N N 32  
ALA   O    O N N 33  
ALA   CB   C N N 34  
ALA   OXT  O N N 35  
ALA   H    H N N 36  
ALA   H2   H N N 37  
ALA   HA   H N N 38  
ALA   HB1  H N N 39  
ALA   HB2  H N N 40  
ALA   HB3  H N N 41  
ALA   HXT  H N N 42  
ARG   N    N N N 43  
ARG   CA   C N S 44  
ARG   C    C N N 45  
ARG   O    O N N 46  
ARG   CB   C N N 47  
ARG   CG   C N N 48  
ARG   CD   C N N 49  
ARG   NE   N N N 50  
ARG   CZ   C N N 51  
ARG   NH1  N N N 52  
ARG   NH2  N N N 53  
ARG   OXT  O N N 54  
ARG   H    H N N 55  
ARG   H2   H N N 56  
ARG   HA   H N N 57  
ARG   HB2  H N N 58  
ARG   HB3  H N N 59  
ARG   HG2  H N N 60  
ARG   HG3  H N N 61  
ARG   HD2  H N N 62  
ARG   HD3  H N N 63  
ARG   HE   H N N 64  
ARG   HH11 H N N 65  
ARG   HH12 H N N 66  
ARG   HH21 H N N 67  
ARG   HH22 H N N 68  
ARG   HXT  H N N 69  
ASP   N    N N N 70  
ASP   CA   C N S 71  
ASP   C    C N N 72  
ASP   O    O N N 73  
ASP   CB   C N N 74  
ASP   CG   C N N 75  
ASP   OD1  O N N 76  
ASP   OD2  O N N 77  
ASP   OXT  O N N 78  
ASP   H    H N N 79  
ASP   H2   H N N 80  
ASP   HA   H N N 81  
ASP   HB2  H N N 82  
ASP   HB3  H N N 83  
ASP   HD2  H N N 84  
ASP   HXT  H N N 85  
CYS   N    N N N 86  
CYS   CA   C N R 87  
CYS   C    C N N 88  
CYS   O    O N N 89  
CYS   CB   C N N 90  
CYS   SG   S N N 91  
CYS   OXT  O N N 92  
CYS   H    H N N 93  
CYS   H2   H N N 94  
CYS   HA   H N N 95  
CYS   HB2  H N N 96  
CYS   HB3  H N N 97  
CYS   HG   H N N 98  
CYS   HXT  H N N 99  
GLN   N    N N N 100 
GLN   CA   C N S 101 
GLN   C    C N N 102 
GLN   O    O N N 103 
GLN   CB   C N N 104 
GLN   CG   C N N 105 
GLN   CD   C N N 106 
GLN   OE1  O N N 107 
GLN   NE2  N N N 108 
GLN   OXT  O N N 109 
GLN   H    H N N 110 
GLN   H2   H N N 111 
GLN   HA   H N N 112 
GLN   HB2  H N N 113 
GLN   HB3  H N N 114 
GLN   HG2  H N N 115 
GLN   HG3  H N N 116 
GLN   HE21 H N N 117 
GLN   HE22 H N N 118 
GLN   HXT  H N N 119 
GLU   N    N N N 120 
GLU   CA   C N S 121 
GLU   C    C N N 122 
GLU   O    O N N 123 
GLU   CB   C N N 124 
GLU   CG   C N N 125 
GLU   CD   C N N 126 
GLU   OE1  O N N 127 
GLU   OE2  O N N 128 
GLU   OXT  O N N 129 
GLU   H    H N N 130 
GLU   H2   H N N 131 
GLU   HA   H N N 132 
GLU   HB2  H N N 133 
GLU   HB3  H N N 134 
GLU   HG2  H N N 135 
GLU   HG3  H N N 136 
GLU   HE2  H N N 137 
GLU   HXT  H N N 138 
GLY   N    N N N 139 
GLY   CA   C N N 140 
GLY   C    C N N 141 
GLY   O    O N N 142 
GLY   OXT  O N N 143 
GLY   H    H N N 144 
GLY   H2   H N N 145 
GLY   HA2  H N N 146 
GLY   HA3  H N N 147 
GLY   HXT  H N N 148 
HIS   N    N N N 149 
HIS   CA   C N S 150 
HIS   C    C N N 151 
HIS   O    O N N 152 
HIS   CB   C N N 153 
HIS   CG   C Y N 154 
HIS   ND1  N Y N 155 
HIS   CD2  C Y N 156 
HIS   CE1  C Y N 157 
HIS   NE2  N Y N 158 
HIS   OXT  O N N 159 
HIS   H    H N N 160 
HIS   H2   H N N 161 
HIS   HA   H N N 162 
HIS   HB2  H N N 163 
HIS   HB3  H N N 164 
HIS   HD1  H N N 165 
HIS   HD2  H N N 166 
HIS   HE1  H N N 167 
HIS   HE2  H N N 168 
HIS   HXT  H N N 169 
HOH   O    O N N 170 
HOH   H1   H N N 171 
HOH   H2   H N N 172 
ILE   N    N N N 173 
ILE   CA   C N S 174 
ILE   C    C N N 175 
ILE   O    O N N 176 
ILE   CB   C N S 177 
ILE   CG1  C N N 178 
ILE   CG2  C N N 179 
ILE   CD1  C N N 180 
ILE   OXT  O N N 181 
ILE   H    H N N 182 
ILE   H2   H N N 183 
ILE   HA   H N N 184 
ILE   HB   H N N 185 
ILE   HG12 H N N 186 
ILE   HG13 H N N 187 
ILE   HG21 H N N 188 
ILE   HG22 H N N 189 
ILE   HG23 H N N 190 
ILE   HD11 H N N 191 
ILE   HD12 H N N 192 
ILE   HD13 H N N 193 
ILE   HXT  H N N 194 
LEU   N    N N N 195 
LEU   CA   C N S 196 
LEU   C    C N N 197 
LEU   O    O N N 198 
LEU   CB   C N N 199 
LEU   CG   C N N 200 
LEU   CD1  C N N 201 
LEU   CD2  C N N 202 
LEU   OXT  O N N 203 
LEU   H    H N N 204 
LEU   H2   H N N 205 
LEU   HA   H N N 206 
LEU   HB2  H N N 207 
LEU   HB3  H N N 208 
LEU   HG   H N N 209 
LEU   HD11 H N N 210 
LEU   HD12 H N N 211 
LEU   HD13 H N N 212 
LEU   HD21 H N N 213 
LEU   HD22 H N N 214 
LEU   HD23 H N N 215 
LEU   HXT  H N N 216 
LYS   N    N N N 217 
LYS   CA   C N S 218 
LYS   C    C N N 219 
LYS   O    O N N 220 
LYS   CB   C N N 221 
LYS   CG   C N N 222 
LYS   CD   C N N 223 
LYS   CE   C N N 224 
LYS   NZ   N N N 225 
LYS   OXT  O N N 226 
LYS   H    H N N 227 
LYS   H2   H N N 228 
LYS   HA   H N N 229 
LYS   HB2  H N N 230 
LYS   HB3  H N N 231 
LYS   HG2  H N N 232 
LYS   HG3  H N N 233 
LYS   HD2  H N N 234 
LYS   HD3  H N N 235 
LYS   HE2  H N N 236 
LYS   HE3  H N N 237 
LYS   HZ1  H N N 238 
LYS   HZ2  H N N 239 
LYS   HZ3  H N N 240 
LYS   HXT  H N N 241 
MET   N    N N N 242 
MET   CA   C N S 243 
MET   C    C N N 244 
MET   O    O N N 245 
MET   CB   C N N 246 
MET   CG   C N N 247 
MET   SD   S N N 248 
MET   CE   C N N 249 
MET   OXT  O N N 250 
MET   H    H N N 251 
MET   H2   H N N 252 
MET   HA   H N N 253 
MET   HB2  H N N 254 
MET   HB3  H N N 255 
MET   HG2  H N N 256 
MET   HG3  H N N 257 
MET   HE1  H N N 258 
MET   HE2  H N N 259 
MET   HE3  H N N 260 
MET   HXT  H N N 261 
PHE   N    N N N 262 
PHE   CA   C N S 263 
PHE   C    C N N 264 
PHE   O    O N N 265 
PHE   CB   C N N 266 
PHE   CG   C Y N 267 
PHE   CD1  C Y N 268 
PHE   CD2  C Y N 269 
PHE   CE1  C Y N 270 
PHE   CE2  C Y N 271 
PHE   CZ   C Y N 272 
PHE   OXT  O N N 273 
PHE   H    H N N 274 
PHE   H2   H N N 275 
PHE   HA   H N N 276 
PHE   HB2  H N N 277 
PHE   HB3  H N N 278 
PHE   HD1  H N N 279 
PHE   HD2  H N N 280 
PHE   HE1  H N N 281 
PHE   HE2  H N N 282 
PHE   HZ   H N N 283 
PHE   HXT  H N N 284 
PRO   N    N N N 285 
PRO   CA   C N S 286 
PRO   C    C N N 287 
PRO   O    O N N 288 
PRO   CB   C N N 289 
PRO   CG   C N N 290 
PRO   CD   C N N 291 
PRO   OXT  O N N 292 
PRO   H    H N N 293 
PRO   HA   H N N 294 
PRO   HB2  H N N 295 
PRO   HB3  H N N 296 
PRO   HG2  H N N 297 
PRO   HG3  H N N 298 
PRO   HD2  H N N 299 
PRO   HD3  H N N 300 
PRO   HXT  H N N 301 
SER   N    N N N 302 
SER   CA   C N S 303 
SER   C    C N N 304 
SER   O    O N N 305 
SER   CB   C N N 306 
SER   OG   O N N 307 
SER   OXT  O N N 308 
SER   H    H N N 309 
SER   H2   H N N 310 
SER   HA   H N N 311 
SER   HB2  H N N 312 
SER   HB3  H N N 313 
SER   HG   H N N 314 
SER   HXT  H N N 315 
THR   N    N N N 316 
THR   CA   C N S 317 
THR   C    C N N 318 
THR   O    O N N 319 
THR   CB   C N R 320 
THR   OG1  O N N 321 
THR   CG2  C N N 322 
THR   OXT  O N N 323 
THR   H    H N N 324 
THR   H2   H N N 325 
THR   HA   H N N 326 
THR   HB   H N N 327 
THR   HG1  H N N 328 
THR   HG21 H N N 329 
THR   HG22 H N N 330 
THR   HG23 H N N 331 
THR   HXT  H N N 332 
TYR   N    N N N 333 
TYR   CA   C N S 334 
TYR   C    C N N 335 
TYR   O    O N N 336 
TYR   CB   C N N 337 
TYR   CG   C Y N 338 
TYR   CD1  C Y N 339 
TYR   CD2  C Y N 340 
TYR   CE1  C Y N 341 
TYR   CE2  C Y N 342 
TYR   CZ   C Y N 343 
TYR   OH   O N N 344 
TYR   OXT  O N N 345 
TYR   H    H N N 346 
TYR   H2   H N N 347 
TYR   HA   H N N 348 
TYR   HB2  H N N 349 
TYR   HB3  H N N 350 
TYR   HD1  H N N 351 
TYR   HD2  H N N 352 
TYR   HE1  H N N 353 
TYR   HE2  H N N 354 
TYR   HH   H N N 355 
TYR   HXT  H N N 356 
VAL   N    N N N 357 
VAL   CA   C N S 358 
VAL   C    C N N 359 
VAL   O    O N N 360 
VAL   CB   C N N 361 
VAL   CG1  C N N 362 
VAL   CG2  C N N 363 
VAL   OXT  O N N 364 
VAL   H    H N N 365 
VAL   H2   H N N 366 
VAL   HA   H N N 367 
VAL   HB   H N N 368 
VAL   HG11 H N N 369 
VAL   HG12 H N N 370 
VAL   HG13 H N N 371 
VAL   HG21 H N N 372 
VAL   HG22 H N N 373 
VAL   HG23 H N N 374 
VAL   HXT  H N N 375 
# 
loop_
_chem_comp_bond.comp_id 
_chem_comp_bond.atom_id_1 
_chem_comp_bond.atom_id_2 
_chem_comp_bond.value_order 
_chem_comp_bond.pdbx_aromatic_flag 
_chem_comp_bond.pdbx_stereo_config 
_chem_comp_bond.pdbx_ordinal 
A1CS2 C13 C15  sing N N 1   
A1CS2 C13 C14  sing N N 2   
A1CS2 C15 C11  sing N N 3   
A1CS2 O01 C02  doub N N 4   
A1CS2 C02 O03  sing N N 5   
A1CS2 C02 C04  sing N N 6   
A1CS2 C04 C05  doub Y N 7   
A1CS2 C04 C09  sing Y N 8   
A1CS2 C05 C06  sing Y N 9   
A1CS2 C06 C07  doub Y N 10  
A1CS2 C07 C08  sing Y N 11  
A1CS2 C08 C09  doub Y N 12  
A1CS2 C09 S10  sing N N 13  
A1CS2 S10 C11  sing N N 14  
A1CS2 C11 C14  sing N N 15  
A1CS2 C11 C12  sing N N 16  
A1CS2 C13 H1   sing N N 17  
A1CS2 C13 H2   sing N N 18  
A1CS2 C15 H3   sing N N 19  
A1CS2 C15 H4   sing N N 20  
A1CS2 O03 H5   sing N N 21  
A1CS2 C05 H6   sing N N 22  
A1CS2 C06 H7   sing N N 23  
A1CS2 C07 H8   sing N N 24  
A1CS2 C08 H9   sing N N 25  
A1CS2 C12 H10  sing N N 26  
A1CS2 C12 H11  sing N N 27  
A1CS2 C12 H12  sing N N 28  
A1CS2 C14 H13  sing N N 29  
A1CS2 C14 H14  sing N N 30  
ALA   N   CA   sing N N 31  
ALA   N   H    sing N N 32  
ALA   N   H2   sing N N 33  
ALA   CA  C    sing N N 34  
ALA   CA  CB   sing N N 35  
ALA   CA  HA   sing N N 36  
ALA   C   O    doub N N 37  
ALA   C   OXT  sing N N 38  
ALA   CB  HB1  sing N N 39  
ALA   CB  HB2  sing N N 40  
ALA   CB  HB3  sing N N 41  
ALA   OXT HXT  sing N N 42  
ARG   N   CA   sing N N 43  
ARG   N   H    sing N N 44  
ARG   N   H2   sing N N 45  
ARG   CA  C    sing N N 46  
ARG   CA  CB   sing N N 47  
ARG   CA  HA   sing N N 48  
ARG   C   O    doub N N 49  
ARG   C   OXT  sing N N 50  
ARG   CB  CG   sing N N 51  
ARG   CB  HB2  sing N N 52  
ARG   CB  HB3  sing N N 53  
ARG   CG  CD   sing N N 54  
ARG   CG  HG2  sing N N 55  
ARG   CG  HG3  sing N N 56  
ARG   CD  NE   sing N N 57  
ARG   CD  HD2  sing N N 58  
ARG   CD  HD3  sing N N 59  
ARG   NE  CZ   sing N N 60  
ARG   NE  HE   sing N N 61  
ARG   CZ  NH1  sing N N 62  
ARG   CZ  NH2  doub N N 63  
ARG   NH1 HH11 sing N N 64  
ARG   NH1 HH12 sing N N 65  
ARG   NH2 HH21 sing N N 66  
ARG   NH2 HH22 sing N N 67  
ARG   OXT HXT  sing N N 68  
ASP   N   CA   sing N N 69  
ASP   N   H    sing N N 70  
ASP   N   H2   sing N N 71  
ASP   CA  C    sing N N 72  
ASP   CA  CB   sing N N 73  
ASP   CA  HA   sing N N 74  
ASP   C   O    doub N N 75  
ASP   C   OXT  sing N N 76  
ASP   CB  CG   sing N N 77  
ASP   CB  HB2  sing N N 78  
ASP   CB  HB3  sing N N 79  
ASP   CG  OD1  doub N N 80  
ASP   CG  OD2  sing N N 81  
ASP   OD2 HD2  sing N N 82  
ASP   OXT HXT  sing N N 83  
CYS   N   CA   sing N N 84  
CYS   N   H    sing N N 85  
CYS   N   H2   sing N N 86  
CYS   CA  C    sing N N 87  
CYS   CA  CB   sing N N 88  
CYS   CA  HA   sing N N 89  
CYS   C   O    doub N N 90  
CYS   C   OXT  sing N N 91  
CYS   CB  SG   sing N N 92  
CYS   CB  HB2  sing N N 93  
CYS   CB  HB3  sing N N 94  
CYS   SG  HG   sing N N 95  
CYS   OXT HXT  sing N N 96  
GLN   N   CA   sing N N 97  
GLN   N   H    sing N N 98  
GLN   N   H2   sing N N 99  
GLN   CA  C    sing N N 100 
GLN   CA  CB   sing N N 101 
GLN   CA  HA   sing N N 102 
GLN   C   O    doub N N 103 
GLN   C   OXT  sing N N 104 
GLN   CB  CG   sing N N 105 
GLN   CB  HB2  sing N N 106 
GLN   CB  HB3  sing N N 107 
GLN   CG  CD   sing N N 108 
GLN   CG  HG2  sing N N 109 
GLN   CG  HG3  sing N N 110 
GLN   CD  OE1  doub N N 111 
GLN   CD  NE2  sing N N 112 
GLN   NE2 HE21 sing N N 113 
GLN   NE2 HE22 sing N N 114 
GLN   OXT HXT  sing N N 115 
GLU   N   CA   sing N N 116 
GLU   N   H    sing N N 117 
GLU   N   H2   sing N N 118 
GLU   CA  C    sing N N 119 
GLU   CA  CB   sing N N 120 
GLU   CA  HA   sing N N 121 
GLU   C   O    doub N N 122 
GLU   C   OXT  sing N N 123 
GLU   CB  CG   sing N N 124 
GLU   CB  HB2  sing N N 125 
GLU   CB  HB3  sing N N 126 
GLU   CG  CD   sing N N 127 
GLU   CG  HG2  sing N N 128 
GLU   CG  HG3  sing N N 129 
GLU   CD  OE1  doub N N 130 
GLU   CD  OE2  sing N N 131 
GLU   OE2 HE2  sing N N 132 
GLU   OXT HXT  sing N N 133 
GLY   N   CA   sing N N 134 
GLY   N   H    sing N N 135 
GLY   N   H2   sing N N 136 
GLY   CA  C    sing N N 137 
GLY   CA  HA2  sing N N 138 
GLY   CA  HA3  sing N N 139 
GLY   C   O    doub N N 140 
GLY   C   OXT  sing N N 141 
GLY   OXT HXT  sing N N 142 
HIS   N   CA   sing N N 143 
HIS   N   H    sing N N 144 
HIS   N   H2   sing N N 145 
HIS   CA  C    sing N N 146 
HIS   CA  CB   sing N N 147 
HIS   CA  HA   sing N N 148 
HIS   C   O    doub N N 149 
HIS   C   OXT  sing N N 150 
HIS   CB  CG   sing N N 151 
HIS   CB  HB2  sing N N 152 
HIS   CB  HB3  sing N N 153 
HIS   CG  ND1  sing Y N 154 
HIS   CG  CD2  doub Y N 155 
HIS   ND1 CE1  doub Y N 156 
HIS   ND1 HD1  sing N N 157 
HIS   CD2 NE2  sing Y N 158 
HIS   CD2 HD2  sing N N 159 
HIS   CE1 NE2  sing Y N 160 
HIS   CE1 HE1  sing N N 161 
HIS   NE2 HE2  sing N N 162 
HIS   OXT HXT  sing N N 163 
HOH   O   H1   sing N N 164 
HOH   O   H2   sing N N 165 
ILE   N   CA   sing N N 166 
ILE   N   H    sing N N 167 
ILE   N   H2   sing N N 168 
ILE   CA  C    sing N N 169 
ILE   CA  CB   sing N N 170 
ILE   CA  HA   sing N N 171 
ILE   C   O    doub N N 172 
ILE   C   OXT  sing N N 173 
ILE   CB  CG1  sing N N 174 
ILE   CB  CG2  sing N N 175 
ILE   CB  HB   sing N N 176 
ILE   CG1 CD1  sing N N 177 
ILE   CG1 HG12 sing N N 178 
ILE   CG1 HG13 sing N N 179 
ILE   CG2 HG21 sing N N 180 
ILE   CG2 HG22 sing N N 181 
ILE   CG2 HG23 sing N N 182 
ILE   CD1 HD11 sing N N 183 
ILE   CD1 HD12 sing N N 184 
ILE   CD1 HD13 sing N N 185 
ILE   OXT HXT  sing N N 186 
LEU   N   CA   sing N N 187 
LEU   N   H    sing N N 188 
LEU   N   H2   sing N N 189 
LEU   CA  C    sing N N 190 
LEU   CA  CB   sing N N 191 
LEU   CA  HA   sing N N 192 
LEU   C   O    doub N N 193 
LEU   C   OXT  sing N N 194 
LEU   CB  CG   sing N N 195 
LEU   CB  HB2  sing N N 196 
LEU   CB  HB3  sing N N 197 
LEU   CG  CD1  sing N N 198 
LEU   CG  CD2  sing N N 199 
LEU   CG  HG   sing N N 200 
LEU   CD1 HD11 sing N N 201 
LEU   CD1 HD12 sing N N 202 
LEU   CD1 HD13 sing N N 203 
LEU   CD2 HD21 sing N N 204 
LEU   CD2 HD22 sing N N 205 
LEU   CD2 HD23 sing N N 206 
LEU   OXT HXT  sing N N 207 
LYS   N   CA   sing N N 208 
LYS   N   H    sing N N 209 
LYS   N   H2   sing N N 210 
LYS   CA  C    sing N N 211 
LYS   CA  CB   sing N N 212 
LYS   CA  HA   sing N N 213 
LYS   C   O    doub N N 214 
LYS   C   OXT  sing N N 215 
LYS   CB  CG   sing N N 216 
LYS   CB  HB2  sing N N 217 
LYS   CB  HB3  sing N N 218 
LYS   CG  CD   sing N N 219 
LYS   CG  HG2  sing N N 220 
LYS   CG  HG3  sing N N 221 
LYS   CD  CE   sing N N 222 
LYS   CD  HD2  sing N N 223 
LYS   CD  HD3  sing N N 224 
LYS   CE  NZ   sing N N 225 
LYS   CE  HE2  sing N N 226 
LYS   CE  HE3  sing N N 227 
LYS   NZ  HZ1  sing N N 228 
LYS   NZ  HZ2  sing N N 229 
LYS   NZ  HZ3  sing N N 230 
LYS   OXT HXT  sing N N 231 
MET   N   CA   sing N N 232 
MET   N   H    sing N N 233 
MET   N   H2   sing N N 234 
MET   CA  C    sing N N 235 
MET   CA  CB   sing N N 236 
MET   CA  HA   sing N N 237 
MET   C   O    doub N N 238 
MET   C   OXT  sing N N 239 
MET   CB  CG   sing N N 240 
MET   CB  HB2  sing N N 241 
MET   CB  HB3  sing N N 242 
MET   CG  SD   sing N N 243 
MET   CG  HG2  sing N N 244 
MET   CG  HG3  sing N N 245 
MET   SD  CE   sing N N 246 
MET   CE  HE1  sing N N 247 
MET   CE  HE2  sing N N 248 
MET   CE  HE3  sing N N 249 
MET   OXT HXT  sing N N 250 
PHE   N   CA   sing N N 251 
PHE   N   H    sing N N 252 
PHE   N   H2   sing N N 253 
PHE   CA  C    sing N N 254 
PHE   CA  CB   sing N N 255 
PHE   CA  HA   sing N N 256 
PHE   C   O    doub N N 257 
PHE   C   OXT  sing N N 258 
PHE   CB  CG   sing N N 259 
PHE   CB  HB2  sing N N 260 
PHE   CB  HB3  sing N N 261 
PHE   CG  CD1  doub Y N 262 
PHE   CG  CD2  sing Y N 263 
PHE   CD1 CE1  sing Y N 264 
PHE   CD1 HD1  sing N N 265 
PHE   CD2 CE2  doub Y N 266 
PHE   CD2 HD2  sing N N 267 
PHE   CE1 CZ   doub Y N 268 
PHE   CE1 HE1  sing N N 269 
PHE   CE2 CZ   sing Y N 270 
PHE   CE2 HE2  sing N N 271 
PHE   CZ  HZ   sing N N 272 
PHE   OXT HXT  sing N N 273 
PRO   N   CA   sing N N 274 
PRO   N   CD   sing N N 275 
PRO   N   H    sing N N 276 
PRO   CA  C    sing N N 277 
PRO   CA  CB   sing N N 278 
PRO   CA  HA   sing N N 279 
PRO   C   O    doub N N 280 
PRO   C   OXT  sing N N 281 
PRO   CB  CG   sing N N 282 
PRO   CB  HB2  sing N N 283 
PRO   CB  HB3  sing N N 284 
PRO   CG  CD   sing N N 285 
PRO   CG  HG2  sing N N 286 
PRO   CG  HG3  sing N N 287 
PRO   CD  HD2  sing N N 288 
PRO   CD  HD3  sing N N 289 
PRO   OXT HXT  sing N N 290 
SER   N   CA   sing N N 291 
SER   N   H    sing N N 292 
SER   N   H2   sing N N 293 
SER   CA  C    sing N N 294 
SER   CA  CB   sing N N 295 
SER   CA  HA   sing N N 296 
SER   C   O    doub N N 297 
SER   C   OXT  sing N N 298 
SER   CB  OG   sing N N 299 
SER   CB  HB2  sing N N 300 
SER   CB  HB3  sing N N 301 
SER   OG  HG   sing N N 302 
SER   OXT HXT  sing N N 303 
THR   N   CA   sing N N 304 
THR   N   H    sing N N 305 
THR   N   H2   sing N N 306 
THR   CA  C    sing N N 307 
THR   CA  CB   sing N N 308 
THR   CA  HA   sing N N 309 
THR   C   O    doub N N 310 
THR   C   OXT  sing N N 311 
THR   CB  OG1  sing N N 312 
THR   CB  CG2  sing N N 313 
THR   CB  HB   sing N N 314 
THR   OG1 HG1  sing N N 315 
THR   CG2 HG21 sing N N 316 
THR   CG2 HG22 sing N N 317 
THR   CG2 HG23 sing N N 318 
THR   OXT HXT  sing N N 319 
TYR   N   CA   sing N N 320 
TYR   N   H    sing N N 321 
TYR   N   H2   sing N N 322 
TYR   CA  C    sing N N 323 
TYR   CA  CB   sing N N 324 
TYR   CA  HA   sing N N 325 
TYR   C   O    doub N N 326 
TYR   C   OXT  sing N N 327 
TYR   CB  CG   sing N N 328 
TYR   CB  HB2  sing N N 329 
TYR   CB  HB3  sing N N 330 
TYR   CG  CD1  doub Y N 331 
TYR   CG  CD2  sing Y N 332 
TYR   CD1 CE1  sing Y N 333 
TYR   CD1 HD1  sing N N 334 
TYR   CD2 CE2  doub Y N 335 
TYR   CD2 HD2  sing N N 336 
TYR   CE1 CZ   doub Y N 337 
TYR   CE1 HE1  sing N N 338 
TYR   CE2 CZ   sing Y N 339 
TYR   CE2 HE2  sing N N 340 
TYR   CZ  OH   sing N N 341 
TYR   OH  HH   sing N N 342 
TYR   OXT HXT  sing N N 343 
VAL   N   CA   sing N N 344 
VAL   N   H    sing N N 345 
VAL   N   H2   sing N N 346 
VAL   CA  C    sing N N 347 
VAL   CA  CB   sing N N 348 
VAL   CA  HA   sing N N 349 
VAL   C   O    doub N N 350 
VAL   C   OXT  sing N N 351 
VAL   CB  CG1  sing N N 352 
VAL   CB  CG2  sing N N 353 
VAL   CB  HB   sing N N 354 
VAL   CG1 HG11 sing N N 355 
VAL   CG1 HG12 sing N N 356 
VAL   CG1 HG13 sing N N 357 
VAL   CG2 HG21 sing N N 358 
VAL   CG2 HG22 sing N N 359 
VAL   CG2 HG23 sing N N 360 
VAL   OXT HXT  sing N N 361 
# 
_pdbx_audit_support.ordinal                1 
_pdbx_audit_support.funding_organization   'Helmholtz Association' 
_pdbx_audit_support.country                Germany 
# 
_pdbx_deposit_group.group_id            G_1002337 
_pdbx_deposit_group.group_title         
'PanDDA analysis group deposition of SARS-CoV-2 Nsp1 soaked with fragments from the KIT library' 
_pdbx_deposit_group.group_description   
;SARS-CoV-2 Nsp1 soaked with Fragments from the KIT library. Includes refined models for hit compounds with ligands placed into the PanDDA event-map, which is the primary evidence for ligand placement. The event-, average and Z-maps and the 2Fo-Fc and Fo-Fc maps are included in the mmcif file. 2Fo-Fc and Fo-Fc maps are not useful to consider as evidence for ligand placement.
;
_pdbx_deposit_group.group_type          'changed state' 
# 
_pdbx_initial_refinement_model.id               1 
_pdbx_initial_refinement_model.type             'experimental model' 
_pdbx_initial_refinement_model.accession_code   7EQ4 
_pdbx_initial_refinement_model.source_name      PDB 
# 
_atom_sites.entry_id                    7IBC 
_atom_sites.fract_transf_matrix[1][1]   -0.01355992 
_atom_sites.fract_transf_matrix[1][2]   0.00615439 
_atom_sites.fract_transf_matrix[1][3]   0.02289893 
_atom_sites.fract_transf_matrix[2][1]   -0.00681073 
_atom_sites.fract_transf_matrix[2][2]   -0.02627822 
_atom_sites.fract_transf_matrix[2][3]   0.00302955 
_atom_sites.fract_transf_matrix[3][1]   0.00580302 
_atom_sites.fract_transf_matrix[3][2]   -0.00107455 
_atom_sites.fract_transf_matrix[3][3]   0.00372514 
_atom_sites.fract_transf_vector[1]      0.189586 
_atom_sites.fract_transf_vector[2]      -0.422177 
_atom_sites.fract_transf_vector[3]      0.050483 
# 
loop_
_atom_type.symbol 
C 
N 
O 
S 
# 
loop_
_atom_site.group_PDB 
_atom_site.id 
_atom_site.type_symbol 
_atom_site.label_atom_id 
_atom_site.label_alt_id 
_atom_site.label_comp_id 
_atom_site.label_asym_id 
_atom_site.label_entity_id 
_atom_site.label_seq_id 
_atom_site.pdbx_PDB_ins_code 
_atom_site.Cartn_x 
_atom_site.Cartn_y 
_atom_site.Cartn_z 
_atom_site.occupancy 
_atom_site.B_iso_or_equiv 
_atom_site.pdbx_formal_charge 
_atom_site.auth_seq_id 
_atom_site.auth_comp_id 
_atom_site.auth_asym_id 
_atom_site.auth_atom_id 
_atom_site.pdbx_PDB_model_num 
ATOM   1    N N   A LYS   A 1 2   ? -15.422 -4.854  6.494   0.38 67.96  ?  11  LYS   A N   1 
ATOM   2    N N   B LYS   A 1 2   ? -15.420 -4.853  6.494   0.35 68.10  ?  11  LYS   A N   1 
ATOM   3    N N   C LYS   A 1 2   ? -16.479 -4.291  6.481   0.14 64.64  ?  11  LYS   A N   1 
ATOM   4    N N   D LYS   A 1 2   ? -16.479 -4.291  6.481   0.13 64.77  ?  11  LYS   A N   1 
ATOM   5    C CA  A LYS   A 1 2   ? -15.141 -5.340  5.108   0.38 70.45  ?  11  LYS   A CA  1 
ATOM   6    C CA  B LYS   A 1 2   ? -15.141 -5.339  5.107   0.35 70.45  ?  11  LYS   A CA  1 
ATOM   7    C CA  C LYS   A 1 2   ? -15.966 -4.896  5.212   0.14 65.77  ?  11  LYS   A CA  1 
ATOM   8    C CA  D LYS   A 1 2   ? -15.966 -4.896  5.212   0.13 65.81  ?  11  LYS   A CA  1 
ATOM   9    C C   A LYS   A 1 2   ? -13.734 -5.948  5.037   0.38 66.31  ?  11  LYS   A C   1 
ATOM   10   C C   B LYS   A 1 2   ? -13.733 -5.947  5.035   0.35 66.37  ?  11  LYS   A C   1 
ATOM   11   C C   C LYS   A 1 2   ? -14.613 -5.571  5.460   0.14 63.99  ?  11  LYS   A C   1 
ATOM   12   C C   D LYS   A 1 2   ? -14.613 -5.573  5.460   0.13 64.07  ?  11  LYS   A C   1 
ATOM   13   O O   A LYS   A 1 2   ? -12.808 -5.355  5.618   0.38 68.58  ?  11  LYS   A O   1 
ATOM   14   O O   B LYS   A 1 2   ? -12.806 -5.353  5.616   0.35 68.51  ?  11  LYS   A O   1 
ATOM   15   O O   C LYS   A 1 2   ? -13.974 -5.254  6.480   0.14 61.81  ?  11  LYS   A O   1 
ATOM   16   O O   D LYS   A 1 2   ? -13.975 -5.258  6.482   0.13 62.00  ?  11  LYS   A O   1 
ATOM   17   C CB  A LYS   A 1 2   ? -15.250 -4.195  4.095   0.38 75.73  ?  11  LYS   A CB  1 
ATOM   18   C CB  B LYS   A 1 2   ? -15.250 -4.195  4.094   0.35 75.62  ?  11  LYS   A CB  1 
ATOM   19   C CB  C LYS   A 1 2   ? -15.822 -3.832  4.120   0.14 68.20  ?  11  LYS   A CB  1 
ATOM   20   C CB  D LYS   A 1 2   ? -15.821 -3.832  4.121   0.13 68.15  ?  11  LYS   A CB  1 
ATOM   21   C CG  A LYS   A 1 2   ? -16.645 -3.616  3.901   0.38 79.73  ?  11  LYS   A CG  1 
ATOM   22   C CG  B LYS   A 1 2   ? -16.645 -3.616  3.901   0.35 79.56  ?  11  LYS   A CG  1 
ATOM   23   C CG  C LYS   A 1 2   ? -17.137 -3.302  3.573   0.14 70.42  ?  11  LYS   A CG  1 
ATOM   24   C CG  D LYS   A 1 2   ? -17.135 -3.302  3.572   0.13 70.28  ?  11  LYS   A CG  1 
ATOM   25   C CD  A LYS   A 1 2   ? -16.802 -2.876  2.583   0.38 83.55  ?  11  LYS   A CD  1 
ATOM   26   C CD  B LYS   A 1 2   ? -16.802 -2.876  2.583   0.35 83.28  ?  11  LYS   A CD  1 
ATOM   27   C CD  C LYS   A 1 2   ? -17.197 -3.330  2.067   0.14 71.27  ?  11  LYS   A CD  1 
ATOM   28   C CD  D LYS   A 1 2   ? -17.196 -3.330  2.067   0.13 71.15  ?  11  LYS   A CD  1 
ATOM   29   C CE  A LYS   A 1 2   ? -18.212 -2.384  2.324   0.38 83.48  ?  11  LYS   A CE  1 
ATOM   30   C CE  B LYS   A 1 2   ? -18.212 -2.384  2.324   0.35 83.33  ?  11  LYS   A CE  1 
ATOM   31   C CE  C LYS   A 1 2   ? -18.513 -2.812  1.540   0.14 71.39  ?  11  LYS   A CE  1 
ATOM   32   C CE  D LYS   A 1 2   ? -18.513 -2.812  1.540   0.13 71.32  ?  11  LYS   A CE  1 
ATOM   33   N NZ  A LYS   A 1 2   ? -19.155 -3.502  2.084   0.38 84.92  ?  11  LYS   A NZ  1 
ATOM   34   N NZ  B LYS   A 1 2   ? -19.154 -3.502  2.083   0.35 84.74  ?  11  LYS   A NZ  1 
ATOM   35   N NZ  C LYS   A 1 2   ? -19.433 -3.927  1.228   0.14 72.41  1  11  LYS   A NZ  1 
ATOM   36   N NZ  D LYS   A 1 2   ? -19.432 -3.928  1.228   0.13 72.28  1  11  LYS   A NZ  1 
ATOM   37   N N   A THR   A 1 3   ? -13.580 -7.066  4.318   0.38 60.32  ?  12  THR   A N   1 
ATOM   38   N N   B THR   A 1 3   ? -13.579 -7.066  4.319   0.35 60.53  ?  12  THR   A N   1 
ATOM   39   N N   C THR   A 1 3   ? -14.209 -6.466  4.550   0.14 63.03  ?  12  THR   A N   1 
ATOM   40   N N   D THR   A 1 3   ? -14.208 -6.467  4.551   0.13 63.12  ?  12  THR   A N   1 
ATOM   41   C CA  A THR   A 1 3   ? -12.281 -7.762  4.102   0.38 60.12  ?  12  THR   A CA  1 
ATOM   42   C CA  B THR   A 1 3   ? -12.281 -7.763  4.102   0.35 60.22  ?  12  THR   A CA  1 
ATOM   43   C CA  C THR   A 1 3   ? -12.921 -7.214  4.580   0.14 62.65  ?  12  THR   A CA  1 
ATOM   44   C CA  D THR   A 1 3   ? -12.921 -7.214  4.581   0.13 62.78  ?  12  THR   A CA  1 
ATOM   45   C C   A THR   A 1 3   ? -11.431 -6.974  3.102   0.38 59.24  ?  12  THR   A C   1 
ATOM   46   C C   B THR   A 1 3   ? -11.431 -6.977  3.102   0.35 59.36  ?  12  THR   A C   1 
ATOM   47   C C   C THR   A 1 3   ? -12.082 -6.875  3.339   0.14 62.97  ?  12  THR   A C   1 
ATOM   48   C C   D THR   A 1 3   ? -12.080 -6.874  3.341   0.13 63.08  ?  12  THR   A C   1 
ATOM   49   O O   A THR   A 1 3   ? -10.192 -7.056  3.194   0.38 60.38  ?  12  THR   A O   1 
ATOM   50   O O   B THR   A 1 3   ? -10.192 -7.062  3.192   0.35 60.42  ?  12  THR   A O   1 
ATOM   51   O O   C THR   A 1 3   ? -10.938 -7.361  3.260   0.14 64.59  ?  12  THR   A O   1 
ATOM   52   O O   D THR   A 1 3   ? -10.935 -7.359  3.263   0.13 64.56  ?  12  THR   A O   1 
ATOM   53   C CB  A THR   A 1 3   ? -12.442 -9.202  3.587   0.38 60.65  ?  12  THR   A CB  1 
ATOM   54   C CB  B THR   A 1 3   ? -12.442 -9.203  3.588   0.35 60.64  ?  12  THR   A CB  1 
ATOM   55   C CB  C THR   A 1 3   ? -13.165 -8.725  4.705   0.14 62.60  ?  12  THR   A CB  1 
ATOM   56   C CB  D THR   A 1 3   ? -13.163 -8.724  4.705   0.13 62.70  ?  12  THR   A CB  1 
ATOM   57   O OG1 A THR   A 1 3   ? -12.956 -9.192  2.250   0.38 58.60  ?  12  THR   A OG1 1 
ATOM   58   O OG1 B THR   A 1 3   ? -12.958 -9.191  2.252   0.35 58.70  ?  12  THR   A OG1 1 
ATOM   59   O OG1 C THR   A 1 3   ? -13.392 -9.278  3.407   0.14 65.12  ?  12  THR   A OG1 1 
ATOM   60   O OG1 D THR   A 1 3   ? -13.389 -9.278  3.407   0.13 65.00  ?  12  THR   A OG1 1 
ATOM   61   C CG2 A THR   A 1 3   ? -13.313 -10.045 4.492   0.38 58.59  ?  12  THR   A CG2 1 
ATOM   62   C CG2 B THR   A 1 3   ? -13.314 -10.045 4.493   0.35 58.69  ?  12  THR   A CG2 1 
ATOM   63   C CG2 C THR   A 1 3   ? -14.337 -9.054  5.600   0.14 62.10  ?  12  THR   A CG2 1 
ATOM   64   C CG2 D THR   A 1 3   ? -14.337 -9.054  5.599   0.13 62.22  ?  12  THR   A CG2 1 
ATOM   65   N N   A HIS   A 1 4   ? -12.070 -6.278  2.162   0.38 59.96  ?  13  HIS   A N   1 
ATOM   66   N N   B HIS   A 1 4   ? -12.069 -6.278  2.163   0.35 60.06  ?  13  HIS   A N   1 
ATOM   67   N N   C HIS   A 1 4   ? -12.630 -6.080  2.413   0.14 64.27  ?  13  HIS   A N   1 
ATOM   68   N N   D HIS   A 1 4   ? -12.627 -6.081  2.413   0.13 64.32  ?  13  HIS   A N   1 
ATOM   69   C CA  A HIS   A 1 4   ? -11.387 -5.454  1.134   0.38 61.23  ?  13  HIS   A CA  1 
ATOM   70   C CA  B HIS   A 1 4   ? -11.386 -5.454  1.134   0.35 61.29  ?  13  HIS   A CA  1 
ATOM   71   C CA  C HIS   A 1 4   ? -11.927 -5.528  1.223   0.14 65.29  ?  13  HIS   A CA  1 
ATOM   72   C CA  D HIS   A 1 4   ? -11.926 -5.528  1.223   0.13 65.30  ?  13  HIS   A CA  1 
ATOM   73   C C   A HIS   A 1 4   ? -11.866 -4.006  1.243   0.38 60.27  ?  13  HIS   A C   1 
ATOM   74   C C   B HIS   A 1 4   ? -11.866 -4.006  1.244   0.35 60.33  ?  13  HIS   A C   1 
ATOM   75   C C   C HIS   A 1 4   ? -12.254 -4.035  1.110   0.14 64.06  ?  13  HIS   A C   1 
ATOM   76   C C   D HIS   A 1 4   ? -12.253 -4.035  1.112   0.13 64.07  ?  13  HIS   A C   1 
ATOM   77   O O   A HIS   A 1 4   ? -13.037 -3.794  1.614   0.38 59.74  ?  13  HIS   A O   1 
ATOM   78   O O   B HIS   A 1 4   ? -13.036 -3.794  1.618   0.35 59.81  ?  13  HIS   A O   1 
ATOM   79   O O   C HIS   A 1 4   ? -13.432 -3.676  1.319   0.14 64.73  ?  13  HIS   A O   1 
ATOM   80   O O   D HIS   A 1 4   ? -13.431 -3.676  1.323   0.13 64.69  ?  13  HIS   A O   1 
ATOM   81   C CB  A HIS   A 1 4   ? -11.587 -6.062  -0.260  0.38 64.60  ?  13  HIS   A CB  1 
ATOM   82   C CB  B HIS   A 1 4   ? -11.587 -6.062  -0.259  0.35 64.54  ?  13  HIS   A CB  1 
ATOM   83   C CB  C HIS   A 1 4   ? -12.294 -6.327  -0.037  0.14 67.85  ?  13  HIS   A CB  1 
ATOM   84   C CB  D HIS   A 1 4   ? -12.293 -6.326  -0.037  0.13 67.76  ?  13  HIS   A CB  1 
ATOM   85   C CG  A HIS   A 1 4   ? -10.634 -7.171  -0.556  0.38 66.82  ?  13  HIS   A CG  1 
ATOM   86   C CG  B HIS   A 1 4   ? -10.635 -7.171  -0.556  0.35 66.71  ?  13  HIS   A CG  1 
ATOM   87   C CG  C HIS   A 1 4   ? -11.194 -7.207  -0.532  0.14 69.46  ?  13  HIS   A CG  1 
ATOM   88   C CG  D HIS   A 1 4   ? -11.194 -7.207  -0.532  0.13 69.36  ?  13  HIS   A CG  1 
ATOM   89   N ND1 A HIS   A 1 4   ? -10.839 -8.458  -0.096  0.38 68.20  ?  13  HIS   A ND1 1 
ATOM   90   N ND1 B HIS   A 1 4   ? -10.838 -8.458  -0.095  0.35 68.06  ?  13  HIS   A ND1 1 
ATOM   91   N ND1 C HIS   A 1 4   ? -11.197 -8.575  -0.340  0.14 70.70  ?  13  HIS   A ND1 1 
ATOM   92   N ND1 D HIS   A 1 4   ? -11.198 -8.575  -0.339  0.13 70.56  ?  13  HIS   A ND1 1 
ATOM   93   C CD2 A HIS   A 1 4   ? -9.470  -7.195  -1.246  0.38 67.68  ?  13  HIS   A CD2 1 
ATOM   94   C CD2 B HIS   A 1 4   ? -9.471  -7.195  -1.247  0.35 67.57  ?  13  HIS   A CD2 1 
ATOM   95   C CD2 C HIS   A 1 4   ? -10.056 -6.922  -1.204  0.14 70.69  ?  13  HIS   A CD2 1 
ATOM   96   C CD2 D HIS   A 1 4   ? -10.057 -6.922  -1.204  0.13 70.56  ?  13  HIS   A CD2 1 
ATOM   97   C CE1 A HIS   A 1 4   ? -9.843  -9.228  -0.496  0.38 67.02  ?  13  HIS   A CE1 1 
ATOM   98   C CE1 B HIS   A 1 4   ? -9.843  -9.227  -0.495  0.35 66.97  ?  13  HIS   A CE1 1 
ATOM   99   C CE1 C HIS   A 1 4   ? -10.108 -9.093  -0.876  0.14 70.82  ?  13  HIS   A CE1 1 
ATOM   100  C CE1 D HIS   A 1 4   ? -10.109 -9.094  -0.876  0.13 70.72  ?  13  HIS   A CE1 1 
ATOM   101  N NE2 A HIS   A 1 4   ? -8.988  -8.477  -1.205  0.38 64.30  ?  13  HIS   A NE2 1 
ATOM   102  N NE2 B HIS   A 1 4   ? -8.989  -8.477  -1.205  0.35 64.41  ?  13  HIS   A NE2 1 
ATOM   103  N NE2 C HIS   A 1 4   ? -9.391  -8.099  -1.411  0.14 70.45  ?  13  HIS   A NE2 1 
ATOM   104  N NE2 D HIS   A 1 4   ? -9.392  -8.099  -1.411  0.13 70.38  ?  13  HIS   A NE2 1 
ATOM   105  N N   A VAL   A 1 5   ? -10.969 -3.059  0.951   0.38 61.17  ?  14  VAL   A N   1 
ATOM   106  N N   B VAL   A 1 5   ? -10.969 -3.059  0.951   0.35 61.15  ?  14  VAL   A N   1 
ATOM   107  N N   C VAL   A 1 5   ? -11.253 -3.203  0.794   0.14 63.01  ?  14  VAL   A N   1 
ATOM   108  N N   D VAL   A 1 5   ? -11.253 -3.203  0.794   0.13 62.98  ?  14  VAL   A N   1 
ATOM   109  C CA  A VAL   A 1 5   ? -11.234 -1.593  1.005   0.38 60.41  ?  14  VAL   A CA  1 
ATOM   110  C CA  B VAL   A 1 5   ? -11.235 -1.592  1.005   0.35 60.43  ?  14  VAL   A CA  1 
ATOM   111  C CA  C VAL   A 1 5   ? -11.322 -1.716  0.934   0.14 61.36  ?  14  VAL   A CA  1 
ATOM   112  C CA  D VAL   A 1 5   ? -11.323 -1.716  0.935   0.13 61.37  ?  14  VAL   A CA  1 
ATOM   113  C C   A VAL   A 1 5   ? -10.713 -0.964  -0.292  0.38 58.93  ?  14  VAL   A C   1 
ATOM   114  C C   B VAL   A 1 5   ? -10.714 -0.963  -0.291  0.35 58.99  ?  14  VAL   A C   1 
ATOM   115  C C   C VAL   A 1 5   ? -10.764 -1.049  -0.334  0.14 59.97  ?  14  VAL   A C   1 
ATOM   116  C C   D VAL   A 1 5   ? -10.765 -1.049  -0.333  0.13 60.01  ?  14  VAL   A C   1 
ATOM   117  O O   A VAL   A 1 5   ? -9.584  -1.297  -0.701  0.38 57.93  ?  14  VAL   A O   1 
ATOM   118  O O   B VAL   A 1 5   ? -9.583  -1.295  -0.699  0.35 57.98  ?  14  VAL   A O   1 
ATOM   119  O O   C VAL   A 1 5   ? -9.650  -1.416  -0.756  0.14 58.96  ?  14  VAL   A O   1 
ATOM   120  O O   D VAL   A 1 5   ? -9.650  -1.416  -0.756  0.13 59.03  ?  14  VAL   A O   1 
ATOM   121  C CB  A VAL   A 1 5   ? -10.623 -0.959  2.270   0.38 61.53  ?  14  VAL   A CB  1 
ATOM   122  C CB  B VAL   A 1 5   ? -10.623 -0.959  2.271   0.35 61.53  ?  14  VAL   A CB  1 
ATOM   123  C CB  C VAL   A 1 5   ? -10.604 -1.272  2.228   0.14 61.17  ?  14  VAL   A CB  1 
ATOM   124  C CB  D VAL   A 1 5   ? -10.606 -1.272  2.228   0.13 61.20  ?  14  VAL   A CB  1 
ATOM   125  C CG1 A VAL   A 1 5   ? -9.107  -1.078  2.312   0.38 59.70  ?  14  VAL   A CG1 1 
ATOM   126  C CG1 B VAL   A 1 5   ? -9.108  -1.078  2.313   0.35 59.80  ?  14  VAL   A CG1 1 
ATOM   127  C CG1 C VAL   A 1 5   ? -9.095  -1.158  2.070   0.14 60.64  ?  14  VAL   A CG1 1 
ATOM   128  C CG1 D VAL   A 1 5   ? -9.095  -1.160  2.070   0.13 60.71  ?  14  VAL   A CG1 1 
ATOM   129  C CG2 A VAL   A 1 5   ? -11.051 0.489   2.439   0.38 66.89  ?  14  VAL   A CG2 1 
ATOM   130  C CG2 B VAL   A 1 5   ? -11.051 0.490   2.439   0.35 66.60  ?  14  VAL   A CG2 1 
ATOM   131  C CG2 C VAL   A 1 5   ? -11.185 0.016   2.784   0.14 62.56  ?  14  VAL   A CG2 1 
ATOM   132  C CG2 D VAL   A 1 5   ? -11.184 0.018   2.784   0.13 62.47  ?  14  VAL   A CG2 1 
ATOM   133  N N   . GLN   A 1 6   ? -11.539 -0.129  -0.928  1.00 58.00  ?  15  GLN   A N   1 
ATOM   134  C CA  . GLN   A 1 6   ? -11.189 0.586   -2.190  1.00 61.88  ?  15  GLN   A CA  1 
ATOM   135  C C   . GLN   A 1 6   ? -10.423 1.858   -1.832  1.00 57.11  ?  15  GLN   A C   1 
ATOM   136  O O   . GLN   A 1 6   ? -10.899 2.634   -0.988  1.00 58.95  ?  15  GLN   A O   1 
ATOM   137  C CB  . GLN   A 1 6   ? -12.428 0.980   -3.003  1.00 63.72  ?  15  GLN   A CB  1 
ATOM   138  C CG  . GLN   A 1 6   ? -12.834 -0.094  -3.999  1.00 77.41  ?  15  GLN   A CG  1 
ATOM   139  C CD  . GLN   A 1 6   ? -13.959 0.303   -4.926  1.00 84.26  ?  15  GLN   A CD  1 
ATOM   140  O OE1 . GLN   A 1 6   ? -14.432 1.439   -4.916  1.00 86.24  ?  15  GLN   A OE1 1 
ATOM   141  N NE2 . GLN   A 1 6   ? -14.395 -0.650  -5.738  1.00 86.20  ?  15  GLN   A NE2 1 
ATOM   142  N N   A LEU   A 1 7   ? -9.258  2.060   -2.453  0.38 54.16  ?  16  LEU   A N   1 
ATOM   143  N N   B LEU   A 1 7   ? -9.259  2.061   -2.454  0.35 54.28  ?  16  LEU   A N   1 
ATOM   144  N N   C LEU   A 1 7   ? -9.276  2.069   -2.484  0.14 55.62  ?  16  LEU   A N   1 
ATOM   145  N N   D LEU   A 1 7   ? -9.275  2.071   -2.485  0.13 55.71  ?  16  LEU   A N   1 
ATOM   146  C CA  A LEU   A 1 7   ? -8.363  3.207   -2.164  0.38 50.91  ?  16  LEU   A CA  1 
ATOM   147  C CA  B LEU   A 1 7   ? -8.364  3.209   -2.164  0.35 51.20  ?  16  LEU   A CA  1 
ATOM   148  C CA  C LEU   A 1 7   ? -8.317  3.159   -2.164  0.14 53.56  ?  16  LEU   A CA  1 
ATOM   149  C CA  D LEU   A 1 7   ? -8.315  3.160   -2.162  0.13 53.79  ?  16  LEU   A CA  1 
ATOM   150  C C   A LEU   A 1 7   ? -7.797  3.773   -3.465  0.38 49.14  ?  16  LEU   A C   1 
ATOM   151  C C   B LEU   A 1 7   ? -7.801  3.781   -3.466  0.35 49.60  ?  16  LEU   A C   1 
ATOM   152  C C   C LEU   A 1 7   ? -7.744  3.754   -3.455  0.14 52.27  ?  16  LEU   A C   1 
ATOM   153  C C   D LEU   A 1 7   ? -7.739  3.760   -3.448  0.13 52.65  ?  16  LEU   A C   1 
ATOM   154  O O   A LEU   A 1 7   ? -7.547  2.996   -4.401  0.38 46.23  ?  16  LEU   A O   1 
ATOM   155  O O   B LEU   A 1 7   ? -7.551  3.007   -4.404  0.35 46.59  ?  16  LEU   A O   1 
ATOM   156  O O   C LEU   A 1 7   ? -7.452  2.979   -4.384  0.14 50.97  ?  16  LEU   A O   1 
ATOM   157  O O   D LEU   A 1 7   ? -7.448  2.989   -4.381  0.13 51.27  ?  16  LEU   A O   1 
ATOM   158  C CB  A LEU   A 1 7   ? -7.231  2.732   -1.250  0.38 52.50  ?  16  LEU   A CB  1 
ATOM   159  C CB  B LEU   A 1 7   ? -7.232  2.734   -1.252  0.35 52.63  ?  16  LEU   A CB  1 
ATOM   160  C CB  C LEU   A 1 7   ? -7.205  2.574   -1.288  0.14 54.03  ?  16  LEU   A CB  1 
ATOM   161  C CB  D LEU   A 1 7   ? -7.204  2.572   -1.286  0.13 54.13  ?  16  LEU   A CB  1 
ATOM   162  C CG  A LEU   A 1 7   ? -7.659  2.188   0.110   0.38 53.82  ?  16  LEU   A CG  1 
ATOM   163  C CG  B LEU   A 1 7   ? -7.659  2.190   0.109   0.35 53.86  ?  16  LEU   A CG  1 
ATOM   164  C CG  C LEU   A 1 7   ? -7.638  2.117   0.103   0.14 54.41  ?  16  LEU   A CG  1 
ATOM   165  C CG  D LEU   A 1 7   ? -7.638  2.116   0.106   0.13 54.46  ?  16  LEU   A CG  1 
ATOM   166  C CD1 A LEU   A 1 7   ? -6.487  1.509   0.806   0.38 55.35  ?  16  LEU   A CD1 1 
ATOM   167  C CD1 B LEU   A 1 7   ? -6.487  1.510   0.805   0.35 55.30  ?  16  LEU   A CD1 1 
ATOM   168  C CD1 C LEU   A 1 7   ? -6.535  1.319   0.784   0.14 54.89  ?  16  LEU   A CD1 1 
ATOM   169  C CD1 D LEU   A 1 7   ? -6.535  1.319   0.786   0.13 54.88  ?  16  LEU   A CD1 1 
ATOM   170  C CD2 A LEU   A 1 7   ? -8.236  3.298   0.980   0.38 54.39  ?  16  LEU   A CD2 1 
ATOM   171  C CD2 B LEU   A 1 7   ? -8.235  3.297   0.981   0.35 54.39  ?  16  LEU   A CD2 1 
ATOM   172  C CD2 C LEU   A 1 7   ? -8.048  3.307   0.958   0.14 54.62  ?  16  LEU   A CD2 1 
ATOM   173  C CD2 D LEU   A 1 7   ? -8.047  3.305   0.960   0.13 54.63  ?  16  LEU   A CD2 1 
ATOM   174  N N   A SER   A 1 8   ? -7.592  5.088   -3.488  0.38 52.54  ?  17  SER   A N   1 
ATOM   175  N N   B SER   A 1 8   ? -7.593  5.096   -3.482  0.35 53.37  ?  17  SER   A N   1 
ATOM   176  N N   C SER   A 1 8   ? -7.592  5.082   -3.492  0.14 52.79  ?  17  SER   A N   1 
ATOM   177  N N   D SER   A 1 8   ? -7.585  5.089   -3.479  0.13 53.55  ?  17  SER   A N   1 
ATOM   178  C CA  A SER   A 1 8   ? -6.871  5.840   -4.546  0.38 52.41  ?  17  SER   A CA  1 
ATOM   179  C CA  B SER   A 1 8   ? -6.870  5.853   -4.537  0.35 53.71  ?  17  SER   A CA  1 
ATOM   180  C CA  C SER   A 1 8   ? -6.867  5.840   -4.545  0.14 52.23  ?  17  SER   A CA  1 
ATOM   181  C CA  D SER   A 1 8   ? -6.868  5.853   -4.535  0.13 53.35  ?  17  SER   A CA  1 
ATOM   182  C C   A SER   A 1 8   ? -5.555  6.368   -3.955  0.38 50.15  ?  17  SER   A C   1 
ATOM   183  C C   B SER   A 1 8   ? -5.551  6.371   -3.947  0.35 50.86  ?  17  SER   A C   1 
ATOM   184  C C   C SER   A 1 8   ? -5.554  6.369   -3.954  0.14 50.23  ?  17  SER   A C   1 
ATOM   185  C C   D SER   A 1 8   ? -5.550  6.373   -3.948  0.13 50.88  ?  17  SER   A C   1 
ATOM   186  O O   A SER   A 1 8   ? -5.600  7.362   -3.202  0.38 47.74  ?  17  SER   A O   1 
ATOM   187  O O   B SER   A 1 8   ? -5.587  7.357   -3.185  0.35 48.53  ?  17  SER   A O   1 
ATOM   188  O O   C SER   A 1 8   ? -5.599  7.364   -3.204  0.14 48.63  ?  17  SER   A O   1 
ATOM   189  O O   D SER   A 1 8   ? -5.586  7.362   -3.188  0.13 49.39  ?  17  SER   A O   1 
ATOM   190  C CB  A SER   A 1 8   ? -7.737  6.948   -5.104  0.38 55.00  ?  17  SER   A CB  1 
ATOM   191  C CB  B SER   A 1 8   ? -7.731  6.973   -5.084  0.35 57.02  ?  17  SER   A CB  1 
ATOM   192  C CB  C SER   A 1 8   ? -7.727  6.948   -5.108  0.14 53.83  ?  17  SER   A CB  1 
ATOM   193  C CB  D SER   A 1 8   ? -7.732  6.966   -5.082  0.13 55.54  ?  17  SER   A CB  1 
ATOM   194  O OG  A SER   A 1 8   ? -8.652  6.449   -6.077  0.38 54.74  ?  17  SER   A OG  1 
ATOM   195  O OG  B SER   A 1 8   ? -7.305  7.357   -6.388  0.35 59.64  ?  17  SER   A OG  1 
ATOM   196  O OG  C SER   A 1 8   ? -8.645  6.443   -6.071  0.14 54.04  ?  17  SER   A OG  1 
ATOM   197  O OG  D SER   A 1 8   ? -7.301  7.353   -6.383  0.13 57.46  ?  17  SER   A OG  1 
ATOM   198  N N   . LEU   A 1 9   ? -4.437  5.700   -4.259  1.00 49.12  ?  18  LEU   A N   1 
ATOM   199  C CA  . LEU   A 1 9   ? -3.102  6.036   -3.703  1.00 45.72  ?  18  LEU   A CA  1 
ATOM   200  C C   . LEU   A 1 9   ? -2.411  7.036   -4.620  1.00 44.81  ?  18  LEU   A C   1 
ATOM   201  O O   . LEU   A 1 9   ? -2.250  6.760   -5.803  1.00 41.91  ?  18  LEU   A O   1 
ATOM   202  C CB  . LEU   A 1 9   ? -2.292  4.747   -3.612  1.00 45.51  ?  18  LEU   A CB  1 
ATOM   203  C CG  . LEU   A 1 9   ? -2.894  3.662   -2.718  1.00 44.73  ?  18  LEU   A CG  1 
ATOM   204  C CD1 . LEU   A 1 9   ? -2.021  2.424   -2.732  1.00 48.19  ?  18  LEU   A CD1 1 
ATOM   205  C CD2 . LEU   A 1 9   ? -3.077  4.159   -1.298  1.00 48.17  ?  18  LEU   A CD2 1 
ATOM   206  N N   . PRO   A 1 10  ? -1.995  8.218   -4.119  1.00 38.66  ?  19  PRO   A N   1 
ATOM   207  C CA  . PRO   A 1 10  ? -1.249  9.172   -4.932  1.00 39.85  ?  19  PRO   A CA  1 
ATOM   208  C C   . PRO   A 1 10  ? 0.140   8.600   -5.260  1.00 38.33  ?  19  PRO   A C   1 
ATOM   209  O O   . PRO   A 1 10  ? 0.805   8.099   -4.381  1.00 36.81  ?  19  PRO   A O   1 
ATOM   210  C CB  . PRO   A 1 10  ? -1.167  10.420  -4.045  1.00 41.50  ?  19  PRO   A CB  1 
ATOM   211  C CG  . PRO   A 1 10  ? -1.266  9.877   -2.639  1.00 44.22  ?  19  PRO   A CG  1 
ATOM   212  C CD  . PRO   A 1 10  ? -2.178  8.675   -2.741  1.00 40.63  ?  19  PRO   A CD  1 
ATOM   213  N N   . VAL   A 1 11  ? 0.510   8.612   -6.531  1.00 36.47  ?  20  VAL   A N   1 
ATOM   214  C CA  . VAL   A 1 11  ? 1.837   8.124   -6.987  1.00 40.13  ?  20  VAL   A CA  1 
ATOM   215  C C   . VAL   A 1 11  ? 2.825   9.295   -6.905  1.00 40.09  ?  20  VAL   A C   1 
ATOM   216  O O   . VAL   A 1 11  ? 2.550   10.323  -7.499  1.00 37.33  ?  20  VAL   A O   1 
ATOM   217  C CB  . VAL   A 1 11  ? 1.736   7.514   -8.389  1.00 44.09  ?  20  VAL   A CB  1 
ATOM   218  C CG1 . VAL   A 1 11  ? 3.069   6.993   -8.879  1.00 42.84  ?  20  VAL   A CG1 1 
ATOM   219  C CG2 . VAL   A 1 11  ? 0.688   6.410   -8.421  1.00 46.70  ?  20  VAL   A CG2 1 
ATOM   220  N N   . LEU   A 1 12  ? 3.902   9.136   -6.133  1.00 37.08  ?  21  LEU   A N   1 
ATOM   221  C CA  . LEU   A 1 12  ? 4.898   10.195  -5.875  1.00 38.48  ?  21  LEU   A CA  1 
ATOM   222  C C   . LEU   A 1 12  ? 6.171   9.858   -6.638  1.00 39.53  ?  21  LEU   A C   1 
ATOM   223  O O   . LEU   A 1 12  ? 6.474   8.663   -6.814  1.00 40.17  ?  21  LEU   A O   1 
ATOM   224  C CB  . LEU   A 1 12  ? 5.185   10.271  -4.377  1.00 34.94  ?  21  LEU   A CB  1 
ATOM   225  C CG  . LEU   A 1 12  ? 3.955   10.493  -3.509  1.00 37.56  ?  21  LEU   A CG  1 
ATOM   226  C CD1 . LEU   A 1 12  ? 4.329   10.632  -2.034  1.00 35.39  ?  21  LEU   A CD1 1 
ATOM   227  C CD2 . LEU   A 1 12  ? 3.204   11.724  -3.982  1.00 37.39  ?  21  LEU   A CD2 1 
ATOM   228  N N   A GLN   A 1 13  ? 6.888   10.881  -7.111  0.21 40.57  ?  22  GLN   A N   1 
ATOM   229  N N   B GLN   A 1 13  ? 6.883   10.902  -7.078  0.28 41.71  ?  22  GLN   A N   1 
ATOM   230  N N   C GLN   A 1 13  ? 6.888   10.881  -7.111  0.21 40.57  ?  22  GLN   A N   1 
ATOM   231  N N   D GLN   A 1 13  ? 6.883   10.902  -7.078  0.28 41.71  ?  22  GLN   A N   1 
ATOM   232  C CA  A GLN   A 1 13  ? 8.252   10.715  -7.681  0.21 41.21  ?  22  GLN   A CA  1 
ATOM   233  C CA  B GLN   A 1 13  ? 8.264   10.825  -7.619  0.28 43.14  ?  22  GLN   A CA  1 
ATOM   234  C CA  C GLN   A 1 13  ? 8.252   10.715  -7.681  0.21 41.21  ?  22  GLN   A CA  1 
ATOM   235  C CA  D GLN   A 1 13  ? 8.264   10.825  -7.619  0.28 43.14  ?  22  GLN   A CA  1 
ATOM   236  C C   A GLN   A 1 13  ? 9.221   10.566  -6.504  0.21 40.16  ?  22  GLN   A C   1 
ATOM   237  C C   B GLN   A 1 13  ? 9.214   10.556  -6.450  0.28 41.03  ?  22  GLN   A C   1 
ATOM   238  C C   C GLN   A 1 13  ? 9.221   10.566  -6.504  0.21 40.16  ?  22  GLN   A C   1 
ATOM   239  C C   D GLN   A 1 13  ? 9.214   10.556  -6.450  0.28 41.03  ?  22  GLN   A C   1 
ATOM   240  O O   A GLN   A 1 13  ? 9.102   11.349  -5.539  0.21 41.38  ?  22  GLN   A O   1 
ATOM   241  O O   B GLN   A 1 13  ? 9.088   11.268  -5.430  0.28 42.08  ?  22  GLN   A O   1 
ATOM   242  O O   C GLN   A 1 13  ? 9.102   11.349  -5.539  0.21 41.38  ?  22  GLN   A O   1 
ATOM   243  O O   D GLN   A 1 13  ? 9.088   11.268  -5.430  0.28 42.08  ?  22  GLN   A O   1 
ATOM   244  C CB  A GLN   A 1 13  ? 8.600   11.873  -8.618  0.21 42.10  ?  22  GLN   A CB  1 
ATOM   245  C CB  B GLN   A 1 13  ? 8.621   12.131  -8.328  0.28 45.70  ?  22  GLN   A CB  1 
ATOM   246  C CB  C GLN   A 1 13  ? 8.600   11.873  -8.618  0.21 42.10  ?  22  GLN   A CB  1 
ATOM   247  C CB  D GLN   A 1 13  ? 8.621   12.131  -8.328  0.28 45.70  ?  22  GLN   A CB  1 
ATOM   248  C CG  A GLN   A 1 13  ? 7.991   11.732  -10.010 0.21 43.84  ?  22  GLN   A CG  1 
ATOM   249  C CG  B GLN   A 1 13  ? 7.743   12.424  -9.534  0.28 50.19  ?  22  GLN   A CG  1 
ATOM   250  C CG  C GLN   A 1 13  ? 7.991   11.732  -10.010 0.21 43.84  ?  22  GLN   A CG  1 
ATOM   251  C CG  D GLN   A 1 13  ? 7.743   12.424  -9.534  0.28 50.19  ?  22  GLN   A CG  1 
ATOM   252  C CD  A GLN   A 1 13  ? 8.602   10.617  -10.826 0.21 44.17  ?  22  GLN   A CD  1 
ATOM   253  C CD  B GLN   A 1 13  ? 8.137   13.704  -10.232 0.28 52.82  ?  22  GLN   A CD  1 
ATOM   254  C CD  C GLN   A 1 13  ? 8.602   10.617  -10.826 0.21 44.17  ?  22  GLN   A CD  1 
ATOM   255  C CD  D GLN   A 1 13  ? 8.137   13.704  -10.232 0.28 52.82  ?  22  GLN   A CD  1 
ATOM   256  O OE1 A GLN   A 1 13  ? 9.727   10.180  -10.580 0.21 46.15  ?  22  GLN   A OE1 1 
ATOM   257  O OE1 B GLN   A 1 13  ? 8.723   14.605  -9.636  0.28 55.30  ?  22  GLN   A OE1 1 
ATOM   258  O OE1 C GLN   A 1 13  ? 9.727   10.180  -10.580 0.21 46.15  ?  22  GLN   A OE1 1 
ATOM   259  O OE1 D GLN   A 1 13  ? 8.723   14.605  -9.636  0.28 55.30  ?  22  GLN   A OE1 1 
ATOM   260  N NE2 A GLN   A 1 13  ? 7.858   10.147  -11.814 0.21 43.57  ?  22  GLN   A NE2 1 
ATOM   261  N NE2 B GLN   A 1 13  ? 7.815   13.791  -11.511 0.28 55.51  ?  22  GLN   A NE2 1 
ATOM   262  N NE2 C GLN   A 1 13  ? 7.858   10.147  -11.814 0.21 43.57  ?  22  GLN   A NE2 1 
ATOM   263  N NE2 D GLN   A 1 13  ? 7.815   13.791  -11.511 0.28 55.51  ?  22  GLN   A NE2 1 
ATOM   264  N N   . VAL   A 1 14  ? 10.113  9.573   -6.579  1.00 39.86  ?  23  VAL   A N   1 
ATOM   265  C CA  . VAL   A 1 14  ? 11.019  9.172   -5.459  1.00 39.29  ?  23  VAL   A CA  1 
ATOM   266  C C   . VAL   A 1 14  ? 11.742  10.404  -4.911  1.00 39.02  ?  23  VAL   A C   1 
ATOM   267  O O   . VAL   A 1 14  ? 11.799  10.511  -3.690  1.00 40.88  ?  23  VAL   A O   1 
ATOM   268  C CB  . VAL   A 1 14  ? 11.983  8.023   -5.812  1.00 39.42  ?  23  VAL   A CB  1 
ATOM   269  C CG1 . VAL   A 1 14  ? 13.099  8.446   -6.755  1.00 39.71  ?  23  VAL   A CG1 1 
ATOM   270  C CG2 . VAL   A 1 14  ? 12.558  7.385   -4.550  1.00 40.36  ?  23  VAL   A CG2 1 
ATOM   271  N N   . ARG   A 1 15  ? 12.179  11.338  -5.760  1.00 38.59  ?  24  ARG   A N   1 
ATOM   272  C CA  . ARG   A 1 15  ? 13.007  12.494  -5.317  1.00 39.90  ?  24  ARG   A CA  1 
ATOM   273  C C   . ARG   A 1 15  ? 12.160  13.531  -4.568  1.00 38.05  ?  24  ARG   A C   1 
ATOM   274  O O   . ARG   A 1 15  ? 12.784  14.347  -3.873  1.00 36.91  ?  24  ARG   A O   1 
ATOM   275  C CB  . ARG   A 1 15  ? 13.775  13.114  -6.490  1.00 43.32  ?  24  ARG   A CB  1 
ATOM   276  C CG  . ARG   A 1 15  ? 15.070  12.379  -6.831  1.00 49.69  ?  24  ARG   A CG  1 
ATOM   277  C CD  . ARG   A 1 15  ? 15.767  12.970  -8.046  1.00 54.25  ?  24  ARG   A CD  1 
ATOM   278  N NE  . ARG   A 1 15  ? 16.550  12.043  -8.863  1.00 56.61  ?  24  ARG   A NE  1 
ATOM   279  C CZ  . ARG   A 1 15  ? 17.728  11.525  -8.515  1.00 61.09  ?  24  ARG   A CZ  1 
ATOM   280  N NH1 . ARG   A 1 15  ? 18.246  11.784  -7.323  1.00 65.97  ?  24  ARG   A NH1 1 
ATOM   281  N NH2 . ARG   A 1 15  ? 18.372  10.719  -9.348  1.00 60.91  ?  24  ARG   A NH2 1 
ATOM   282  N N   . ASP   A 1 16  ? 10.822  13.513  -4.703  1.00 39.48  ?  25  ASP   A N   1 
ATOM   283  C CA  . ASP   A 1 16  ? 9.895   14.430  -3.971  1.00 37.31  ?  25  ASP   A CA  1 
ATOM   284  C C   . ASP   A 1 16  ? 9.643   13.948  -2.531  1.00 37.22  ?  25  ASP   A C   1 
ATOM   285  O O   . ASP   A 1 16  ? 9.240   14.766  -1.692  1.00 34.94  ?  25  ASP   A O   1 
ATOM   286  C CB  . ASP   A 1 16  ? 8.578   14.600  -4.717  1.00 38.89  ?  25  ASP   A CB  1 
ATOM   287  C CG  . ASP   A 1 16  ? 8.686   15.448  -5.983  1.00 41.81  ?  25  ASP   A CG  1 
ATOM   288  O OD1 . ASP   A 1 16  ? 9.613   16.259  -6.065  1.00 40.83  ?  25  ASP   A OD1 1 
ATOM   289  O OD2 . ASP   A 1 16  ? 7.828   15.301  -6.872  1.00 47.13  ?  25  ASP   A OD2 1 
ATOM   290  N N   . VAL   A 1 17  ? 9.883   12.665  -2.246  1.00 35.66  ?  26  VAL   A N   1 
ATOM   291  C CA  . VAL   A 1 17  ? 9.445   12.023  -0.979  1.00 36.43  ?  26  VAL   A CA  1 
ATOM   292  C C   . VAL   A 1 17  ? 10.277  12.548  0.207   1.00 36.00  ?  26  VAL   A C   1 
ATOM   293  O O   . VAL   A 1 17  ? 11.502  12.334  0.251   1.00 34.55  ?  26  VAL   A O   1 
ATOM   294  C CB  . VAL   A 1 17  ? 9.476   10.487  -1.086  1.00 35.61  ?  26  VAL   A CB  1 
ATOM   295  C CG1 . VAL   A 1 17  ? 9.103   9.846   0.246   1.00 36.98  ?  26  VAL   A CG1 1 
ATOM   296  C CG2 . VAL   A 1 17  ? 8.554   9.981   -2.200  1.00 35.17  ?  26  VAL   A CG2 1 
ATOM   297  N N   . LEU   A 1 18  ? 9.593   13.145  1.183   1.00 38.11  ?  27  LEU   A N   1 
ATOM   298  C CA  . LEU   A 1 18  ? 10.202  13.739  2.400   1.00 36.74  ?  27  LEU   A CA  1 
ATOM   299  C C   . LEU   A 1 18  ? 10.455  12.672  3.459   1.00 38.39  ?  27  LEU   A C   1 
ATOM   300  O O   . LEU   A 1 18  ? 11.445  12.819  4.171   1.00 37.38  ?  27  LEU   A O   1 
ATOM   301  C CB  . LEU   A 1 18  ? 9.262   14.812  2.938   1.00 37.90  ?  27  LEU   A CB  1 
ATOM   302  C CG  . LEU   A 1 18  ? 9.032   15.986  1.985   1.00 43.42  ?  27  LEU   A CG  1 
ATOM   303  C CD1 . LEU   A 1 18  ? 8.072   16.990  2.595   1.00 40.46  ?  27  LEU   A CD1 1 
ATOM   304  C CD2 . LEU   A 1 18  ? 10.359  16.643  1.606   1.00 41.71  ?  27  LEU   A CD2 1 
ATOM   305  N N   . VAL   A 1 19  ? 9.579   11.676  3.599   1.00 38.69  ?  28  VAL   A N   1 
ATOM   306  C CA  . VAL   A 1 19  ? 9.752   10.598  4.613   1.00 39.37  ?  28  VAL   A CA  1 
ATOM   307  C C   . VAL   A 1 19  ? 9.770   9.269   3.866   1.00 40.73  ?  28  VAL   A C   1 
ATOM   308  O O   . VAL   A 1 19  ? 8.724   8.881   3.331   1.00 40.74  ?  28  VAL   A O   1 
ATOM   309  C CB  . VAL   A 1 19  ? 8.648   10.657  5.678   1.00 43.16  ?  28  VAL   A CB  1 
ATOM   310  C CG1 . VAL   A 1 19  ? 8.941   9.730   6.854   1.00 42.21  ?  28  VAL   A CG1 1 
ATOM   311  C CG2 . VAL   A 1 19  ? 8.432   12.082  6.154   1.00 42.26  ?  28  VAL   A CG2 1 
ATOM   312  N N   . ARG   A 1 20  ? 10.926  8.609   3.836   1.00 41.87  ?  29  ARG   A N   1 
ATOM   313  C CA  . ARG   A 1 20  ? 11.286  7.626   2.784   1.00 40.71  ?  29  ARG   A CA  1 
ATOM   314  C C   . ARG   A 1 20  ? 11.067  6.189   3.240   1.00 39.00  ?  29  ARG   A C   1 
ATOM   315  O O   . ARG   A 1 20  ? 11.472  5.290   2.520   1.00 41.61  ?  29  ARG   A O   1 
ATOM   316  C CB  . ARG   A 1 20  ? 12.730  7.913   2.371   1.00 49.35  ?  29  ARG   A CB  1 
ATOM   317  C CG  . ARG   A 1 20  ? 12.769  9.087   1.411   1.00 53.87  ?  29  ARG   A CG  1 
ATOM   318  C CD  . ARG   A 1 20  ? 14.133  9.553   1.021   1.00 60.77  ?  29  ARG   A CD  1 
ATOM   319  N NE  . ARG   A 1 20  ? 13.915  10.700  0.155   1.00 71.98  ?  29  ARG   A NE  1 
ATOM   320  C CZ  . ARG   A 1 20  ? 14.099  10.728  -1.153  1.00 65.74  ?  29  ARG   A CZ  1 
ATOM   321  N NH1 . ARG   A 1 20  ? 14.551  9.660   -1.791  1.00 66.94  ?  29  ARG   A NH1 1 
ATOM   322  N NH2 . ARG   A 1 20  ? 13.867  11.852  -1.806  1.00 60.50  ?  29  ARG   A NH2 1 
ATOM   323  N N   . GLY   A 1 21  ? 10.415  5.988   4.381   1.00 39.15  ?  30  GLY   A N   1 
ATOM   324  C CA  . GLY   A 1 21  ? 10.002  4.662   4.855   1.00 40.41  ?  30  GLY   A CA  1 
ATOM   325  C C   . GLY   A 1 21  ? 9.161   4.814   6.091   1.00 39.75  ?  30  GLY   A C   1 
ATOM   326  O O   . GLY   A 1 21  ? 9.067   5.952   6.564   1.00 40.83  ?  30  GLY   A O   1 
ATOM   327  N N   . PHE   A 1 22  ? 8.596   3.711   6.596   1.00 41.22  ?  31  PHE   A N   1 
ATOM   328  C CA  . PHE   A 1 22  ? 7.605   3.696   7.703   1.00 42.22  ?  31  PHE   A CA  1 
ATOM   329  C C   . PHE   A 1 22  ? 8.267   3.371   9.048   1.00 43.29  ?  31  PHE   A C   1 
ATOM   330  O O   . PHE   A 1 22  ? 7.618   3.535   10.077  1.00 47.06  ?  31  PHE   A O   1 
ATOM   331  C CB  . PHE   A 1 22  ? 6.477   2.707   7.387   1.00 42.45  ?  31  PHE   A CB  1 
ATOM   332  C CG  . PHE   A 1 22  ? 5.519   3.181   6.319   1.00 40.47  ?  31  PHE   A CG  1 
ATOM   333  C CD1 . PHE   A 1 22  ? 4.655   4.236   6.568   1.00 40.01  ?  31  PHE   A CD1 1 
ATOM   334  C CD2 . PHE   A 1 22  ? 5.469   2.571   5.080   1.00 37.02  ?  31  PHE   A CD2 1 
ATOM   335  C CE1 . PHE   A 1 22  ? 3.769   4.672   5.595   1.00 38.78  ?  31  PHE   A CE1 1 
ATOM   336  C CE2 . PHE   A 1 22  ? 4.590   3.023   4.106   1.00 39.21  ?  31  PHE   A CE2 1 
ATOM   337  C CZ  . PHE   A 1 22  ? 3.742   4.073   4.365   1.00 37.39  ?  31  PHE   A CZ  1 
ATOM   338  N N   . GLY   A 1 23  ? 9.517   2.924   9.064   1.00 51.63  ?  32  GLY   A N   1 
ATOM   339  C CA  . GLY   A 1 23  ? 10.169  2.571   10.340  1.00 52.94  ?  32  GLY   A CA  1 
ATOM   340  C C   . GLY   A 1 23  ? 11.309  1.596   10.153  1.00 49.51  ?  32  GLY   A C   1 
ATOM   341  O O   . GLY   A 1 23  ? 11.828  1.503   9.013   1.00 40.51  ?  32  GLY   A O   1 
ATOM   342  N N   . ASP   A 1 24  ? 11.653  0.899   11.244  1.00 53.08  ?  33  ASP   A N   1 
ATOM   343  C CA  . ASP   A 1 24  ? 12.967  0.241   11.476  1.00 57.01  ?  33  ASP   A CA  1 
ATOM   344  C C   . ASP   A 1 24  ? 12.831  -1.281  11.576  1.00 62.72  ?  33  ASP   A C   1 
ATOM   345  O O   . ASP   A 1 24  ? 13.878  -1.925  11.471  1.00 64.48  ?  33  ASP   A O   1 
ATOM   346  C CB  . ASP   A 1 24  ? 13.618  0.789   12.741  1.00 56.06  ?  33  ASP   A CB  1 
ATOM   347  C CG  . ASP   A 1 24  ? 13.853  2.283   12.644  1.00 58.10  ?  33  ASP   A CG  1 
ATOM   348  O OD1 . ASP   A 1 24  ? 14.036  2.770   11.516  1.00 58.17  ?  33  ASP   A OD1 1 
ATOM   349  O OD2 . ASP   A 1 24  ? 13.842  2.938   13.688  1.00 63.72  ?  33  ASP   A OD2 1 
ATOM   350  N N   . SER   A 1 25  ? 11.625  -1.829  11.781  1.00 58.06  ?  34  SER   A N   1 
ATOM   351  C CA  . SER   A 1 25  ? 11.373  -3.295  11.751  1.00 58.49  ?  34  SER   A CA  1 
ATOM   352  C C   . SER   A 1 25  ? 10.341  -3.634  10.672  1.00 59.20  ?  34  SER   A C   1 
ATOM   353  O O   . SER   A 1 25  ? 9.556   -2.752  10.278  1.00 59.12  ?  34  SER   A O   1 
ATOM   354  C CB  . SER   A 1 25  ? 10.952  -3.817  13.101  1.00 52.68  ?  34  SER   A CB  1 
ATOM   355  O OG  . SER   A 1 25  ? 9.643   -3.394  13.435  1.00 58.18  ?  34  SER   A OG  1 
ATOM   356  N N   . VAL   A 1 26  ? 10.367  -4.876  10.203  1.00 62.66  ?  35  VAL   A N   1 
ATOM   357  C CA  . VAL   A 1 26  ? 9.355   -5.433  9.262   1.00 61.09  ?  35  VAL   A CA  1 
ATOM   358  C C   . VAL   A 1 26  ? 7.977   -5.266  9.901   1.00 61.85  ?  35  VAL   A C   1 
ATOM   359  O O   . VAL   A 1 26  ? 7.045   -4.816  9.213   1.00 57.93  ?  35  VAL   A O   1 
ATOM   360  C CB  . VAL   A 1 26  ? 9.652   -6.908  8.936   1.00 60.53  ?  35  VAL   A CB  1 
ATOM   361  C CG1 . VAL   A 1 26  ? 8.431   -7.624  8.364   1.00 61.67  ?  35  VAL   A CG1 1 
ATOM   362  C CG2 . VAL   A 1 26  ? 10.848  -7.034  8.004   1.00 58.86  ?  35  VAL   A CG2 1 
ATOM   363  N N   . GLU   A 1 27  ? 7.849   -5.620  11.176  1.00 56.61  ?  36  GLU   A N   1 
ATOM   364  C CA  . GLU   A 1 27  ? 6.547   -5.551  11.885  1.00 63.80  ?  36  GLU   A CA  1 
ATOM   365  C C   . GLU   A 1 27  ? 6.110   -4.089  11.986  1.00 56.03  ?  36  GLU   A C   1 
ATOM   366  O O   . GLU   A 1 27  ? 4.925   -3.820  11.818  1.00 54.77  ?  36  GLU   A O   1 
ATOM   367  C CB  . GLU   A 1 27  ? 6.638   -6.217  13.254  1.00 69.90  ?  36  GLU   A CB  1 
ATOM   368  C CG  . GLU   A 1 27  ? 6.747   -7.725  13.157  1.00 79.12  ?  36  GLU   A CG  1 
ATOM   369  C CD  . GLU   A 1 27  ? 7.443   -8.376  14.335  1.00 77.45  ?  36  GLU   A CD  1 
ATOM   370  O OE1 . GLU   A 1 27  ? 8.682   -8.401  14.332  1.00 81.05  ?  36  GLU   A OE1 1 
ATOM   371  O OE2 . GLU   A 1 27  ? 6.738   -8.828  15.255  1.00 80.54  ?  36  GLU   A OE2 1 
ATOM   372  N N   . GLU   A 1 28  ? 7.033   -3.168  12.244  1.00 63.94  ?  37  GLU   A N   1 
ATOM   373  C CA  . GLU   A 1 28  ? 6.667   -1.733  12.374  1.00 59.50  ?  37  GLU   A CA  1 
ATOM   374  C C   . GLU   A 1 28  ? 6.282   -1.153  11.001  1.00 49.62  ?  37  GLU   A C   1 
ATOM   375  O O   . GLU   A 1 28  ? 5.257   -0.461  10.944  1.00 47.05  ?  37  GLU   A O   1 
ATOM   376  C CB  . GLU   A 1 28  ? 7.778   -0.911  13.014  1.00 57.53  ?  37  GLU   A CB  1 
ATOM   377  C CG  . GLU   A 1 28  ? 7.310   0.492   13.338  1.00 54.28  ?  37  GLU   A CG  1 
ATOM   378  C CD  . GLU   A 1 28  ? 8.394   1.431   13.810  1.00 52.30  ?  37  GLU   A CD  1 
ATOM   379  O OE1 . GLU   A 1 28  ? 9.584   1.222   13.460  1.00 50.56  ?  37  GLU   A OE1 1 
ATOM   380  O OE2 . GLU   A 1 28  ? 8.041   2.360   14.541  1.00 52.82  ?  37  GLU   A OE2 1 
ATOM   381  N N   . VAL   A 1 29  ? 7.041   -1.416  9.937   1.00 42.69  ?  38  VAL   A N   1 
ATOM   382  C CA  . VAL   A 1 29  ? 6.726   -0.791  8.619   1.00 48.99  ?  38  VAL   A CA  1 
ATOM   383  C C   . VAL   A 1 29  ? 5.359   -1.283  8.138   1.00 54.05  ?  38  VAL   A C   1 
ATOM   384  O O   . VAL   A 1 29  ? 4.644   -0.458  7.549   1.00 56.55  ?  38  VAL   A O   1 
ATOM   385  C CB  . VAL   A 1 29  ? 7.818   -0.971  7.549   1.00 46.00  ?  38  VAL   A CB  1 
ATOM   386  C CG1 . VAL   A 1 29  ? 9.107   -0.308  7.997   1.00 48.04  ?  38  VAL   A CG1 1 
ATOM   387  C CG2 . VAL   A 1 29  ? 8.045   -2.411  7.121   1.00 46.83  ?  38  VAL   A CG2 1 
ATOM   388  N N   . LEU   A 1 30  ? 5.005   -2.549  8.404   1.00 55.76  ?  39  LEU   A N   1 
ATOM   389  C CA  . LEU   A 1 30  ? 3.705   -3.157  8.006   1.00 51.39  ?  39  LEU   A CA  1 
ATOM   390  C C   . LEU   A 1 30  ? 2.564   -2.530  8.822   1.00 50.59  ?  39  LEU   A C   1 
ATOM   391  O O   . LEU   A 1 30  ? 1.488   -2.295  8.247   1.00 52.16  ?  39  LEU   A O   1 
ATOM   392  C CB  . LEU   A 1 30  ? 3.765   -4.685  8.127   1.00 57.09  ?  39  LEU   A CB  1 
ATOM   393  C CG  . LEU   A 1 30  ? 4.398   -5.407  6.929   1.00 60.57  ?  39  LEU   A CG  1 
ATOM   394  C CD1 . LEU   A 1 30  ? 4.701   -6.856  7.251   1.00 64.10  ?  39  LEU   A CD1 1 
ATOM   395  C CD2 . LEU   A 1 30  ? 3.535   -5.332  5.674   1.00 57.58  ?  39  LEU   A CD2 1 
ATOM   396  N N   A SER   A 1 31  ? 2.797   -2.243  10.106  0.38 45.32  ?  40  SER   A N   1 
ATOM   397  N N   B SER   A 1 31  ? 2.809   -2.267  10.114  0.35 49.60  ?  40  SER   A N   1 
ATOM   398  N N   C SER   A 1 31  ? 2.796   -2.240  10.106  0.14 46.54  ?  40  SER   A N   1 
ATOM   399  N N   D SER   A 1 31  ? 2.809   -2.267  10.113  0.13 50.40  ?  40  SER   A N   1 
ATOM   400  C CA  A SER   A 1 31  ? 1.810   -1.589  11.010  0.38 44.68  ?  40  SER   A CA  1 
ATOM   401  C CA  B SER   A 1 31  ? 1.875   -1.584  11.054  0.35 51.58  ?  40  SER   A CA  1 
ATOM   402  C CA  C SER   A 1 31  ? 1.812   -1.585  11.012  0.14 45.42  ?  40  SER   A CA  1 
ATOM   403  C CA  D SER   A 1 31  ? 1.879   -1.580  11.055  0.13 51.36  ?  40  SER   A CA  1 
ATOM   404  C C   A SER   A 1 31  ? 1.592   -0.121  10.603  0.38 48.14  ?  40  SER   A C   1 
ATOM   405  C C   B SER   A 1 31  ? 1.610   -0.146  10.582  0.35 52.06  ?  40  SER   A C   1 
ATOM   406  C C   C SER   A 1 31  ? 1.594   -0.122  10.600  0.14 47.65  ?  40  SER   A C   1 
ATOM   407  C C   D SER   A 1 31  ? 1.612   -0.147  10.580  0.13 51.15  ?  40  SER   A C   1 
ATOM   408  O O   A SER   A 1 31  ? 0.417   0.282   10.434  0.38 48.22  ?  40  SER   A O   1 
ATOM   409  O O   B SER   A 1 31  ? 0.432   0.203   10.339  0.35 52.35  ?  40  SER   A O   1 
ATOM   410  O O   C SER   A 1 31  ? 0.422   0.272   10.414  0.14 47.99  ?  40  SER   A O   1 
ATOM   411  O O   D SER   A 1 31  ? 0.436   0.193   10.333  0.13 51.66  ?  40  SER   A O   1 
ATOM   412  C CB  A SER   A 1 31  ? 2.242   -1.690  12.447  0.38 40.64  ?  40  SER   A CB  1 
ATOM   413  C CB  B SER   A 1 31  ? 2.417   -1.570  12.469  0.35 51.87  ?  40  SER   A CB  1 
ATOM   414  C CB  C SER   A 1 31  ? 2.250   -1.682  12.447  0.14 42.38  ?  40  SER   A CB  1 
ATOM   415  C CB  D SER   A 1 31  ? 2.430   -1.563  12.464  0.13 51.89  ?  40  SER   A CB  1 
ATOM   416  O OG  A SER   A 1 31  ? 1.305   -1.047  13.293  0.38 36.15  ?  40  SER   A OG  1 
ATOM   417  O OG  B SER   A 1 31  ? 2.874   -2.853  12.867  0.35 56.48  ?  40  SER   A OG  1 
ATOM   418  O OG  C SER   A 1 31  ? 1.307   -1.057  13.305  0.14 39.04  ?  40  SER   A OG  1 
ATOM   419  O OG  D SER   A 1 31  ? 2.859   -2.851  12.871  0.13 54.60  ?  40  SER   A OG  1 
ATOM   420  N N   . GLU   A 1 32  ? 2.677   0.657   10.485  1.00 49.27  ?  41  GLU   A N   1 
ATOM   421  C CA  . GLU   A 1 32  ? 2.605   2.093   10.084  1.00 46.52  ?  41  GLU   A CA  1 
ATOM   422  C C   . GLU   A 1 32  ? 1.996   2.216   8.678   1.00 43.90  ?  41  GLU   A C   1 
ATOM   423  O O   . GLU   A 1 32  ? 1.131   3.097   8.496   1.00 44.83  ?  41  GLU   A O   1 
ATOM   424  C CB  . GLU   A 1 32  ? 3.985   2.753   10.173  1.00 43.49  ?  41  GLU   A CB  1 
ATOM   425  C CG  . GLU   A 1 32  ? 4.389   3.152   11.583  1.00 45.80  ?  41  GLU   A CG  1 
ATOM   426  C CD  . GLU   A 1 32  ? 3.437   4.095   12.318  1.00 50.69  ?  41  GLU   A CD  1 
ATOM   427  O OE1 . GLU   A 1 32  ? 2.488   4.597   11.712  1.00 57.84  ?  41  GLU   A OE1 1 
ATOM   428  O OE2 . GLU   A 1 32  ? 3.642   4.324   13.514  1.00 58.33  ?  41  GLU   A OE2 1 
ATOM   429  N N   . ALA   A 1 33  ? 2.374   1.338   7.743   1.00 41.04  ?  42  ALA   A N   1 
ATOM   430  C CA  . ALA   A 1 33  ? 1.819   1.315   6.370   1.00 44.18  ?  42  ALA   A CA  1 
ATOM   431  C C   . ALA   A 1 33  ? 0.293   1.167   6.437   1.00 49.91  ?  42  ALA   A C   1 
ATOM   432  O O   . ALA   A 1 33  ? -0.407  1.953   5.774   1.00 49.88  ?  42  ALA   A O   1 
ATOM   433  C CB  . ALA   A 1 33  ? 2.478   0.251   5.535   1.00 42.41  ?  42  ALA   A CB  1 
ATOM   434  N N   A ARG   A 1 34  ? -0.198  0.200   7.225   0.38 53.14  ?  43  ARG   A N   1 
ATOM   435  N N   B ARG   A 1 34  ? -0.198  0.200   7.225   0.35 53.08  ?  43  ARG   A N   1 
ATOM   436  N N   C ARG   A 1 34  ? -0.200  0.214   7.242   0.14 51.50  ?  43  ARG   A N   1 
ATOM   437  N N   D ARG   A 1 34  ? -0.199  0.214   7.241   0.13 51.45  ?  43  ARG   A N   1 
ATOM   438  C CA  A ARG   A 1 34  ? -1.651  -0.081  7.416   0.38 54.23  ?  43  ARG   A CA  1 
ATOM   439  C CA  B ARG   A 1 34  ? -1.651  -0.081  7.415   0.35 54.23  ?  43  ARG   A CA  1 
ATOM   440  C CA  C ARG   A 1 34  ? -1.651  -0.058  7.451   0.14 52.66  ?  43  ARG   A CA  1 
ATOM   441  C CA  D ARG   A 1 34  ? -1.652  -0.057  7.451   0.13 52.65  ?  43  ARG   A CA  1 
ATOM   442  C C   A ARG   A 1 34  ? -2.339  1.137   8.046   0.38 51.82  ?  43  ARG   A C   1 
ATOM   443  C C   B ARG   A 1 34  ? -2.339  1.138   8.043   0.35 51.94  ?  43  ARG   A C   1 
ATOM   444  C C   C ARG   A 1 34  ? -2.323  1.168   8.085   0.14 51.91  ?  43  ARG   A C   1 
ATOM   445  C C   D ARG   A 1 34  ? -2.322  1.170   8.084   0.13 51.98  ?  43  ARG   A C   1 
ATOM   446  O O   A ARG   A 1 34  ? -3.433  1.500   7.569   0.38 53.35  ?  43  ARG   A O   1 
ATOM   447  O O   B ARG   A 1 34  ? -3.432  1.501   7.566   0.35 53.35  ?  43  ARG   A O   1 
ATOM   448  O O   C ARG   A 1 34  ? -3.443  1.510   7.659   0.14 52.64  ?  43  ARG   A O   1 
ATOM   449  O O   D ARG   A 1 34  ? -3.442  1.513   7.656   0.13 52.63  ?  43  ARG   A O   1 
ATOM   450  C CB  A ARG   A 1 34  ? -1.871  -1.339  8.262   0.38 57.19  ?  43  ARG   A CB  1 
ATOM   451  C CB  B ARG   A 1 34  ? -1.872  -1.340  8.262   0.35 57.17  ?  43  ARG   A CB  1 
ATOM   452  C CB  C ARG   A 1 34  ? -1.868  -1.298  8.327   0.14 54.30  ?  43  ARG   A CB  1 
ATOM   453  C CB  D ARG   A 1 34  ? -1.869  -1.298  8.326   0.13 54.28  ?  43  ARG   A CB  1 
ATOM   454  C CG  A ARG   A 1 34  ? -1.573  -2.635  7.523   0.38 59.27  ?  43  ARG   A CG  1 
ATOM   455  C CG  B ARG   A 1 34  ? -1.574  -2.636  7.522   0.35 59.30  ?  43  ARG   A CG  1 
ATOM   456  C CG  C ARG   A 1 34  ? -1.393  -2.601  7.695   0.14 55.48  ?  43  ARG   A CG  1 
ATOM   457  C CG  D ARG   A 1 34  ? -1.393  -2.601  7.696   0.13 55.47  ?  43  ARG   A CG  1 
ATOM   458  C CD  A ARG   A 1 34  ? -1.940  -3.874  8.319   0.38 62.96  ?  43  ARG   A CD  1 
ATOM   459  C CD  B ARG   A 1 34  ? -1.940  -3.874  8.319   0.35 62.92  ?  43  ARG   A CD  1 
ATOM   460  C CD  C ARG   A 1 34  ? -1.737  -3.827  8.521   0.14 57.19  ?  43  ARG   A CD  1 
ATOM   461  C CD  D ARG   A 1 34  ? -1.737  -3.827  8.522   0.13 57.15  ?  43  ARG   A CD  1 
ATOM   462  N NE  A ARG   A 1 34  ? -1.954  -5.057  7.465   0.38 66.49  ?  43  ARG   A NE  1 
ATOM   463  N NE  B ARG   A 1 34  ? -1.953  -5.057  7.466   0.35 66.38  ?  43  ARG   A NE  1 
ATOM   464  N NE  C ARG   A 1 34  ? -1.762  -5.034  7.702   0.14 58.81  ?  43  ARG   A NE  1 
ATOM   465  N NE  D ARG   A 1 34  ? -1.762  -5.034  7.702   0.13 58.73  ?  43  ARG   A NE  1 
ATOM   466  C CZ  A ARG   A 1 34  ? -0.948  -5.921  7.322   0.38 69.99  ?  43  ARG   A CZ  1 
ATOM   467  C CZ  B ARG   A 1 34  ? -0.947  -5.921  7.322   0.35 69.81  ?  43  ARG   A CZ  1 
ATOM   468  C CZ  C ARG   A 1 34  ? -0.723  -5.835  7.468   0.14 60.50  ?  43  ARG   A CZ  1 
ATOM   469  C CZ  D ARG   A 1 34  ? -0.723  -5.835  7.468   0.13 60.36  ?  43  ARG   A CZ  1 
ATOM   470  N NH1 A ARG   A 1 34  ? 0.184   -5.770  7.993   0.38 72.79  ?  43  ARG   A NH1 1 
ATOM   471  N NH1 B ARG   A 1 34  ? 0.185   -5.769  7.992   0.35 72.52  ?  43  ARG   A NH1 1 
ATOM   472  N NH1 C ARG   A 1 34  ? 0.463   -5.585  8.000   0.14 61.70  1  43  ARG   A NH1 1 
ATOM   473  N NH1 D ARG   A 1 34  ? 0.463   -5.584  8.000   0.13 61.49  1  43  ARG   A NH1 1 
ATOM   474  N NH2 A ARG   A 1 34  ? -1.083  -6.948  6.499   0.38 68.36  ?  43  ARG   A NH2 1 
ATOM   475  N NH2 B ARG   A 1 34  ? -1.081  -6.948  6.500   0.35 68.32  ?  43  ARG   A NH2 1 
ATOM   476  N NH2 C ARG   A 1 34  ? -0.875  -6.899  6.697   0.14 60.07  ?  43  ARG   A NH2 1 
ATOM   477  N NH2 D ARG   A 1 34  ? -0.874  -6.899  6.698   0.13 60.00  ?  43  ARG   A NH2 1 
ATOM   478  N N   A GLN   A 1 35  ? -1.719  1.756   9.052   0.38 48.81  ?  44  GLN   A N   1 
ATOM   479  N N   B GLN   A 1 35  ? -1.720  1.756   9.051   0.35 49.13  ?  44  GLN   A N   1 
ATOM   480  N N   C GLN   A 1 35  ? -1.657  1.804   9.055   0.14 50.99  ?  44  GLN   A N   1 
ATOM   481  N N   D GLN   A 1 35  ? -1.657  1.805   9.054   0.13 51.18  ?  44  GLN   A N   1 
ATOM   482  C CA  A GLN   A 1 35  ? -2.258  2.971   9.721   0.38 52.85  ?  44  GLN   A CA  1 
ATOM   483  C CA  B GLN   A 1 35  ? -2.258  2.971   9.721   0.35 53.02  ?  44  GLN   A CA  1 
ATOM   484  C CA  C GLN   A 1 35  ? -2.160  3.006   9.778   0.14 52.58  ?  44  GLN   A CA  1 
ATOM   485  C CA  D GLN   A 1 35  ? -2.159  3.006   9.778   0.13 52.67  ?  44  GLN   A CA  1 
ATOM   486  C C   A GLN   A 1 35  ? -2.379  4.122   8.707   0.38 53.86  ?  44  GLN   A C   1 
ATOM   487  C C   B GLN   A 1 35  ? -2.380  4.121   8.706   0.35 53.88  ?  44  GLN   A C   1 
ATOM   488  C C   C GLN   A 1 35  ? -2.316  4.178   8.797   0.14 52.83  ?  44  GLN   A C   1 
ATOM   489  C C   D GLN   A 1 35  ? -2.315  4.179   8.797   0.13 52.84  ?  44  GLN   A C   1 
ATOM   490  O O   A GLN   A 1 35  ? -3.452  4.749   8.672   0.38 56.13  ?  44  GLN   A O   1 
ATOM   491  O O   B GLN   A 1 35  ? -3.453  4.747   8.669   0.35 56.05  ?  44  GLN   A O   1 
ATOM   492  O O   C GLN   A 1 35  ? -3.334  4.886   8.892   0.14 53.82  ?  44  GLN   A O   1 
ATOM   493  O O   D GLN   A 1 35  ? -3.333  4.888   8.894   0.13 53.78  ?  44  GLN   A O   1 
ATOM   494  C CB  A GLN   A 1 35  ? -1.380  3.368   10.908  0.38 57.38  ?  44  GLN   A CB  1 
ATOM   495  C CB  B GLN   A 1 35  ? -1.377  3.369   10.907  0.35 57.46  ?  44  GLN   A CB  1 
ATOM   496  C CB  C GLN   A 1 35  ? -1.208  3.379   10.919  0.14 54.35  ?  44  GLN   A CB  1 
ATOM   497  C CB  D GLN   A 1 35  ? -1.206  3.379   10.918  0.13 54.36  ?  44  GLN   A CB  1 
ATOM   498  C CG  A GLN   A 1 35  ? -2.060  4.320   11.880  0.38 62.54  ?  44  GLN   A CG  1 
ATOM   499  C CG  B GLN   A 1 35  ? -2.058  4.320   11.880  0.35 62.50  ?  44  GLN   A CG  1 
ATOM   500  C CG  C GLN   A 1 35  ? -1.891  4.048   12.105  0.14 55.76  ?  44  GLN   A CG  1 
ATOM   501  C CG  D GLN   A 1 35  ? -1.889  4.047   12.105  0.13 55.71  ?  44  GLN   A CG  1 
ATOM   502  C CD  A GLN   A 1 35  ? -3.160  3.638   12.657  0.38 69.79  ?  44  GLN   A CD  1 
ATOM   503  C CD  B GLN   A 1 35  ? -3.159  3.637   12.657  0.35 69.50  ?  44  GLN   A CD  1 
ATOM   504  C CD  C GLN   A 1 35  ? -2.162  3.097   13.247  0.14 57.48  ?  44  GLN   A CD  1 
ATOM   505  C CD  D GLN   A 1 35  ? -2.160  3.097   13.248  0.13 57.36  ?  44  GLN   A CD  1 
ATOM   506  O OE1 A GLN   A 1 35  ? -2.909  2.739   13.461  0.38 77.67  ?  44  GLN   A OE1 1 
ATOM   507  O OE1 B GLN   A 1 35  ? -2.908  2.736   13.458  0.35 77.20  ?  44  GLN   A OE1 1 
ATOM   508  O OE1 C GLN   A 1 35  ? -1.329  2.260   13.599  0.14 56.17  ?  44  GLN   A OE1 1 
ATOM   509  O OE1 D GLN   A 1 35  ? -1.328  2.260   13.601  0.13 56.20  ?  44  GLN   A OE1 1 
ATOM   510  N NE2 A GLN   A 1 35  ? -4.395  4.062   12.425  0.38 67.19  ?  44  GLN   A NE2 1 
ATOM   511  N NE2 B GLN   A 1 35  ? -4.392  4.063   12.428  0.35 67.15  ?  44  GLN   A NE2 1 
ATOM   512  N NE2 C GLN   A 1 35  ? -3.327  3.240   13.863  0.14 59.44  ?  44  GLN   A NE2 1 
ATOM   513  N NE2 D GLN   A 1 35  ? -3.326  3.240   13.864  0.13 59.20  ?  44  GLN   A NE2 1 
ATOM   514  N N   . HIS   A 1 36  ? -1.339  4.379   7.901   1.00 53.33  ?  45  HIS   A N   1 
ATOM   515  C CA  . HIS   A 1 36  ? -1.325  5.513   6.918   1.00 49.50  ?  45  HIS   A CA  1 
ATOM   516  C C   . HIS   A 1 36  ? -2.386  5.324   5.821   1.00 45.37  ?  45  HIS   A C   1 
ATOM   517  O O   . HIS   A 1 36  ? -2.962  6.325   5.357   1.00 44.20  ?  45  HIS   A O   1 
ATOM   518  C CB  . HIS   A 1 36  ? 0.067   5.753   6.295   1.00 46.88  ?  45  HIS   A CB  1 
ATOM   519  C CG  . HIS   A 1 36  ? 1.025   6.472   7.188   1.00 50.02  ?  45  HIS   A CG  1 
ATOM   520  N ND1 . HIS   A 1 36  ? 1.810   5.811   8.131   1.00 53.25  ?  45  HIS   A ND1 1 
ATOM   521  C CD2 . HIS   A 1 36  ? 1.335   7.781   7.298   1.00 49.74  ?  45  HIS   A CD2 1 
ATOM   522  C CE1 . HIS   A 1 36  ? 2.554   6.690   8.778   1.00 52.08  ?  45  HIS   A CE1 1 
ATOM   523  N NE2 . HIS   A 1 36  ? 2.291   7.903   8.276   1.00 50.39  ?  45  HIS   A NE2 1 
ATOM   524  N N   A LEU   A 1 37  ? -2.573  4.070   5.395   0.38 49.37  ?  46  LEU   A N   1 
ATOM   525  N N   B LEU   A 1 37  ? -2.573  4.070   5.395   0.35 49.42  ?  46  LEU   A N   1 
ATOM   526  N N   C LEU   A 1 37  ? -2.697  4.077   5.455   0.14 41.19  ?  46  LEU   A N   1 
ATOM   527  N N   D LEU   A 1 37  ? -2.696  4.077   5.454   0.13 41.23  ?  46  LEU   A N   1 
ATOM   528  C CA  A LEU   A 1 37  ? -3.584  3.650   4.387   0.38 52.05  ?  46  LEU   A CA  1 
ATOM   529  C CA  B LEU   A 1 37  ? -3.585  3.651   4.386   0.35 52.13  ?  46  LEU   A CA  1 
ATOM   530  C CA  C LEU   A 1 37  ? -3.668  3.741   4.372   0.14 38.48  ?  46  LEU   A CA  1 
ATOM   531  C CA  D LEU   A 1 37  ? -3.669  3.740   4.372   0.13 38.56  ?  46  LEU   A CA  1 
ATOM   532  C C   A LEU   A 1 37  ? -4.990  3.939   4.912   0.38 57.26  ?  46  LEU   A C   1 
ATOM   533  C C   B LEU   A 1 37  ? -4.989  3.940   4.912   0.35 57.35  ?  46  LEU   A C   1 
ATOM   534  C C   C LEU   A 1 37  ? -5.098  4.156   4.746   0.14 37.19  ?  46  LEU   A C   1 
ATOM   535  C C   D LEU   A 1 37  ? -5.096  4.155   4.747   0.13 37.28  ?  46  LEU   A C   1 
ATOM   536  O O   A LEU   A 1 37  ? -5.875  4.230   4.096   0.38 61.11  ?  46  LEU   A O   1 
ATOM   537  O O   B LEU   A 1 37  ? -5.873  4.237   4.096   0.35 61.01  ?  46  LEU   A O   1 
ATOM   538  O O   C LEU   A 1 37  ? -5.416  5.358   4.591   0.14 39.48  ?  46  LEU   A O   1 
ATOM   539  O O   D LEU   A 1 37  ? -5.414  5.358   4.591   0.13 39.46  ?  46  LEU   A O   1 
ATOM   540  C CB  A LEU   A 1 37  ? -3.420  2.157   4.091   0.38 51.33  ?  46  LEU   A CB  1 
ATOM   541  C CB  B LEU   A 1 37  ? -3.420  2.158   4.091   0.35 51.38  ?  46  LEU   A CB  1 
ATOM   542  C CB  C LEU   A 1 37  ? -3.615  2.235   4.121   0.14 37.55  ?  46  LEU   A CB  1 
ATOM   543  C CB  D LEU   A 1 37  ? -3.615  2.234   4.120   0.13 37.61  ?  46  LEU   A CB  1 
ATOM   544  C CG  A LEU   A 1 37  ? -2.287  1.811   3.132   0.38 50.03  ?  46  LEU   A CG  1 
ATOM   545  C CG  B LEU   A 1 37  ? -2.287  1.811   3.131   0.35 50.11  ?  46  LEU   A CG  1 
ATOM   546  C CG  C LEU   A 1 37  ? -2.433  1.782   3.276   0.14 36.74  ?  46  LEU   A CG  1 
ATOM   547  C CG  D LEU   A 1 37  ? -2.431  1.781   3.276   0.13 36.82  ?  46  LEU   A CG  1 
ATOM   548  C CD1 A LEU   A 1 37  ? -1.951  0.329   3.193   0.38 50.71  ?  46  LEU   A CD1 1 
ATOM   549  C CD1 B LEU   A 1 37  ? -1.951  0.329   3.193   0.35 50.73  ?  46  LEU   A CD1 1 
ATOM   550  C CD1 C LEU   A 1 37  ? -2.264  0.276   3.352   0.14 36.82  ?  46  LEU   A CD1 1 
ATOM   551  C CD1 D LEU   A 1 37  ? -2.262  0.275   3.351   0.13 36.87  ?  46  LEU   A CD1 1 
ATOM   552  C CD2 A LEU   A 1 37  ? -2.649  2.229   1.715   0.38 49.52  ?  46  LEU   A CD2 1 
ATOM   553  C CD2 B LEU   A 1 37  ? -2.648  2.228   1.714   0.35 49.61  ?  46  LEU   A CD2 1 
ATOM   554  C CD2 C LEU   A 1 37  ? -2.604  2.243   1.837   0.14 36.32  ?  46  LEU   A CD2 1 
ATOM   555  C CD2 D LEU   A 1 37  ? -2.603  2.243   1.837   0.13 36.40  ?  46  LEU   A CD2 1 
ATOM   556  N N   A LYS   A 1 38  ? -5.182  3.821   6.224   0.38 69.19  ?  47  LYS   A N   1 
ATOM   557  N N   B LYS   A 1 38  ? -5.182  3.819   6.224   0.35 68.96  ?  47  LYS   A N   1 
ATOM   558  N N   C LYS   A 1 38  ? -5.366  3.716   6.808   0.14 7.29   ?  47  LYS   A N   1 
ATOM   559  N N   D LYS   A 1 38  ? -5.362  3.707   6.820   0.13 7.28   ?  47  LYS   A N   1 
ATOM   560  C CA  A LYS   A 1 38  ? -6.469  4.113   6.902   0.38 74.68  ?  47  LYS   A CA  1 
ATOM   561  C CA  B LYS   A 1 38  ? -6.469  4.113   6.902   0.35 74.38  ?  47  LYS   A CA  1 
ATOM   562  C CA  C LYS   A 1 38  ? -6.751  3.869   7.362   0.14 6.95   ?  47  LYS   A CA  1 
ATOM   563  C CA  D LYS   A 1 38  ? -6.748  3.862   7.366   0.13 6.94   ?  47  LYS   A CA  1 
ATOM   564  C C   A LYS   A 1 38  ? -6.633  5.640   6.967   0.38 68.33  ?  47  LYS   A C   1 
ATOM   565  C C   B LYS   A 1 38  ? -6.632  5.640   6.967   0.35 68.18  ?  47  LYS   A C   1 
ATOM   566  C C   C LYS   A 1 38  ? -7.092  5.354   7.537   0.14 7.37   ?  47  LYS   A C   1 
ATOM   567  C C   D LYS   A 1 38  ? -7.090  5.347   7.537   0.13 7.36   ?  47  LYS   A C   1 
ATOM   568  O O   A LYS   A 1 38  ? -7.717  6.109   6.574   0.38 80.62  ?  47  LYS   A O   1 
ATOM   569  O O   B LYS   A 1 38  ? -7.717  6.109   6.572   0.35 80.01  ?  47  LYS   A O   1 
ATOM   570  O O   C LYS   A 1 38  ? -7.796  6.019   6.750   0.14 7.60   ?  47  LYS   A O   1 
ATOM   571  O O   D LYS   A 1 38  ? -7.802  6.004   6.754   0.13 7.59   ?  47  LYS   A O   1 
ATOM   572  C CB  A LYS   A 1 38  ? -6.514  3.400   8.261   0.38 83.94  ?  47  LYS   A CB  1 
ATOM   573  C CB  B LYS   A 1 38  ? -6.513  3.399   8.262   0.35 83.53  ?  47  LYS   A CB  1 
ATOM   574  C CB  C LYS   A 1 38  ? -6.820  3.138   8.673   0.14 6.59   ?  47  LYS   A CB  1 
ATOM   575  C CB  D LYS   A 1 38  ? -6.824  3.134   8.680   0.13 6.58   ?  47  LYS   A CB  1 
ATOM   576  C CG  A LYS   A 1 38  ? -7.783  3.593   9.086   0.38 88.28  ?  47  LYS   A CG  1 
ATOM   577  C CG  B LYS   A 1 38  ? -7.782  3.594   9.086   0.35 87.99  ?  47  LYS   A CG  1 
ATOM   578  C CD  A LYS   A 1 38  ? -7.488  3.950   10.531  0.38 95.01  ?  47  LYS   A CD  1 
ATOM   579  C CD  B LYS   A 1 38  ? -7.487  3.950   10.531  0.35 94.61  ?  47  LYS   A CD  1 
ATOM   580  C CE  A LYS   A 1 38  ? -8.678  4.505   11.284  0.38 98.40  ?  47  LYS   A CE  1 
ATOM   581  C CE  B LYS   A 1 38  ? -8.678  4.504   11.285  0.35 98.02  ?  47  LYS   A CE  1 
ATOM   582  N NZ  A LYS   A 1 38  ? -9.321  3.473   12.131  0.38 102.00 ?  47  LYS   A NZ  1 
ATOM   583  N NZ  B LYS   A 1 38  ? -9.322  3.472   12.131  0.35 101.53 ?  47  LYS   A NZ  1 
ATOM   584  N N   . ASP   A 1 39  ? -5.604  6.399   7.383   1.00 56.68  ?  48  ASP   A N   1 
ATOM   585  C CA  . ASP   A 1 39  ? -5.727  7.876   7.567   1.00 53.57  ?  48  ASP   A CA  1 
ATOM   586  C C   . ASP   A 1 39  ? -5.647  8.586   6.215   1.00 48.26  ?  48  ASP   A C   1 
ATOM   587  O O   . ASP   A 1 39  ? -5.727  9.813   6.206   1.00 50.19  ?  48  ASP   A O   1 
ATOM   588  C CB  . ASP   A 1 39  ? -4.664  8.429   8.518   1.00 56.01  ?  48  ASP   A CB  1 
ATOM   589  C CG  . ASP   A 1 39  ? -4.579  7.672   9.836   1.00 62.47  ?  48  ASP   A CG  1 
ATOM   590  O OD1 . ASP   A 1 39  ? -5.644  7.222   10.331  1.00 65.94  ?  48  ASP   A OD1 1 
ATOM   591  O OD2 . ASP   A 1 39  ? -3.442  7.505   10.343  1.00 63.50  ?  48  ASP   A OD2 1 
ATOM   592  N N   . GLY   A 1 40  ? -5.462  7.851   5.123   1.00 45.81  ?  49  GLY   A N   1 
ATOM   593  C CA  . GLY   A 1 40  ? -5.258  8.418   3.777   1.00 49.41  ?  49  GLY   A CA  1 
ATOM   594  C C   . GLY   A 1 40  ? -4.024  9.300   3.723   1.00 44.07  ?  49  GLY   A C   1 
ATOM   595  O O   . GLY   A 1 40  ? -4.091  10.361  3.106   1.00 45.79  ?  49  GLY   A O   1 
ATOM   596  N N   . THR   A 1 41  ? -2.962  8.879   4.396   1.00 40.16  ?  50  THR   A N   1 
ATOM   597  C CA  . THR   A 1 41  ? -1.651  9.557   4.455   1.00 38.52  ?  50  THR   A CA  1 
ATOM   598  C C   . THR   A 1 41  ? -0.576  8.604   3.919   1.00 36.14  ?  50  THR   A C   1 
ATOM   599  O O   . THR   A 1 41  ? 0.553   8.692   4.377   1.00 35.08  ?  50  THR   A O   1 
ATOM   600  C CB  . THR   A 1 41  ? -1.362  10.030  5.881   1.00 40.51  ?  50  THR   A CB  1 
ATOM   601  O OG1 . THR   A 1 41  ? -1.410  8.889   6.744   1.00 43.26  ?  50  THR   A OG1 1 
ATOM   602  C CG2 . THR   A 1 41  ? -2.322  11.107  6.337   1.00 42.63  ?  50  THR   A CG2 1 
ATOM   603  N N   . CYS   A 1 42  ? -0.922  7.748   2.960   1.00 37.22  ?  51  CYS   A N   1 
ATOM   604  C CA  . CYS   A 1 42  ? -0.011  6.754   2.333   1.00 36.73  ?  51  CYS   A CA  1 
ATOM   605  C C   . CYS   A 1 42  ? 0.175   7.103   0.852   1.00 35.13  ?  51  CYS   A C   1 
ATOM   606  O O   . CYS   A 1 42  ? -0.832  7.343   0.139   1.00 38.76  ?  51  CYS   A O   1 
ATOM   607  C CB  . CYS   A 1 42  ? -0.552  5.338   2.511   1.00 37.79  ?  51  CYS   A CB  1 
ATOM   608  S SG  . CYS   A 1 42  ? 0.627   4.050   2.042   1.00 40.76  ?  51  CYS   A SG  1 
ATOM   609  N N   . GLY   A 1 43  ? 1.424   7.169   0.397   1.00 36.42  ?  52  GLY   A N   1 
ATOM   610  C CA  . GLY   A 1 43  ? 1.753   7.367   -1.026  1.00 33.80  ?  52  GLY   A CA  1 
ATOM   611  C C   . GLY   A 1 43  ? 2.347   6.103   -1.610  1.00 35.28  ?  52  GLY   A C   1 
ATOM   612  O O   . GLY   A 1 43  ? 2.616   5.146   -0.837  1.00 37.25  ?  52  GLY   A O   1 
ATOM   613  N N   . LEU   A 1 44  ? 2.542   6.104   -2.920  1.00 37.08  ?  53  LEU   A N   1 
ATOM   614  C CA  . LEU   A 1 44  ? 3.066   4.967   -3.710  1.00 39.61  ?  53  LEU   A CA  1 
ATOM   615  C C   . LEU   A 1 44  ? 4.173   5.467   -4.633  1.00 37.67  ?  53  LEU   A C   1 
ATOM   616  O O   . LEU   A 1 44  ? 3.951   6.425   -5.391  1.00 35.27  ?  53  LEU   A O   1 
ATOM   617  C CB  . LEU   A 1 44  ? 1.934   4.381   -4.553  1.00 42.62  ?  53  LEU   A CB  1 
ATOM   618  C CG  . LEU   A 1 44  ? 2.306   3.144   -5.356  1.00 45.39  ?  53  LEU   A CG  1 
ATOM   619  C CD1 . LEU   A 1 44  ? 2.647   2.024   -4.401  1.00 47.35  ?  53  LEU   A CD1 1 
ATOM   620  C CD2 . LEU   A 1 44  ? 1.176   2.730   -6.283  1.00 49.00  ?  53  LEU   A CD2 1 
ATOM   621  N N   . VAL   A 1 45  ? 5.317   4.806   -4.595  1.00 39.87  ?  54  VAL   A N   1 
ATOM   622  C CA  . VAL   A 1 45  ? 6.451   5.085   -5.515  1.00 41.27  ?  54  VAL   A CA  1 
ATOM   623  C C   . VAL   A 1 45  ? 6.628   3.847   -6.385  1.00 38.54  ?  54  VAL   A C   1 
ATOM   624  O O   . VAL   A 1 45  ? 6.702   2.740   -5.839  1.00 36.75  ?  54  VAL   A O   1 
ATOM   625  C CB  . VAL   A 1 45  ? 7.729   5.412   -4.732  1.00 39.21  ?  54  VAL   A CB  1 
ATOM   626  C CG1 . VAL   A 1 45  ? 8.888   5.723   -5.667  1.00 39.63  ?  54  VAL   A CG1 1 
ATOM   627  C CG2 . VAL   A 1 45  ? 7.472   6.541   -3.760  1.00 40.75  ?  54  VAL   A CG2 1 
ATOM   628  N N   . GLU   A 1 46  ? 6.628   4.038   -7.691  1.00 41.17  ?  55  GLU   A N   1 
ATOM   629  C CA  . GLU   A 1 46  ? 6.759   2.941   -8.675  1.00 47.31  ?  55  GLU   A CA  1 
ATOM   630  C C   . GLU   A 1 46  ? 8.217   2.500   -8.710  1.00 47.93  ?  55  GLU   A C   1 
ATOM   631  O O   . GLU   A 1 46  ? 9.097   3.377   -8.761  1.00 42.91  ?  55  GLU   A O   1 
ATOM   632  C CB  . GLU   A 1 46  ? 6.207   3.432   -10.007 1.00 48.15  ?  55  GLU   A CB  1 
ATOM   633  C CG  . GLU   A 1 46  ? 4.716   3.611   -9.914  1.00 51.72  ?  55  GLU   A CG  1 
ATOM   634  C CD  . GLU   A 1 46  ? 4.049   3.922   -11.218 1.00 52.54  ?  55  GLU   A CD  1 
ATOM   635  O OE1 . GLU   A 1 46  ? 4.655   4.621   -12.049 1.00 65.91  ?  55  GLU   A OE1 1 
ATOM   636  O OE2 . GLU   A 1 46  ? 2.942   3.446   -11.388 1.00 59.56  ?  55  GLU   A OE2 1 
ATOM   637  N N   . VAL   A 1 47  ? 8.456   1.193   -8.652  1.00 53.05  ?  56  VAL   A N   1 
ATOM   638  C CA  . VAL   A 1 47  ? 9.837   0.633   -8.543  1.00 60.08  ?  56  VAL   A CA  1 
ATOM   639  C C   . VAL   A 1 47  ? 10.501  0.556   -9.925  1.00 63.72  ?  56  VAL   A C   1 
ATOM   640  O O   . VAL   A 1 47  ? 10.010  -0.221  -10.774 1.00 62.10  ?  56  VAL   A O   1 
ATOM   641  C CB  . VAL   A 1 47  ? 9.816   -0.733  -7.851  1.00 56.06  ?  56  VAL   A CB  1 
ATOM   642  C CG1 . VAL   A 1 47  ? 11.197  -1.376  -7.841  1.00 57.29  ?  56  VAL   A CG1 1 
ATOM   643  C CG2 . VAL   A 1 47  ? 9.249   -0.576  -6.450  1.00 57.78  ?  56  VAL   A CG2 1 
ATOM   644  N N   . GLU   A 1 48  ? 11.544  1.368   -10.138 1.00 69.04  ?  57  GLU   A N   1 
ATOM   645  C CA  . GLU   A 1 48  ? 12.444  1.344   -11.321 1.00 63.44  ?  57  GLU   A CA  1 
ATOM   646  C C   . GLU   A 1 48  ? 13.898  1.228   -10.868 1.00 61.91  ?  57  GLU   A C   1 
ATOM   647  O O   . GLU   A 1 48  ? 14.167  1.411   -9.665  1.00 53.73  ?  57  GLU   A O   1 
ATOM   648  C CB  . GLU   A 1 48  ? 12.303  2.635   -12.115 1.00 69.68  ?  57  GLU   A CB  1 
ATOM   649  C CG  . GLU   A 1 48  ? 11.078  2.655   -12.987 1.00 81.69  ?  57  GLU   A CG  1 
ATOM   650  C CD  . GLU   A 1 48  ? 11.060  3.789   -13.996 1.00 93.71  ?  57  GLU   A CD  1 
ATOM   651  O OE1 . GLU   A 1 48  ? 11.554  4.893   -13.643 1.00 97.90  ?  57  GLU   A OE1 1 
ATOM   652  O OE2 . GLU   A 1 48  ? 10.575  3.558   -15.136 1.00 91.48  ?  57  GLU   A OE2 1 
ATOM   653  N N   . LYS   A 1 49  ? 14.792  0.938   -11.817 1.00 65.30  ?  58  LYS   A N   1 
ATOM   654  C CA  . LYS   A 1 49  ? 16.253  1.179   -11.709 1.00 68.73  ?  58  LYS   A CA  1 
ATOM   655  C C   . LYS   A 1 49  ? 16.477  2.444   -10.875 1.00 63.15  ?  58  LYS   A C   1 
ATOM   656  O O   . LYS   A 1 49  ? 16.023  3.517   -11.314 1.00 72.36  ?  58  LYS   A O   1 
ATOM   657  C CB  . LYS   A 1 49  ? 16.876  1.401   -13.095 1.00 78.49  ?  58  LYS   A CB  1 
ATOM   658  C CG  . LYS   A 1 49  ? 16.967  0.177   -14.004 1.00 92.57  ?  58  LYS   A CG  1 
ATOM   659  C CD  . LYS   A 1 49  ? 17.759  -0.994  -13.416 1.00 104.53 ?  58  LYS   A CD  1 
ATOM   660  C CE  . LYS   A 1 49  ? 18.719  -1.652  -14.394 1.00 107.16 ?  58  LYS   A CE  1 
ATOM   661  N NZ  . LYS   A 1 49  ? 18.025  -2.383  -15.483 1.00 106.84 ?  58  LYS   A NZ  1 
ATOM   662  N N   . GLY   A 1 50  ? 17.128  2.321   -9.721  1.00 51.11  ?  59  GLY   A N   1 
ATOM   663  C CA  . GLY   A 1 50  ? 17.630  3.472   -8.947  1.00 54.62  ?  59  GLY   A CA  1 
ATOM   664  C C   . GLY   A 1 50  ? 16.714  3.901   -7.813  1.00 53.97  ?  59  GLY   A C   1 
ATOM   665  O O   . GLY   A 1 50  ? 17.183  4.668   -6.953  1.00 54.81  ?  59  GLY   A O   1 
ATOM   666  N N   . VAL   A 1 51  ? 15.470  3.410   -7.794  1.00 51.33  ?  60  VAL   A N   1 
ATOM   667  C CA  . VAL   A 1 51  ? 14.383  3.877   -6.890  1.00 47.16  ?  60  VAL   A CA  1 
ATOM   668  C C   . VAL   A 1 51  ? 14.571  3.276   -5.491  1.00 48.33  ?  60  VAL   A C   1 
ATOM   669  O O   . VAL   A 1 51  ? 14.474  4.045   -4.500  1.00 51.87  ?  60  VAL   A O   1 
ATOM   670  C CB  . VAL   A 1 51  ? 12.997  3.569   -7.493  1.00 50.34  ?  60  VAL   A CB  1 
ATOM   671  C CG1 . VAL   A 1 51  ? 11.887  3.506   -6.453  1.00 50.29  ?  60  VAL   A CG1 1 
ATOM   672  C CG2 . VAL   A 1 51  ? 12.652  4.569   -8.589  1.00 47.68  ?  60  VAL   A CG2 1 
ATOM   673  N N   . LEU   A 1 52  ? 14.845  1.979   -5.360  1.00 41.88  ?  61  LEU   A N   1 
ATOM   674  C CA  . LEU   A 1 52  ? 14.875  1.387   -3.997  1.00 46.89  ?  61  LEU   A CA  1 
ATOM   675  C C   . LEU   A 1 52  ? 16.053  1.903   -3.179  1.00 45.26  ?  61  LEU   A C   1 
ATOM   676  O O   . LEU   A 1 52  ? 15.893  2.129   -1.978  1.00 47.92  ?  61  LEU   A O   1 
ATOM   677  C CB  . LEU   A 1 52  ? 14.858  -0.139  -4.072  1.00 54.39  ?  61  LEU   A CB  1 
ATOM   678  C CG  . LEU   A 1 52  ? 13.525  -0.754  -4.500  1.00 57.87  ?  61  LEU   A CG  1 
ATOM   679  C CD1 . LEU   A 1 52  ? 13.644  -2.271  -4.564  1.00 60.87  ?  61  LEU   A CD1 1 
ATOM   680  C CD2 . LEU   A 1 52  ? 12.389  -0.346  -3.564  1.00 60.56  ?  61  LEU   A CD2 1 
ATOM   681  N N   . PRO   A 1 53  ? 17.271  2.073   -3.754  1.00 47.64  ?  62  PRO   A N   1 
ATOM   682  C CA  . PRO   A 1 53  ? 18.412  2.623   -3.008  1.00 49.37  ?  62  PRO   A CA  1 
ATOM   683  C C   . PRO   A 1 53  ? 18.163  4.014   -2.416  1.00 46.95  ?  62  PRO   A C   1 
ATOM   684  O O   . PRO   A 1 53  ? 18.834  4.340   -1.470  1.00 50.03  ?  62  PRO   A O   1 
ATOM   685  C CB  . PRO   A 1 53  ? 19.557  2.683   -4.030  1.00 44.30  ?  62  PRO   A CB  1 
ATOM   686  C CG  . PRO   A 1 53  ? 19.185  1.578   -4.983  1.00 48.79  ?  62  PRO   A CG  1 
ATOM   687  C CD  . PRO   A 1 53  ? 17.671  1.673   -5.111  1.00 48.31  ?  62  PRO   A CD  1 
ATOM   688  N N   . GLN   A 1 54  ? 17.203  4.757   -2.966  1.00 46.92  ?  63  GLN   A N   1 
ATOM   689  C CA  . GLN   A 1 54  ? 16.831  6.105   -2.481  1.00 46.81  ?  63  GLN   A CA  1 
ATOM   690  C C   . GLN   A 1 54  ? 15.786  6.022   -1.363  1.00 50.96  ?  63  GLN   A C   1 
ATOM   691  O O   . GLN   A 1 54  ? 15.392  7.099   -0.871  1.00 47.29  ?  63  GLN   A O   1 
ATOM   692  C CB  . GLN   A 1 54  ? 16.308  6.942   -3.642  1.00 48.63  ?  63  GLN   A CB  1 
ATOM   693  C CG  . GLN   A 1 54  ? 17.356  7.153   -4.722  1.00 49.50  ?  63  GLN   A CG  1 
ATOM   694  C CD  . GLN   A 1 54  ? 16.960  8.252   -5.673  1.00 51.14  ?  63  GLN   A CD  1 
ATOM   695  O OE1 . GLN   A 1 54  ? 16.909  9.421   -5.292  1.00 54.32  ?  63  GLN   A OE1 1 
ATOM   696  N NE2 . GLN   A 1 54  ? 16.703  7.891   -6.922  1.00 48.13  ?  63  GLN   A NE2 1 
ATOM   697  N N   . LEU   A 1 55  ? 15.359  4.817   -0.962  1.00 50.23  ?  64  LEU   A N   1 
ATOM   698  C CA  . LEU   A 1 55  ? 14.297  4.637   0.068   1.00 48.09  ?  64  LEU   A CA  1 
ATOM   699  C C   . LEU   A 1 55  ? 14.850  3.817   1.234   1.00 44.78  ?  64  LEU   A C   1 
ATOM   700  O O   . LEU   A 1 55  ? 15.789  3.070   1.035   1.00 47.08  ?  64  LEU   A O   1 
ATOM   701  C CB  . LEU   A 1 55  ? 13.066  3.972   -0.566  1.00 49.55  ?  64  LEU   A CB  1 
ATOM   702  C CG  . LEU   A 1 55  ? 12.353  4.785   -1.653  1.00 50.98  ?  64  LEU   A CG  1 
ATOM   703  C CD1 . LEU   A 1 55  ? 11.242  3.976   -2.302  1.00 51.12  ?  64  LEU   A CD1 1 
ATOM   704  C CD2 . LEU   A 1 55  ? 11.791  6.084   -1.099  1.00 50.29  ?  64  LEU   A CD2 1 
ATOM   705  N N   . GLU   A 1 56  ? 14.226  3.925   2.399   1.00 46.46  ?  65  GLU   A N   1 
ATOM   706  C CA  . GLU   A 1 56  ? 14.691  3.276   3.645   1.00 50.26  ?  65  GLU   A CA  1 
ATOM   707  C C   . GLU   A 1 56  ? 14.036  1.899   3.801   1.00 50.33  ?  65  GLU   A C   1 
ATOM   708  O O   . GLU   A 1 56  ? 12.801  1.759   3.626   1.00 49.25  ?  65  GLU   A O   1 
ATOM   709  C CB  . GLU   A 1 56  ? 14.460  4.237   4.812   1.00 50.27  ?  65  GLU   A CB  1 
ATOM   710  C CG  . GLU   A 1 56  ? 15.379  5.445   4.699   1.00 62.37  ?  65  GLU   A CG  1 
ATOM   711  C CD  . GLU   A 1 56  ? 15.117  6.609   5.638   1.00 71.44  ?  65  GLU   A CD  1 
ATOM   712  O OE1 . GLU   A 1 56  ? 14.066  6.610   6.311   1.00 75.29  ?  65  GLU   A OE1 1 
ATOM   713  O OE2 . GLU   A 1 56  ? 15.972  7.525   5.679   1.00 76.03  ?  65  GLU   A OE2 1 
ATOM   714  N N   . GLN   A 1 57  ? 14.870  0.913   4.109   1.00 52.09  ?  66  GLN   A N   1 
ATOM   715  C CA  . GLN   A 1 57  ? 14.445  -0.448  4.499   1.00 51.58  ?  66  GLN   A CA  1 
ATOM   716  C C   . GLN   A 1 57  ? 14.096  -0.420  5.977   1.00 51.42  ?  66  GLN   A C   1 
ATOM   717  O O   . GLN   A 1 57  ? 14.618  0.405   6.720   1.00 57.08  ?  66  GLN   A O   1 
ATOM   718  C CB  . GLN   A 1 57  ? 15.556  -1.460  4.260   1.00 57.79  ?  66  GLN   A CB  1 
ATOM   719  C CG  . GLN   A 1 57  ? 15.823  -1.749  2.796   1.00 63.41  ?  66  GLN   A CG  1 
ATOM   720  C CD  . GLN   A 1 57  ? 16.829  -2.866  2.663   1.00 64.18  ?  66  GLN   A CD  1 
ATOM   721  O OE1 . GLN   A 1 57  ? 16.688  -3.931  3.265   1.00 64.22  ?  66  GLN   A OE1 1 
ATOM   722  N NE2 . GLN   A 1 57  ? 17.864  -2.620  1.880   1.00 68.17  ?  66  GLN   A NE2 1 
ATOM   723  N N   . PRO   A 1 58  ? 13.180  -1.292  6.437   1.00 47.14  ?  67  PRO   A N   1 
ATOM   724  C CA  . PRO   A 1 58  ? 12.434  -2.164  5.528   1.00 50.99  ?  67  PRO   A CA  1 
ATOM   725  C C   . PRO   A 1 58  ? 11.457  -1.433  4.571   1.00 51.90  ?  67  PRO   A C   1 
ATOM   726  O O   . PRO   A 1 58  ? 10.846  -0.404  4.925   1.00 48.80  ?  67  PRO   A O   1 
ATOM   727  C CB  . PRO   A 1 58  ? 11.664  -3.128  6.461   1.00 53.29  ?  67  PRO   A CB  1 
ATOM   728  C CG  . PRO   A 1 58  ? 12.144  -2.821  7.886   1.00 53.87  ?  67  PRO   A CG  1 
ATOM   729  C CD  . PRO   A 1 58  ? 12.810  -1.463  7.849   1.00 50.16  ?  67  PRO   A CD  1 
ATOM   730  N N   . TYR   A 1 59  ? 11.335  -1.986  3.360   1.00 50.08  ?  68  TYR   A N   1 
ATOM   731  C CA  . TYR   A 1 59  ? 10.339  -1.616  2.327   1.00 52.73  ?  68  TYR   A CA  1 
ATOM   732  C C   . TYR   A 1 59  ? 8.983   -2.227  2.669   1.00 55.57  ?  68  TYR   A C   1 
ATOM   733  O O   . TYR   A 1 59  ? 8.923   -3.270  3.318   1.00 55.45  ?  68  TYR   A O   1 
ATOM   734  C CB  . TYR   A 1 59  ? 10.773  -2.092  0.940   1.00 51.94  ?  68  TYR   A CB  1 
ATOM   735  C CG  . TYR   A 1 59  ? 12.153  -1.623  0.559   1.00 57.51  ?  68  TYR   A CG  1 
ATOM   736  C CD1 . TYR   A 1 59  ? 12.538  -0.302  0.762   1.00 53.36  ?  68  TYR   A CD1 1 
ATOM   737  C CD2 . TYR   A 1 59  ? 13.094  -2.504  0.042   1.00 56.40  ?  68  TYR   A CD2 1 
ATOM   738  C CE1 . TYR   A 1 59  ? 13.807  0.139   0.427   1.00 56.94  ?  68  TYR   A CE1 1 
ATOM   739  C CE2 . TYR   A 1 59  ? 14.364  -2.075  -0.303  1.00 59.17  ?  68  TYR   A CE2 1 
ATOM   740  C CZ  . TYR   A 1 59  ? 14.724  -0.752  -0.107  1.00 61.39  ?  68  TYR   A CZ  1 
ATOM   741  O OH  . TYR   A 1 59  ? 15.980  -0.327  -0.427  1.00 60.62  ?  68  TYR   A OH  1 
ATOM   742  N N   . VAL   A 1 60  ? 7.917   -1.558  2.247   1.00 51.48  ?  69  VAL   A N   1 
ATOM   743  C CA  . VAL   A 1 60  ? 6.561   -2.155  2.161   1.00 48.73  ?  69  VAL   A CA  1 
ATOM   744  C C   . VAL   A 1 60  ? 6.139   -1.997  0.715   1.00 48.91  ?  69  VAL   A C   1 
ATOM   745  O O   . VAL   A 1 60  ? 6.060   -0.843  0.254   1.00 41.50  ?  69  VAL   A O   1 
ATOM   746  C CB  . VAL   A 1 60  ? 5.531   -1.488  3.083   1.00 45.19  ?  69  VAL   A CB  1 
ATOM   747  C CG1 . VAL   A 1 60  ? 4.184   -2.152  2.906   1.00 46.72  ?  69  VAL   A CG1 1 
ATOM   748  C CG2 . VAL   A 1 60  ? 5.974   -1.479  4.529   1.00 41.27  ?  69  VAL   A CG2 1 
ATOM   749  N N   . PHE   A 1 61  ? 5.894   -3.118  0.051   1.00 48.65  ?  70  PHE   A N   1 
ATOM   750  C CA  . PHE   A 1 61  ? 5.354   -3.152  -1.324  1.00 49.84  ?  70  PHE   A CA  1 
ATOM   751  C C   . PHE   A 1 61  ? 3.867   -3.479  -1.268  1.00 48.87  ?  70  PHE   A C   1 
ATOM   752  O O   . PHE   A 1 61  ? 3.420   -4.148  -0.324  1.00 49.15  ?  70  PHE   A O   1 
ATOM   753  C CB  . PHE   A 1 61  ? 6.055   -4.235  -2.149  1.00 52.36  ?  70  PHE   A CB  1 
ATOM   754  C CG  . PHE   A 1 61  ? 7.551   -4.098  -2.271  1.00 49.94  ?  70  PHE   A CG  1 
ATOM   755  C CD1 . PHE   A 1 61  ? 8.112   -3.218  -3.185  1.00 52.05  ?  70  PHE   A CD1 1 
ATOM   756  C CD2 . PHE   A 1 61  ? 8.403   -4.870  -1.504  1.00 48.39  ?  70  PHE   A CD2 1 
ATOM   757  C CE1 . PHE   A 1 61  ? 9.487   -3.097  -3.313  1.00 51.76  ?  70  PHE   A CE1 1 
ATOM   758  C CE2 . PHE   A 1 61  ? 9.778   -4.753  -1.640  1.00 47.22  ?  70  PHE   A CE2 1 
ATOM   759  C CZ  . PHE   A 1 61  ? 10.323  -3.876  -2.544  1.00 48.24  ?  70  PHE   A CZ  1 
ATOM   760  N N   A ILE   A 1 62  ? 3.116   -2.975  -2.247  0.38 48.41  ?  71  ILE   A N   1 
ATOM   761  N N   B ILE   A 1 62  ? 3.116   -2.974  -2.246  0.35 48.54  ?  71  ILE   A N   1 
ATOM   762  N N   C ILE   A 1 62  ? 3.116   -3.005  -2.266  0.14 50.05  ?  71  ILE   A N   1 
ATOM   763  N N   D ILE   A 1 62  ? 3.116   -3.004  -2.265  0.13 50.14  ?  71  ILE   A N   1 
ATOM   764  C CA  A ILE   A 1 62  ? 1.801   -3.547  -2.653  0.38 51.26  ?  71  ILE   A CA  1 
ATOM   765  C CA  B ILE   A 1 62  ? 1.800   -3.547  -2.653  0.35 51.31  ?  71  ILE   A CA  1 
ATOM   766  C CA  C ILE   A 1 62  ? 1.778   -3.554  -2.636  0.14 52.04  ?  71  ILE   A CA  1 
ATOM   767  C CA  D ILE   A 1 62  ? 1.778   -3.554  -2.636  0.13 52.08  ?  71  ILE   A CA  1 
ATOM   768  C C   A ILE   A 1 62  ? 2.075   -4.425  -3.877  0.38 53.60  ?  71  ILE   A C   1 
ATOM   769  C C   B ILE   A 1 62  ? 2.076   -4.426  -3.877  0.35 53.60  ?  71  ILE   A C   1 
ATOM   770  C C   C ILE   A 1 62  ? 1.974   -4.401  -3.900  0.14 53.99  ?  71  ILE   A C   1 
ATOM   771  C C   D ILE   A 1 62  ? 1.976   -4.401  -3.899  0.13 53.98  ?  71  ILE   A C   1 
ATOM   772  O O   A ILE   A 1 62  ? 2.711   -3.924  -4.835  0.38 51.51  ?  71  ILE   A O   1 
ATOM   773  O O   B ILE   A 1 62  ? 2.712   -3.925  -4.833  0.35 51.60  ?  71  ILE   A O   1 
ATOM   774  O O   C ILE   A 1 62  ? 2.423   -3.841  -4.923  0.14 53.50  ?  71  ILE   A O   1 
ATOM   775  O O   D ILE   A 1 62  ? 2.426   -3.843  -4.922  0.13 53.54  ?  71  ILE   A O   1 
ATOM   776  C CB  A ILE   A 1 62  ? 0.715   -2.480  -2.917  0.38 50.91  ?  71  ILE   A CB  1 
ATOM   777  C CB  B ILE   A 1 62  ? 0.715   -2.480  -2.919  0.35 51.01  ?  71  ILE   A CB  1 
ATOM   778  C CB  C ILE   A 1 62  ? 0.687   -2.474  -2.818  0.14 51.75  ?  71  ILE   A CB  1 
ATOM   779  C CB  D ILE   A 1 62  ? 0.687   -2.474  -2.818  0.13 51.83  ?  71  ILE   A CB  1 
ATOM   780  C CG1 A ILE   A 1 62  ? 1.225   -1.299  -3.745  0.38 54.48  ?  71  ILE   A CG1 1 
ATOM   781  C CG1 B ILE   A 1 62  ? 1.225   -1.299  -3.745  0.35 54.40  ?  71  ILE   A CG1 1 
ATOM   782  C CG1 C ILE   A 1 62  ? 1.210   -1.189  -3.465  0.14 52.83  ?  71  ILE   A CG1 1 
ATOM   783  C CG1 D ILE   A 1 62  ? 1.210   -1.189  -3.466  0.13 52.81  ?  71  ILE   A CG1 1 
ATOM   784  C CG2 A ILE   A 1 62  ? 0.092   -2.011  -1.619  0.38 51.73  ?  71  ILE   A CG2 1 
ATOM   785  C CG2 B ILE   A 1 62  ? 0.092   -2.011  -1.619  0.35 51.76  ?  71  ILE   A CG2 1 
ATOM   786  C CG2 C ILE   A 1 62  ? -0.012  -2.188  -1.498  0.14 52.39  ?  71  ILE   A CG2 1 
ATOM   787  C CG2 D ILE   A 1 62  ? -0.011  -2.187  -1.499  0.13 52.39  ?  71  ILE   A CG2 1 
ATOM   788  C CD1 A ILE   A 1 62  ? 0.121   -0.541  -4.451  0.38 56.35  ?  71  ILE   A CD1 1 
ATOM   789  C CD1 B ILE   A 1 62  ? 0.123   -0.541  -4.453  0.35 56.19  ?  71  ILE   A CD1 1 
ATOM   790  C CD1 C ILE   A 1 62  ? 0.182   -0.490  -4.326  0.14 53.69  ?  71  ILE   A CD1 1 
ATOM   791  C CD1 D ILE   A 1 62  ? 0.183   -0.489  -4.328  0.13 53.60  ?  71  ILE   A CD1 1 
ATOM   792  N N   . LYS   A 1 63  ? 1.673   -5.701  -3.805  1.00 56.11  ?  72  LYS   A N   1 
ATOM   793  C CA  . LYS   A 1 63  ? 1.822   -6.685  -4.911  1.00 57.61  ?  72  LYS   A CA  1 
ATOM   794  C C   . LYS   A 1 63  ? 0.440   -7.172  -5.352  1.00 58.38  ?  72  LYS   A C   1 
ATOM   795  O O   . LYS   A 1 63  ? -0.445  -7.263  -4.485  1.00 54.55  ?  72  LYS   A O   1 
ATOM   796  C CB  . LYS   A 1 63  ? 2.662   -7.847  -4.403  1.00 62.71  ?  72  LYS   A CB  1 
ATOM   797  C CG  . LYS   A 1 63  ? 4.116   -7.491  -4.139  1.00 74.12  ?  72  LYS   A CG  1 
ATOM   798  C CD  . LYS   A 1 63  ? 4.883   -8.589  -3.424  1.00 80.66  ?  72  LYS   A CD  1 
ATOM   799  C CE  . LYS   A 1 63  ? 6.371   -8.558  -3.708  1.00 87.96  ?  72  LYS   A CE  1 
ATOM   800  N NZ  . LYS   A 1 63  ? 6.669   -8.463  -5.162  1.00 87.62  ?  72  LYS   A NZ  1 
ATOM   801  N N   . ARG   A 1 64  ? 0.280   -7.476  -6.640  1.00 61.22  ?  73  ARG   A N   1 
ATOM   802  C CA  . ARG   A 1 64  ? -0.994  -7.946  -7.243  1.00 71.43  ?  73  ARG   A CA  1 
ATOM   803  C C   . ARG   A 1 64  ? -1.319  -9.333  -6.664  1.00 73.58  ?  73  ARG   A C   1 
ATOM   804  O O   . ARG   A 1 64  ? -0.448  -10.226 -6.754  1.00 71.89  ?  73  ARG   A O   1 
ATOM   805  C CB  . ARG   A 1 64  ? -0.872  -7.942  -8.770  1.00 77.48  ?  73  ARG   A CB  1 
ATOM   806  C CG  . ARG   A 1 64  ? -2.197  -7.800  -9.508  1.00 84.55  ?  73  ARG   A CG  1 
ATOM   807  C CD  . ARG   A 1 64  ? -2.154  -8.403  -10.904 1.00 92.02  ?  73  ARG   A CD  1 
ATOM   808  N NE  . ARG   A 1 64  ? -3.165  -7.871  -11.815 1.00 89.28  ?  73  ARG   A NE  1 
ATOM   809  C CZ  . ARG   A 1 64  ? -3.049  -6.736  -12.506 1.00 91.81  ?  73  ARG   A CZ  1 
ATOM   810  N NH1 . ARG   A 1 64  ? -1.968  -5.984  -12.388 1.00 94.37  ?  73  ARG   A NH1 1 
ATOM   811  N NH2 . ARG   A 1 64  ? -4.022  -6.351  -13.313 1.00 90.36  ?  73  ARG   A NH2 1 
ATOM   812  N N   . SER   A 1 65  ? -2.514  -9.488  -6.069  1.00 79.07  ?  74  SER   A N   1 
ATOM   813  C CA  . SER   A 1 65  ? -2.993  -10.712 -5.363  1.00 78.17  ?  74  SER   A CA  1 
ATOM   814  C C   . SER   A 1 65  ? -4.012  -11.482 -6.221  1.00 83.08  ?  74  SER   A C   1 
ATOM   815  O O   . SER   A 1 65  ? -4.397  -12.576 -5.802  1.00 78.13  ?  74  SER   A O   1 
ATOM   816  C CB  . SER   A 1 65  ? -3.557  -10.379 -3.987  1.00 71.15  ?  74  SER   A CB  1 
ATOM   817  O OG  . SER   A 1 65  ? -4.810  -9.702  -4.054  1.00 68.25  ?  74  SER   A OG  1 
ATOM   818  N N   . ASP   A 1 66  ? -4.414  -10.942 -7.381  1.00 99.91  ?  75  ASP   A N   1 
ATOM   819  C CA  . ASP   A 1 66  ? -5.519  -11.469 -8.233  1.00 102.33 ?  75  ASP   A CA  1 
ATOM   820  C C   . ASP   A 1 66  ? -5.606  -10.615 -9.512  1.00 106.46 ?  75  ASP   A C   1 
ATOM   821  O O   . ASP   A 1 66  ? -5.209  -9.427  -9.452  1.00 98.42  ?  75  ASP   A O   1 
ATOM   822  C CB  . ASP   A 1 66  ? -6.827  -11.501 -7.431  1.00 109.66 ?  75  ASP   A CB  1 
ATOM   823  C CG  . ASP   A 1 66  ? -8.069  -11.943 -8.192  1.00 117.47 ?  75  ASP   A CG  1 
ATOM   824  O OD1 . ASP   A 1 66  ? -7.924  -12.647 -9.210  1.00 116.78 ?  75  ASP   A OD1 1 
ATOM   825  O OD2 . ASP   A 1 66  ? -9.179  -11.574 -7.755  1.00 118.63 ?  75  ASP   A OD2 1 
ATOM   826  N N   . ALA   A 1 67  ? -6.074  -11.207 -10.624 1.00 114.23 ?  76  ALA   A N   1 
ATOM   827  C CA  . ALA   A 1 67  ? -6.335  -10.540 -11.930 1.00 117.96 ?  76  ALA   A CA  1 
ATOM   828  C C   . ALA   A 1 67  ? -7.845  -10.283 -12.090 1.00 114.24 ?  76  ALA   A C   1 
ATOM   829  O O   . ALA   A 1 67  ? -8.424  -10.786 -13.079 1.00 101.55 ?  76  ALA   A O   1 
ATOM   830  C CB  . ALA   A 1 67  ? -5.782  -11.367 -13.075 1.00 110.45 ?  76  ALA   A CB  1 
ATOM   831  N N   . ALA   A 1 70  ? -9.948  -7.407  -11.207 1.00 78.38  ?  79  ALA   A N   1 
ATOM   832  C CA  . ALA   A 1 70  ? -9.806  -5.940  -11.027 1.00 78.28  ?  79  ALA   A CA  1 
ATOM   833  C C   . ALA   A 1 70  ? -11.185 -5.301  -10.934 1.00 86.00  ?  79  ALA   A C   1 
ATOM   834  O O   . ALA   A 1 70  ? -11.640 -4.671  -11.889 1.00 95.03  ?  79  ALA   A O   1 
ATOM   835  C CB  . ALA   A 1 70  ? -9.014  -5.337  -12.163 1.00 72.28  ?  79  ALA   A CB  1 
ATOM   836  N N   . PRO   A 1 71  ? -11.889 -5.442  -9.788  1.00 85.79  ?  80  PRO   A N   1 
ATOM   837  C CA  . PRO   A 1 71  ? -13.227 -4.871  -9.629  1.00 85.60  ?  80  PRO   A CA  1 
ATOM   838  C C   . PRO   A 1 71  ? -13.208 -3.339  -9.727  1.00 88.77  ?  80  PRO   A C   1 
ATOM   839  O O   . PRO   A 1 71  ? -12.381 -2.748  -9.075  1.00 92.24  ?  80  PRO   A O   1 
ATOM   840  C CB  . PRO   A 1 71  ? -13.658 -5.297  -8.216  1.00 85.51  ?  80  PRO   A CB  1 
ATOM   841  C CG  . PRO   A 1 71  ? -12.729 -6.438  -7.853  1.00 91.25  ?  80  PRO   A CG  1 
ATOM   842  C CD  . PRO   A 1 71  ? -11.437 -6.164  -8.591  1.00 86.71  ?  80  PRO   A CD  1 
ATOM   843  N N   . HIS   A 1 72  ? -14.092 -2.756  -10.546 1.00 98.33  ?  81  HIS   A N   1 
ATOM   844  C CA  . HIS   A 1 72  ? -14.423 -1.301  -10.589 1.00 98.99  ?  81  HIS   A CA  1 
ATOM   845  C C   . HIS   A 1 72  ? -13.210 -0.450  -11.004 1.00 104.40 ?  81  HIS   A C   1 
ATOM   846  O O   . HIS   A 1 72  ? -13.234 0.773   -10.727 1.00 107.62 ?  81  HIS   A O   1 
ATOM   847  C CB  . HIS   A 1 72  ? -14.990 -0.858  -9.229  1.00 103.04 ?  81  HIS   A CB  1 
ATOM   848  C CG  . HIS   A 1 72  ? -16.092 -1.725  -8.714  1.00 112.15 ?  81  HIS   A CG  1 
ATOM   849  N ND1 . HIS   A 1 72  ? -17.423 -1.391  -8.862  1.00 120.35 ?  81  HIS   A ND1 1 
ATOM   850  C CD2 . HIS   A 1 72  ? -16.074 -2.906  -8.055  1.00 117.35 ?  81  HIS   A CD2 1 
ATOM   851  C CE1 . HIS   A 1 72  ? -18.177 -2.324  -8.320  1.00 125.79 ?  81  HIS   A CE1 1 
ATOM   852  N NE2 . HIS   A 1 72  ? -17.373 -3.268  -7.816  1.00 126.14 ?  81  HIS   A NE2 1 
ATOM   853  N N   . GLY   A 1 73  ? -12.207 -1.053  -11.665 1.00 101.17 ?  82  GLY   A N   1 
ATOM   854  C CA  . GLY   A 1 73  ? -10.929 -0.414  -12.046 1.00 89.58  ?  82  GLY   A CA  1 
ATOM   855  C C   . GLY   A 1 73  ? -9.842  -0.618  -10.995 1.00 85.91  ?  82  GLY   A C   1 
ATOM   856  O O   . GLY   A 1 73  ? -8.671  -0.365  -11.301 1.00 88.20  ?  82  GLY   A O   1 
ATOM   857  N N   . HIS   A 1 74  ? -10.208 -1.091  -9.803  1.00 77.78  ?  83  HIS   A N   1 
ATOM   858  C CA  . HIS   A 1 74  ? -9.301  -1.289  -8.644  1.00 67.41  ?  83  HIS   A CA  1 
ATOM   859  C C   . HIS   A 1 74  ? -8.659  -2.670  -8.710  1.00 69.24  ?  83  HIS   A C   1 
ATOM   860  O O   . HIS   A 1 74  ? -9.402  -3.668  -8.658  1.00 63.39  ?  83  HIS   A O   1 
ATOM   861  C CB  . HIS   A 1 74  ? -10.066 -1.131  -7.336  1.00 62.35  ?  83  HIS   A CB  1 
ATOM   862  C CG  . HIS   A 1 74  ? -10.638 0.229   -7.158  1.00 63.34  ?  83  HIS   A CG  1 
ATOM   863  N ND1 . HIS   A 1 74  ? -10.179 1.097   -6.185  1.00 63.75  ?  83  HIS   A ND1 1 
ATOM   864  C CD2 . HIS   A 1 74  ? -11.627 0.869   -7.815  1.00 63.35  ?  83  HIS   A CD2 1 
ATOM   865  C CE1 . HIS   A 1 74  ? -10.875 2.214   -6.234  1.00 69.78  ?  83  HIS   A CE1 1 
ATOM   866  N NE2 . HIS   A 1 74  ? -11.774 2.098   -7.229  1.00 73.57  ?  83  HIS   A NE2 1 
ATOM   867  N N   . VAL   A 1 75  ? -7.326  -2.700  -8.800  1.00 68.48  ?  84  VAL   A N   1 
ATOM   868  C CA  . VAL   A 1 75  ? -6.494  -3.936  -8.774  1.00 60.23  ?  84  VAL   A CA  1 
ATOM   869  C C   . VAL   A 1 75  ? -6.408  -4.438  -7.335  1.00 54.72  ?  84  VAL   A C   1 
ATOM   870  O O   . VAL   A 1 75  ? -6.184  -3.643  -6.421  1.00 49.60  ?  84  VAL   A O   1 
ATOM   871  C CB  . VAL   A 1 75  ? -5.095  -3.668  -9.347  1.00 63.69  ?  84  VAL   A CB  1 
ATOM   872  C CG1 . VAL   A 1 75  ? -4.170  -4.855  -9.141  1.00 66.42  ?  84  VAL   A CG1 1 
ATOM   873  C CG2 . VAL   A 1 75  ? -5.167  -3.281  -10.810 1.00 64.77  ?  84  VAL   A CG2 1 
ATOM   874  N N   . MET   A 1 76  ? -6.580  -5.732  -7.130  1.00 56.07  ?  85  MET   A N   1 
ATOM   875  C CA  . MET   A 1 76  ? -6.497  -6.307  -5.767  1.00 59.28  ?  85  MET   A CA  1 
ATOM   876  C C   . MET   A 1 76  ? -5.010  -6.471  -5.468  1.00 57.48  ?  85  MET   A C   1 
ATOM   877  O O   . MET   A 1 76  ? -4.259  -6.972  -6.345  1.00 54.74  ?  85  MET   A O   1 
ATOM   878  C CB  . MET   A 1 76  ? -7.256  -7.631  -5.636  1.00 64.26  ?  85  MET   A CB  1 
ATOM   879  C CG  . MET   A 1 76  ? -8.761  -7.453  -5.811  1.00 69.66  ?  85  MET   A CG  1 
ATOM   880  S SD  . MET   A 1 76  ? -9.791  -8.930  -5.601  1.00 77.36  ?  85  MET   A SD  1 
ATOM   881  C CE  . MET   A 1 76  ? -8.808  -9.865  -4.432  1.00 79.74  ?  85  MET   A CE  1 
ATOM   882  N N   A VAL   A 1 77  ? -4.597  -6.052  -4.266  0.38 54.19  ?  86  VAL   A N   1 
ATOM   883  N N   B VAL   A 1 77  ? -4.597  -6.051  -4.266  0.35 54.28  ?  86  VAL   A N   1 
ATOM   884  N N   C VAL   A 1 77  ? -4.577  -6.030  -4.285  0.14 56.36  ?  86  VAL   A N   1 
ATOM   885  N N   D VAL   A 1 77  ? -4.577  -6.029  -4.285  0.13 56.41  ?  86  VAL   A N   1 
ATOM   886  C CA  A VAL   A 1 77  ? -3.176  -6.051  -3.811  0.38 55.54  ?  86  VAL   A CA  1 
ATOM   887  C CA  B VAL   A 1 77  ? -3.176  -6.050  -3.811  0.35 55.49  ?  86  VAL   A CA  1 
ATOM   888  C CA  C VAL   A 1 77  ? -3.152  -6.103  -3.846  0.14 56.97  ?  86  VAL   A CA  1 
ATOM   889  C CA  D VAL   A 1 77  ? -3.153  -6.103  -3.846  0.13 56.93  ?  86  VAL   A CA  1 
ATOM   890  C C   A VAL   A 1 77  ? -3.113  -6.503  -2.351  0.38 54.09  ?  86  VAL   A C   1 
ATOM   891  C C   B VAL   A 1 77  ? -3.112  -6.501  -2.351  0.35 54.15  ?  86  VAL   A C   1 
ATOM   892  C C   C VAL   A 1 77  ? -3.107  -6.523  -2.373  0.14 56.15  ?  86  VAL   A C   1 
ATOM   893  C C   D VAL   A 1 77  ? -3.107  -6.522  -2.373  0.13 56.19  ?  86  VAL   A C   1 
ATOM   894  O O   A VAL   A 1 77  ? -4.165  -6.509  -1.688  0.38 50.93  ?  86  VAL   A O   1 
ATOM   895  O O   B VAL   A 1 77  ? -4.164  -6.506  -1.687  0.35 51.08  ?  86  VAL   A O   1 
ATOM   896  O O   C VAL   A 1 77  ? -4.179  -6.603  -1.745  0.14 54.76  ?  86  VAL   A O   1 
ATOM   897  O O   D VAL   A 1 77  ? -4.179  -6.600  -1.743  0.13 54.86  ?  86  VAL   A O   1 
ATOM   898  C CB  A VAL   A 1 77  ? -2.523  -4.662  -3.971  0.38 53.98  ?  86  VAL   A CB  1 
ATOM   899  C CB  B VAL   A 1 77  ? -2.523  -4.661  -3.971  0.35 53.97  ?  86  VAL   A CB  1 
ATOM   900  C CB  C VAL   A 1 77  ? -2.397  -4.779  -4.092  0.14 56.70  ?  86  VAL   A CB  1 
ATOM   901  C CB  D VAL   A 1 77  ? -2.397  -4.779  -4.092  0.13 56.69  ?  86  VAL   A CB  1 
ATOM   902  C CG1 A VAL   A 1 77  ? -2.560  -4.176  -5.411  0.38 51.29  ?  86  VAL   A CG1 1 
ATOM   903  C CG1 B VAL   A 1 77  ? -2.559  -4.177  -5.412  0.35 51.43  ?  86  VAL   A CG1 1 
ATOM   904  C CG1 C VAL   A 1 77  ? -2.082  -4.569  -5.563  0.14 55.96  ?  86  VAL   A CG1 1 
ATOM   905  C CG1 D VAL   A 1 77  ? -2.082  -4.569  -5.564  0.13 56.02  ?  86  VAL   A CG1 1 
ATOM   906  C CG2 A VAL   A 1 77  ? -3.151  -3.634  -3.036  0.38 52.85  ?  86  VAL   A CG2 1 
ATOM   907  C CG2 B VAL   A 1 77  ? -3.150  -3.632  -3.037  0.35 52.91  ?  86  VAL   A CG2 1 
ATOM   908  C CG2 C VAL   A 1 77  ? -3.132  -3.569  -3.542  0.14 56.73  ?  86  VAL   A CG2 1 
ATOM   909  C CG2 D VAL   A 1 77  ? -3.133  -3.569  -3.543  0.13 56.72  ?  86  VAL   A CG2 1 
ATOM   910  N N   . GLU   A 1 78  ? -1.903  -6.820  -1.878  1.00 55.39  ?  87  GLU   A N   1 
ATOM   911  C CA  . GLU   A 1 78  ? -1.631  -7.096  -0.446  1.00 61.25  ?  87  GLU   A CA  1 
ATOM   912  C C   . GLU   A 1 78  ? -0.254  -6.526  -0.069  1.00 55.52  ?  87  GLU   A C   1 
ATOM   913  O O   . GLU   A 1 78  ? 0.607   -6.282  -0.959  1.00 49.51  ?  87  GLU   A O   1 
ATOM   914  C CB  . GLU   A 1 78  ? -1.740  -8.594  -0.158  1.00 72.68  ?  87  GLU   A CB  1 
ATOM   915  C CG  . GLU   A 1 78  ? -1.121  -9.477  -1.224  1.00 74.04  ?  87  GLU   A CG  1 
ATOM   916  C CD  . GLU   A 1 78  ? -1.528  -10.934 -1.095  1.00 77.49  ?  87  GLU   A CD  1 
ATOM   917  O OE1 . GLU   A 1 78  ? -2.473  -11.227 -0.312  1.00 84.65  ?  87  GLU   A OE1 1 
ATOM   918  O OE2 . GLU   A 1 78  ? -0.907  -11.767 -1.774  1.00 75.76  ?  87  GLU   A OE2 1 
ATOM   919  N N   A LEU   A 1 79  ? -0.058  -6.294  1.229   0.38 55.63  ?  88  LEU   A N   1 
ATOM   920  N N   B LEU   A 1 79  ? -0.059  -6.294  1.229   0.35 55.73  ?  88  LEU   A N   1 
ATOM   921  N N   C LEU   A 1 79  ? -0.033  -6.360  1.237   0.14 55.83  ?  88  LEU   A N   1 
ATOM   922  N N   D LEU   A 1 79  ? -0.033  -6.361  1.237   0.13 55.88  ?  88  LEU   A N   1 
ATOM   923  C CA  A LEU   A 1 79  ? 1.194   -5.717  1.779   0.38 58.89  ?  88  LEU   A CA  1 
ATOM   924  C CA  B LEU   A 1 79  ? 1.193   -5.717  1.780   0.35 58.87  ?  88  LEU   A CA  1 
ATOM   925  C CA  C LEU   A 1 79  ? 1.173   -5.711  1.819   0.14 57.25  ?  88  LEU   A CA  1 
ATOM   926  C CA  D LEU   A 1 79  ? 1.173   -5.712  1.819   0.13 57.23  ?  88  LEU   A CA  1 
ATOM   927  C C   A LEU   A 1 79  ? 2.238   -6.824  1.928   0.38 58.28  ?  88  LEU   A C   1 
ATOM   928  C C   B LEU   A 1 79  ? 2.237   -6.824  1.928   0.35 58.30  ?  88  LEU   A C   1 
ATOM   929  C C   C LEU   A 1 79  ? 2.269   -6.760  2.047   0.14 57.25  ?  88  LEU   A C   1 
ATOM   930  C C   D LEU   A 1 79  ? 2.269   -6.760  2.048   0.13 57.25  ?  88  LEU   A C   1 
ATOM   931  O O   A LEU   A 1 79  ? 1.895   -7.901  2.444   0.38 64.87  ?  88  LEU   A O   1 
ATOM   932  O O   B LEU   A 1 79  ? 1.893   -7.903  2.442   0.35 64.61  ?  88  LEU   A O   1 
ATOM   933  O O   C LEU   A 1 79  ? 2.006   -7.731  2.782   0.14 59.65  ?  88  LEU   A O   1 
ATOM   934  O O   D LEU   A 1 79  ? 2.007   -7.730  2.785   0.13 59.49  ?  88  LEU   A O   1 
ATOM   935  C CB  A LEU   A 1 79  ? 0.898   -5.040  3.118   0.38 58.82  ?  88  LEU   A CB  1 
ATOM   936  C CB  B LEU   A 1 79  ? 0.898   -5.040  3.118   0.35 58.87  ?  88  LEU   A CB  1 
ATOM   937  C CB  C LEU   A 1 79  ? 0.764   -5.026  3.125   0.14 57.09  ?  88  LEU   A CB  1 
ATOM   938  C CB  D LEU   A 1 79  ? 0.763   -5.025  3.125   0.13 57.12  ?  88  LEU   A CB  1 
ATOM   939  C CG  A LEU   A 1 79  ? -0.128  -3.913  3.057   0.38 62.21  ?  88  LEU   A CG  1 
ATOM   940  C CG  B LEU   A 1 79  ? -0.129  -3.913  3.057   0.35 62.11  ?  88  LEU   A CG  1 
ATOM   941  C CG  C LEU   A 1 79  ? -0.294  -3.933  2.974   0.14 58.21  ?  88  LEU   A CG  1 
ATOM   942  C CG  D LEU   A 1 79  ? -0.294  -3.933  2.974   0.13 58.15  ?  88  LEU   A CG  1 
ATOM   943  C CD1 A LEU   A 1 79  ? -0.319  -3.283  4.427   0.38 64.40  ?  88  LEU   A CD1 1 
ATOM   944  C CD1 B LEU   A 1 79  ? -0.319  -3.283  4.428   0.35 64.22  ?  88  LEU   A CD1 1 
ATOM   945  C CD1 C LEU   A 1 79  ? -0.950  -3.615  4.309   0.14 58.47  ?  88  LEU   A CD1 1 
ATOM   946  C CD1 D LEU   A 1 79  ? -0.950  -3.614  4.309   0.13 58.40  ?  88  LEU   A CD1 1 
ATOM   947  C CD2 A LEU   A 1 79  ? 0.274   -2.860  2.033   0.38 60.88  ?  88  LEU   A CD2 1 
ATOM   948  C CD2 B LEU   A 1 79  ? 0.273   -2.860  2.034   0.35 60.88  ?  88  LEU   A CD2 1 
ATOM   949  C CD2 C LEU   A 1 79  ? 0.309   -2.679  2.360   0.14 57.88  ?  88  LEU   A CD2 1 
ATOM   950  C CD2 D LEU   A 1 79  ? 0.309   -2.679  2.360   0.13 57.86  ?  88  LEU   A CD2 1 
ATOM   951  N N   . VAL   A 1 80  ? 3.448   -6.555  1.447   1.00 56.78  ?  89  VAL   A N   1 
ATOM   952  C CA  . VAL   A 1 80  ? 4.621   -7.463  1.571   1.00 57.91  ?  89  VAL   A CA  1 
ATOM   953  C C   . VAL   A 1 80  ? 5.824   -6.594  1.948   1.00 58.21  ?  89  VAL   A C   1 
ATOM   954  O O   . VAL   A 1 80  ? 6.301   -5.826  1.084   1.00 61.48  ?  89  VAL   A O   1 
ATOM   955  C CB  . VAL   A 1 80  ? 4.847   -8.207  0.244   1.00 57.98  ?  89  VAL   A CB  1 
ATOM   956  C CG1 . VAL   A 1 80  ? 6.132   -9.029  0.251   1.00 60.93  ?  89  VAL   A CG1 1 
ATOM   957  C CG2 . VAL   A 1 80  ? 3.637   -9.062  -0.102  1.00 60.49  ?  89  VAL   A CG2 1 
ATOM   958  N N   . ALA   A 1 81  ? 6.281   -6.690  3.192   1.00 56.66  ?  90  ALA   A N   1 
ATOM   959  C CA  . ALA   A 1 81  ? 7.525   -6.040  3.662   1.00 59.99  ?  90  ALA   A CA  1 
ATOM   960  C C   . ALA   A 1 81  ? 8.743   -6.804  3.127   1.00 60.72  ?  90  ALA   A C   1 
ATOM   961  O O   . ALA   A 1 81  ? 8.621   -8.017  2.899   1.00 64.66  ?  90  ALA   A O   1 
ATOM   962  C CB  . ALA   A 1 81  ? 7.536   -5.966  5.165   1.00 61.10  ?  90  ALA   A CB  1 
ATOM   963  N N   . GLU   A 1 82  ? 9.861   -6.106  2.918   1.00 57.56  ?  91  GLU   A N   1 
ATOM   964  C CA  . GLU   A 1 82  ? 11.175  -6.706  2.575   1.00 57.87  ?  91  GLU   A CA  1 
ATOM   965  C C   . GLU   A 1 82  ? 12.265  -6.051  3.442   1.00 67.00  ?  91  GLU   A C   1 
ATOM   966  O O   . GLU   A 1 82  ? 12.241  -4.816  3.639   1.00 63.90  ?  91  GLU   A O   1 
ATOM   967  C CB  . GLU   A 1 82  ? 11.452  -6.573  1.076   1.00 52.62  ?  91  GLU   A CB  1 
ATOM   968  C CG  . GLU   A 1 82  ? 12.800  -7.120  0.654   1.00 50.12  ?  91  GLU   A CG  1 
ATOM   969  C CD  . GLU   A 1 82  ? 13.230  -6.705  -0.740  1.00 52.00  ?  91  GLU   A CD  1 
ATOM   970  O OE1 . GLU   A 1 82  ? 12.486  -7.002  -1.702  1.00 46.66  ?  91  GLU   A OE1 1 
ATOM   971  O OE2 . GLU   A 1 82  ? 14.315  -6.077  -0.866  1.00 52.41  ?  91  GLU   A OE2 1 
ATOM   972  N N   . LEU   A 1 83  ? 13.186  -6.864  3.961   1.00 70.79  ?  92  LEU   A N   1 
ATOM   973  C CA  . LEU   A 1 83  ? 14.355  -6.412  4.761   1.00 69.30  ?  92  LEU   A CA  1 
ATOM   974  C C   . LEU   A 1 83  ? 15.544  -7.287  4.367   1.00 73.65  ?  92  LEU   A C   1 
ATOM   975  O O   . LEU   A 1 83  ? 15.389  -8.537  4.408   1.00 68.51  ?  92  LEU   A O   1 
ATOM   976  C CB  . LEU   A 1 83  ? 14.031  -6.514  6.257   1.00 61.47  ?  92  LEU   A CB  1 
ATOM   977  C CG  . LEU   A 1 83  ? 15.168  -6.165  7.215   1.00 56.84  ?  92  LEU   A CG  1 
ATOM   978  C CD1 . LEU   A 1 83  ? 15.669  -4.740  6.983   1.00 55.88  ?  92  LEU   A CD1 1 
ATOM   979  C CD2 . LEU   A 1 83  ? 14.717  -6.347  8.658   1.00 56.91  ?  92  LEU   A CD2 1 
ATOM   980  N N   . GLU   A 1 84  ? 16.645  -6.644  3.955   1.00 76.32  ?  93  GLU   A N   1 
ATOM   981  C CA  . GLU   A 1 84  ? 17.882  -7.285  3.434   1.00 80.62  ?  93  GLU   A CA  1 
ATOM   982  C C   . GLU   A 1 84  ? 17.505  -8.533  2.623   1.00 76.81  ?  93  GLU   A C   1 
ATOM   983  O O   . GLU   A 1 84  ? 17.913  -9.647  3.030   1.00 68.82  ?  93  GLU   A O   1 
ATOM   984  C CB  . GLU   A 1 84  ? 18.834  -7.608  4.587   1.00 84.46  ?  93  GLU   A CB  1 
ATOM   985  C CG  . GLU   A 1 84  ? 19.486  -6.376  5.176   1.00 87.20  ?  93  GLU   A CG  1 
ATOM   986  C CD  . GLU   A 1 84  ? 19.936  -6.526  6.617   1.00 94.68  ?  93  GLU   A CD  1 
ATOM   987  O OE1 . GLU   A 1 84  ? 19.279  -7.275  7.371   1.00 93.33  ?  93  GLU   A OE1 1 
ATOM   988  O OE2 . GLU   A 1 84  ? 20.946  -5.895  6.981   1.00 100.14 ?  93  GLU   A OE2 1 
ATOM   989  N N   . GLY   A 1 85  ? 16.720  -8.343  1.554   1.00 66.64  ?  94  GLY   A N   1 
ATOM   990  C CA  . GLY   A 1 85  ? 16.506  -9.334  0.484   1.00 68.57  ?  94  GLY   A CA  1 
ATOM   991  C C   . GLY   A 1 85  ? 15.447  -10.377 0.816   1.00 67.02  ?  94  GLY   A C   1 
ATOM   992  O O   . GLY   A 1 85  ? 15.080  -11.136 -0.124  1.00 57.46  ?  94  GLY   A O   1 
ATOM   993  N N   . ILE   A 1 86  ? 14.983  -10.435 2.073   1.00 57.59  ?  95  ILE   A N   1 
ATOM   994  C CA  . ILE   A 1 86  ? 13.915  -11.379 2.523   1.00 67.33  ?  95  ILE   A CA  1 
ATOM   995  C C   . ILE   A 1 86  ? 12.577  -10.631 2.623   1.00 66.57  ?  95  ILE   A C   1 
ATOM   996  O O   . ILE   A 1 86  ? 12.505  -9.604  3.321   1.00 74.16  ?  95  ILE   A O   1 
ATOM   997  C CB  . ILE   A 1 86  ? 14.262  -12.091 3.850   1.00 68.90  ?  95  ILE   A CB  1 
ATOM   998  C CG1 . ILE   A 1 86  ? 15.587  -12.853 3.758   1.00 70.27  ?  95  ILE   A CG1 1 
ATOM   999  C CG2 . ILE   A 1 86  ? 13.119  -13.011 4.301   1.00 63.86  ?  95  ILE   A CG2 1 
ATOM   1000 C CD1 . ILE   A 1 86  ? 16.079  -13.398 5.081   1.00 69.54  ?  95  ILE   A CD1 1 
ATOM   1001 N N   . GLN   A 1 87  ? 11.541  -11.201 2.006   1.00 70.94  ?  96  GLN   A N   1 
ATOM   1002 C CA  . GLN   A 1 87  ? 10.144  -10.710 1.997   1.00 67.96  ?  96  GLN   A CA  1 
ATOM   1003 C C   . GLN   A 1 87  ? 9.341   -11.486 3.042   1.00 70.95  ?  96  GLN   A C   1 
ATOM   1004 O O   . GLN   A 1 87  ? 9.639   -12.667 3.272   1.00 80.20  ?  96  GLN   A O   1 
ATOM   1005 C CB  . GLN   A 1 87  ? 9.592   -10.848 0.585   1.00 67.02  ?  96  GLN   A CB  1 
ATOM   1006 C CG  . GLN   A 1 87  ? 10.398  -10.020 -0.401  1.00 71.98  ?  96  GLN   A CG  1 
ATOM   1007 C CD  . GLN   A 1 87  ? 9.675   -9.792  -1.701  1.00 78.00  ?  96  GLN   A CD  1 
ATOM   1008 O OE1 . GLN   A 1 87  ? 8.831   -10.584 -2.115  1.00 81.62  ?  96  GLN   A OE1 1 
ATOM   1009 N NE2 . GLN   A 1 87  ? 10.023  -8.702  -2.368  1.00 85.78  ?  96  GLN   A NE2 1 
ATOM   1010 N N   . TYR   A 1 88  ? 8.416   -10.805 3.708   1.00 69.38  ?  97  TYR   A N   1 
ATOM   1011 C CA  . TYR   A 1 88  ? 7.507   -11.386 4.723   1.00 69.36  ?  97  TYR   A CA  1 
ATOM   1012 C C   . TYR   A 1 88  ? 6.107   -11.272 4.122   1.00 71.02  ?  97  TYR   A C   1 
ATOM   1013 O O   . TYR   A 1 88  ? 5.484   -10.177 4.168   1.00 78.78  ?  97  TYR   A O   1 
ATOM   1014 C CB  . TYR   A 1 88  ? 7.753   -10.719 6.077   1.00 72.22  ?  97  TYR   A CB  1 
ATOM   1015 C CG  . TYR   A 1 88  ? 9.175   -10.858 6.558   1.00 75.18  ?  97  TYR   A CG  1 
ATOM   1016 C CD1 . TYR   A 1 88  ? 10.227  -10.315 5.833   1.00 75.80  ?  97  TYR   A CD1 1 
ATOM   1017 C CD2 . TYR   A 1 88  ? 9.482   -11.544 7.727   1.00 80.32  ?  97  TYR   A CD2 1 
ATOM   1018 C CE1 . TYR   A 1 88  ? 11.540  -10.442 6.254   1.00 78.21  ?  97  TYR   A CE1 1 
ATOM   1019 C CE2 . TYR   A 1 88  ? 10.793  -11.676 8.165   1.00 80.29  ?  97  TYR   A CE2 1 
ATOM   1020 C CZ  . TYR   A 1 88  ? 11.826  -11.121 7.424   1.00 79.13  ?  97  TYR   A CZ  1 
ATOM   1021 O OH  . TYR   A 1 88  ? 13.127  -11.225 7.818   1.00 76.12  ?  97  TYR   A OH  1 
ATOM   1022 N N   . GLY   A 1 89  ? 5.700   -12.363 3.472   1.00 56.51  ?  98  GLY   A N   1 
ATOM   1023 C CA  . GLY   A 1 89  ? 4.579   -12.418 2.531   1.00 56.49  ?  98  GLY   A CA  1 
ATOM   1024 C C   . GLY   A 1 89  ? 5.027   -12.963 1.189   1.00 61.44  ?  98  GLY   A C   1 
ATOM   1025 O O   . GLY   A 1 89  ? 6.246   -12.993 0.911   1.00 57.06  ?  98  GLY   A O   1 
ATOM   1026 N N   . ARG   A 1 90  ? 4.042   -13.335 0.379   1.00 62.75  ?  99  ARG   A N   1 
ATOM   1027 C CA  . ARG   A 1 90  ? 4.168   -14.064 -0.905  1.00 63.26  ?  99  ARG   A CA  1 
ATOM   1028 C C   . ARG   A 1 90  ? 3.007   -13.577 -1.773  1.00 63.67  ?  99  ARG   A C   1 
ATOM   1029 O O   . ARG   A 1 90  ? 1.854   -13.659 -1.294  1.00 66.59  ?  99  ARG   A O   1 
ATOM   1030 C CB  . ARG   A 1 90  ? 4.094   -15.570 -0.616  1.00 64.77  ?  99  ARG   A CB  1 
ATOM   1031 C CG  . ARG   A 1 90  ? 4.112   -16.454 -1.851  1.00 63.54  ?  99  ARG   A CG  1 
ATOM   1032 C CD  . ARG   A 1 90  ? 4.164   -17.951 -1.592  1.00 62.83  ?  99  ARG   A CD  1 
ATOM   1033 N NE  . ARG   A 1 90  ? 4.628   -18.511 -2.856  1.00 65.79  ?  99  ARG   A NE  1 
ATOM   1034 C CZ  . ARG   A 1 90  ? 3.868   -18.904 -3.883  1.00 60.31  ?  99  ARG   A CZ  1 
ATOM   1035 N NH1 . ARG   A 1 90  ? 2.549   -18.904 -3.795  1.00 55.91  ?  99  ARG   A NH1 1 
ATOM   1036 N NH2 . ARG   A 1 90  ? 4.449   -19.339 -4.990  1.00 54.48  ?  99  ARG   A NH2 1 
ATOM   1037 N N   . SER   A 1 91  ? 3.274   -13.021 -2.953  1.00 65.69  ?  100 SER   A N   1 
ATOM   1038 C CA  . SER   A 1 91  ? 2.219   -12.401 -3.804  1.00 70.42  ?  100 SER   A CA  1 
ATOM   1039 C C   . SER   A 1 91  ? 2.755   -12.167 -5.217  1.00 67.64  ?  100 SER   A C   1 
ATOM   1040 O O   . SER   A 1 91  ? 3.884   -12.618 -5.506  1.00 68.13  ?  100 SER   A O   1 
ATOM   1041 C CB  . SER   A 1 91  ? 1.698   -11.105 -3.186  1.00 70.97  ?  100 SER   A CB  1 
ATOM   1042 O OG  . SER   A 1 91  ? 0.458   -10.711 -3.763  1.00 69.06  ?  100 SER   A OG  1 
ATOM   1043 N N   . GLY   A 1 92  ? 1.978   -11.466 -6.047  1.00 64.09  ?  101 GLY   A N   1 
ATOM   1044 C CA  . GLY   A 1 92  ? 2.292   -11.260 -7.472  1.00 63.75  ?  101 GLY   A CA  1 
ATOM   1045 C C   . GLY   A 1 92  ? 3.188   -10.059 -7.729  1.00 63.19  ?  101 GLY   A C   1 
ATOM   1046 O O   . GLY   A 1 92  ? 4.035   -9.723  -6.884  1.00 58.69  ?  101 GLY   A O   1 
ATOM   1047 N N   . GLU   A 1 93  ? 3.003   -9.446  -8.895  1.00 66.44  ?  102 GLU   A N   1 
ATOM   1048 C CA  . GLU   A 1 93  ? 3.860   -8.363  -9.431  1.00 74.23  ?  102 GLU   A CA  1 
ATOM   1049 C C   . GLU   A 1 93  ? 3.749   -7.147  -8.502  1.00 67.45  ?  102 GLU   A C   1 
ATOM   1050 O O   . GLU   A 1 93  ? 2.641   -6.884  -7.993  1.00 65.02  ?  102 GLU   A O   1 
ATOM   1051 C CB  . GLU   A 1 93  ? 3.430   -8.046  -10.866 1.00 79.56  ?  102 GLU   A CB  1 
ATOM   1052 C CG  . GLU   A 1 93  ? 4.434   -7.216  -11.642 1.00 87.03  ?  102 GLU   A CG  1 
ATOM   1053 C CD  . GLU   A 1 93  ? 3.823   -6.472  -12.819 1.00 94.86  ?  102 GLU   A CD  1 
ATOM   1054 O OE1 . GLU   A 1 93  ? 2.631   -6.079  -12.725 1.00 89.97  ?  102 GLU   A OE1 1 
ATOM   1055 O OE2 . GLU   A 1 93  ? 4.533   -6.294  -13.832 1.00 99.24  ?  102 GLU   A OE2 1 
ATOM   1056 N N   . THR   A 1 94  ? 4.862   -6.443  -8.291  1.00 64.86  ?  103 THR   A N   1 
ATOM   1057 C CA  . THR   A 1 94  ? 4.940   -5.207  -7.472  1.00 57.85  ?  103 THR   A CA  1 
ATOM   1058 C C   . THR   A 1 94  ? 4.311   -4.071  -8.266  1.00 56.07  ?  103 THR   A C   1 
ATOM   1059 O O   . THR   A 1 94  ? 4.699   -3.902  -9.430  1.00 59.40  ?  103 THR   A O   1 
ATOM   1060 C CB  . THR   A 1 94  ? 6.378   -4.893  -7.073  1.00 59.80  ?  103 THR   A CB  1 
ATOM   1061 O OG1 . THR   A 1 94  ? 6.728   -5.920  -6.144  1.00 59.62  ?  103 THR   A OG1 1 
ATOM   1062 C CG2 . THR   A 1 94  ? 6.545   -3.523  -6.452  1.00 65.14  ?  103 THR   A CG2 1 
ATOM   1063 N N   . LEU   A 1 95  ? 3.342   -3.378  -7.663  1.00 53.53  ?  104 LEU   A N   1 
ATOM   1064 C CA  . LEU   A 1 95  ? 2.719   -2.149  -8.219  1.00 54.03  ?  104 LEU   A CA  1 
ATOM   1065 C C   . LEU   A 1 95  ? 3.529   -0.939  -7.732  1.00 52.66  ?  104 LEU   A C   1 
ATOM   1066 O O   . LEU   A 1 95  ? 3.574   0.070   -8.446  1.00 49.29  ?  104 LEU   A O   1 
ATOM   1067 C CB  . LEU   A 1 95  ? 1.257   -2.067  -7.773  1.00 56.30  ?  104 LEU   A CB  1 
ATOM   1068 C CG  . LEU   A 1 95  ? 0.251   -2.812  -8.646  1.00 62.29  ?  104 LEU   A CG  1 
ATOM   1069 C CD1 . LEU   A 1 95  ? 0.276   -4.300  -8.325  1.00 67.67  ?  104 LEU   A CD1 1 
ATOM   1070 C CD2 . LEU   A 1 95  ? -1.152  -2.238  -8.459  1.00 62.02  ?  104 LEU   A CD2 1 
ATOM   1071 N N   . GLY   A 1 96  ? 4.167   -1.059  -6.565  1.00 51.71  ?  105 GLY   A N   1 
ATOM   1072 C CA  . GLY   A 1 96  ? 5.204   -0.114  -6.120  1.00 49.65  ?  105 GLY   A CA  1 
ATOM   1073 C C   . GLY   A 1 96  ? 5.492   -0.241  -4.640  1.00 48.60  ?  105 GLY   A C   1 
ATOM   1074 O O   . GLY   A 1 96  ? 5.074   -1.249  -4.020  1.00 46.36  ?  105 GLY   A O   1 
ATOM   1075 N N   . VAL   A 1 97  ? 6.186   0.756   -4.097  1.00 42.14  ?  106 VAL   A N   1 
ATOM   1076 C CA  . VAL   A 1 97  ? 6.602   0.771   -2.677  1.00 42.91  ?  106 VAL   A CA  1 
ATOM   1077 C C   . VAL   A 1 97  ? 5.806   1.873   -1.980  1.00 42.40  ?  106 VAL   A C   1 
ATOM   1078 O O   . VAL   A 1 97  ? 5.678   2.972   -2.544  1.00 45.35  ?  106 VAL   A O   1 
ATOM   1079 C CB  . VAL   A 1 97  ? 8.132   0.904   -2.534  1.00 46.75  ?  106 VAL   A CB  1 
ATOM   1080 C CG1 . VAL   A 1 97  ? 8.700   1.940   -3.490  1.00 51.37  ?  106 VAL   A CG1 1 
ATOM   1081 C CG2 . VAL   A 1 97  ? 8.555   1.189   -1.091  1.00 45.34  ?  106 VAL   A CG2 1 
ATOM   1082 N N   . LEU   A 1 98  ? 5.250   1.554   -0.814  1.00 41.09  ?  107 LEU   A N   1 
ATOM   1083 C CA  . LEU   A 1 98  ? 4.421   2.483   -0.016  1.00 40.85  ?  107 LEU   A CA  1 
ATOM   1084 C C   . LEU   A 1 98  ? 5.343   3.378   0.818   1.00 41.73  ?  107 LEU   A C   1 
ATOM   1085 O O   . LEU   A 1 98  ? 6.365   2.882   1.317   1.00 42.46  ?  107 LEU   A O   1 
ATOM   1086 C CB  . LEU   A 1 98  ? 3.462   1.699   0.883   1.00 40.40  ?  107 LEU   A CB  1 
ATOM   1087 C CG  . LEU   A 1 98  ? 2.452   0.801   0.162   1.00 44.87  ?  107 LEU   A CG  1 
ATOM   1088 C CD1 . LEU   A 1 98  ? 1.508   0.160   1.165   1.00 42.89  ?  107 LEU   A CD1 1 
ATOM   1089 C CD2 . LEU   A 1 98  ? 1.669   1.571   -0.896  1.00 43.05  ?  107 LEU   A CD2 1 
ATOM   1090 N N   . VAL   A 1 99  ? 4.978   4.655   0.947   1.00 39.05  ?  108 VAL   A N   1 
ATOM   1091 C CA  . VAL   A 1 99  ? 5.703   5.656   1.776   1.00 37.14  ?  108 VAL   A CA  1 
ATOM   1092 C C   . VAL   A 1 99  ? 4.677   6.545   2.436   1.00 32.89  ?  108 VAL   A C   1 
ATOM   1093 O O   . VAL   A 1 99  ? 3.581   6.726   1.909   1.00 35.79  ?  108 VAL   A O   1 
ATOM   1094 C CB  . VAL   A 1 99  ? 6.670   6.514   0.943   1.00 38.10  ?  108 VAL   A CB  1 
ATOM   1095 C CG1 . VAL   A 1 99  ? 7.907   5.739   0.514   1.00 37.54  ?  108 VAL   A CG1 1 
ATOM   1096 C CG2 . VAL   A 1 99  ? 5.977   7.159   -0.247  1.00 37.73  ?  108 VAL   A CG2 1 
ATOM   1097 N N   . PRO   A 1 100 ? 5.027   7.174   3.569   1.00 32.71  ?  109 PRO   A N   1 
ATOM   1098 C CA  . PRO   A 1 100 ? 4.229   8.277   4.095   1.00 34.87  ?  109 PRO   A CA  1 
ATOM   1099 C C   . PRO   A 1 100 ? 3.990   9.337   3.012   1.00 33.23  ?  109 PRO   A C   1 
ATOM   1100 O O   . PRO   A 1 100 ? 4.892   9.629   2.226   1.00 34.72  ?  109 PRO   A O   1 
ATOM   1101 C CB  . PRO   A 1 100 ? 5.092   8.844   5.222   1.00 36.12  ?  109 PRO   A CB  1 
ATOM   1102 C CG  . PRO   A 1 100 ? 5.963   7.688   5.647   1.00 35.64  ?  109 PRO   A CG  1 
ATOM   1103 C CD  . PRO   A 1 100 ? 6.196   6.877   4.392   1.00 35.57  ?  109 PRO   A CD  1 
ATOM   1104 N N   . HIS   A 1 101 ? 2.783   9.864   2.970   1.00 34.02  ?  110 HIS   A N   1 
ATOM   1105 C CA  . HIS   A 1 101 ? 2.421   11.068  2.185   1.00 39.22  ?  110 HIS   A CA  1 
ATOM   1106 C C   . HIS   A 1 101 ? 2.252   12.253  3.138   1.00 38.67  ?  110 HIS   A C   1 
ATOM   1107 O O   . HIS   A 1 101 ? 1.384   12.185  3.984   1.00 43.05  ?  110 HIS   A O   1 
ATOM   1108 C CB  . HIS   A 1 101 ? 1.158   10.812  1.356   1.00 38.04  ?  110 HIS   A CB  1 
ATOM   1109 C CG  . HIS   A 1 101 ? 0.898   11.904  0.382   1.00 41.48  ?  110 HIS   A CG  1 
ATOM   1110 N ND1 . HIS   A 1 101 ? -0.374  12.311  0.067   1.00 42.21  ?  110 HIS   A ND1 1 
ATOM   1111 C CD2 . HIS   A 1 101 ? 1.741   12.709  -0.310  1.00 40.32  ?  110 HIS   A CD2 1 
ATOM   1112 C CE1 . HIS   A 1 101 ? -0.309  13.295  -0.805  1.00 43.27  ?  110 HIS   A CE1 1 
ATOM   1113 N NE2 . HIS   A 1 101 ? 0.972   13.558  -1.055  1.00 38.22  ?  110 HIS   A NE2 1 
ATOM   1114 N N   . VAL   A 1 102 ? 3.049   13.302  2.977   1.00 41.45  ?  111 VAL   A N   1 
ATOM   1115 C CA  . VAL   A 1 102 ? 3.012   14.516  3.839   1.00 45.12  ?  111 VAL   A CA  1 
ATOM   1116 C C   . VAL   A 1 102 ? 2.789   15.757  2.958   1.00 50.70  ?  111 VAL   A C   1 
ATOM   1117 O O   . VAL   A 1 102 ? 3.282   16.832  3.340   1.00 55.82  ?  111 VAL   A O   1 
ATOM   1118 C CB  . VAL   A 1 102 ? 4.289   14.627  4.699   1.00 41.88  ?  111 VAL   A CB  1 
ATOM   1119 C CG1 . VAL   A 1 102 ? 4.391   13.488  5.695   1.00 47.13  ?  111 VAL   A CG1 1 
ATOM   1120 C CG2 . VAL   A 1 102 ? 5.544   14.653  3.857   1.00 44.97  ?  111 VAL   A CG2 1 
ATOM   1121 N N   . GLY   A 1 103 ? 2.066   15.621  1.837   1.00 48.74  ?  112 GLY   A N   1 
ATOM   1122 C CA  . GLY   A 1 103 ? 1.587   16.757  1.021   1.00 50.63  ?  112 GLY   A CA  1 
ATOM   1123 C C   . GLY   A 1 103 ? 2.298   16.918  -0.318  1.00 43.38  ?  112 GLY   A C   1 
ATOM   1124 O O   . GLY   A 1 103 ? 1.999   17.883  -1.020  1.00 44.34  ?  112 GLY   A O   1 
ATOM   1125 N N   . GLU   A 1 104 ? 3.179   15.989  -0.671  1.00 40.31  ?  113 GLU   A N   1 
ATOM   1126 C CA  . GLU   A 1 104 ? 3.864   15.962  -1.980  1.00 39.92  ?  113 GLU   A CA  1 
ATOM   1127 C C   . GLU   A 1 104 ? 2.790   15.884  -3.057  1.00 45.24  ?  113 GLU   A C   1 
ATOM   1128 O O   . GLU   A 1 104 ? 1.762   15.209  -2.827  1.00 42.12  ?  113 GLU   A O   1 
ATOM   1129 C CB  . GLU   A 1 104 ? 4.848   14.800  -2.094  1.00 37.96  ?  113 GLU   A CB  1 
ATOM   1130 C CG  . GLU   A 1 104 ? 5.952   14.850  -1.060  1.00 36.14  ?  113 GLU   A CG  1 
ATOM   1131 C CD  . GLU   A 1 104 ? 5.699   13.990  0.163   1.00 38.82  ?  113 GLU   A CD  1 
ATOM   1132 O OE1 . GLU   A 1 104 ? 4.508   13.841  0.559   1.00 36.73  ?  113 GLU   A OE1 1 
ATOM   1133 O OE2 . GLU   A 1 104 ? 6.697   13.443  0.705   1.00 40.28  ?  113 GLU   A OE2 1 
ATOM   1134 N N   . ILE   A 1 105 ? 3.010   16.601  -4.164  1.00 45.66  ?  114 ILE   A N   1 
ATOM   1135 C CA  . ILE   A 1 105 ? 2.085   16.604  -5.324  1.00 40.98  ?  114 ILE   A CA  1 
ATOM   1136 C C   . ILE   A 1 105 ? 2.296   15.286  -6.053  1.00 40.82  ?  114 ILE   A C   1 
ATOM   1137 O O   . ILE   A 1 105 ? 3.421   14.880  -6.349  1.00 40.05  ?  114 ILE   A O   1 
ATOM   1138 C CB  . ILE   A 1 105 ? 2.279   17.858  -6.204  1.00 45.94  ?  114 ILE   A CB  1 
ATOM   1139 C CG1 . ILE   A 1 105 ? 2.185   19.138  -5.369  1.00 45.68  ?  114 ILE   A CG1 1 
ATOM   1140 C CG2 . ILE   A 1 105 ? 1.274   17.876  -7.353  1.00 44.19  ?  114 ILE   A CG2 1 
ATOM   1141 C CD1 . ILE   A 1 105 ? 0.941   19.207  -4.492  1.00 48.96  ?  114 ILE   A CD1 1 
ATOM   1142 N N   . PRO   A 1 106 ? 1.213   14.523  -6.301  1.00 39.78  ?  115 PRO   A N   1 
ATOM   1143 C CA  . PRO   A 1 106 ? 1.331   13.291  -7.063  1.00 39.02  ?  115 PRO   A CA  1 
ATOM   1144 C C   . PRO   A 1 106 ? 1.466   13.566  -8.563  1.00 40.26  ?  115 PRO   A C   1 
ATOM   1145 O O   . PRO   A 1 106 ? 1.091   14.648  -9.015  1.00 41.43  ?  115 PRO   A O   1 
ATOM   1146 C CB  . PRO   A 1 106 ? 0.030   12.540  -6.727  1.00 40.49  ?  115 PRO   A CB  1 
ATOM   1147 C CG  . PRO   A 1 106 ? -0.955  13.624  -6.400  1.00 38.86  ?  115 PRO   A CG  1 
ATOM   1148 C CD  . PRO   A 1 106 ? -0.142  14.748  -5.792  1.00 39.41  ?  115 PRO   A CD  1 
ATOM   1149 N N   . VAL   A 1 107 ? 1.960   12.564  -9.294  1.00 37.71  ?  116 VAL   A N   1 
ATOM   1150 C CA  . VAL   A 1 107 ? 1.999   12.583  -10.778 1.00 43.27  ?  116 VAL   A CA  1 
ATOM   1151 C C   . VAL   A 1 107 ? 0.792   11.806  -11.297 1.00 45.57  ?  116 VAL   A C   1 
ATOM   1152 O O   . VAL   A 1 107 ? 0.497   11.921  -12.497 1.00 48.05  ?  116 VAL   A O   1 
ATOM   1153 C CB  . VAL   A 1 107 ? 3.337   12.060  -11.339 1.00 39.30  ?  116 VAL   A CB  1 
ATOM   1154 C CG1 . VAL   A 1 107 ? 4.468   12.992  -10.953 1.00 39.76  ?  116 VAL   A CG1 1 
ATOM   1155 C CG2 . VAL   A 1 107 ? 3.645   10.641  -10.931 1.00 39.68  ?  116 VAL   A CG2 1 
ATOM   1156 N N   . ALA   A 1 108 ? 0.111   11.063  -10.426 1.00 45.25  ?  117 ALA   A N   1 
ATOM   1157 C CA  . ALA   A 1 108 ? -0.931  10.104  -10.839 1.00 46.91  ?  117 ALA   A CA  1 
ATOM   1158 C C   . ALA   A 1 108 ? -1.583  9.474   -9.608  1.00 43.36  ?  117 ALA   A C   1 
ATOM   1159 O O   . ALA   A 1 108 ? -1.082  9.682   -8.498  1.00 44.81  ?  117 ALA   A O   1 
ATOM   1160 C CB  . ALA   A 1 108 ? -0.330  9.050   -11.741 1.00 47.87  ?  117 ALA   A CB  1 
ATOM   1161 N N   . TYR   A 1 109 ? -2.657  8.721   -9.831  1.00 43.84  ?  118 TYR   A N   1 
ATOM   1162 C CA  . TYR   A 1 109 ? -3.388  7.968   -8.788  1.00 44.02  ?  118 TYR   A CA  1 
ATOM   1163 C C   . TYR   A 1 109 ? -3.496  6.512   -9.201  1.00 44.86  ?  118 TYR   A C   1 
ATOM   1164 O O   . TYR   A 1 109 ? -3.758  6.276   -10.370 1.00 54.71  ?  118 TYR   A O   1 
ATOM   1165 C CB  . TYR   A 1 109 ? -4.745  8.607   -8.565  1.00 42.02  ?  118 TYR   A CB  1 
ATOM   1166 C CG  . TYR   A 1 109 ? -4.637  9.897   -7.805  1.00 40.64  ?  118 TYR   A CG  1 
ATOM   1167 C CD1 . TYR   A 1 109 ? -4.543  9.912   -6.425  1.00 40.65  ?  118 TYR   A CD1 1 
ATOM   1168 C CD2 . TYR   A 1 109 ? -4.579  11.101  -8.468  1.00 41.58  ?  118 TYR   A CD2 1 
ATOM   1169 C CE1 . TYR   A 1 109 ? -4.448  11.094  -5.719  1.00 37.90  ?  118 TYR   A CE1 1 
ATOM   1170 C CE2 . TYR   A 1 109 ? -4.497  12.291  -7.779  1.00 38.60  ?  118 TYR   A CE2 1 
ATOM   1171 C CZ  . TYR   A 1 109 ? -4.431  12.288  -6.407  1.00 36.63  ?  118 TYR   A CZ  1 
ATOM   1172 O OH  . TYR   A 1 109 ? -4.302  13.474  -5.752  1.00 44.33  ?  118 TYR   A OH  1 
ATOM   1173 N N   . ARG   A 1 110 ? -3.230  5.603   -8.266  1.00 49.24  ?  119 ARG   A N   1 
ATOM   1174 C CA  . ARG   A 1 110 ? -3.377  4.138   -8.434  1.00 52.54  ?  119 ARG   A CA  1 
ATOM   1175 C C   . ARG   A 1 110 ? -4.565  3.661   -7.584  1.00 54.80  ?  119 ARG   A C   1 
ATOM   1176 O O   . ARG   A 1 110 ? -4.503  3.717   -6.316  1.00 51.06  ?  119 ARG   A O   1 
ATOM   1177 C CB  . ARG   A 1 110 ? -2.072  3.432   -8.060  1.00 57.02  ?  119 ARG   A CB  1 
ATOM   1178 C CG  . ARG   A 1 110 ? -1.990  1.997   -8.558  1.00 66.42  ?  119 ARG   A CG  1 
ATOM   1179 C CD  . ARG   A 1 110 ? -1.733  1.965   -10.047 1.00 67.84  ?  119 ARG   A CD  1 
ATOM   1180 N NE  . ARG   A 1 110 ? -2.268  0.776   -10.687 1.00 77.41  ?  119 ARG   A NE  1 
ATOM   1181 C CZ  . ARG   A 1 110 ? -1.553  -0.204  -11.228 1.00 76.00  ?  119 ARG   A CZ  1 
ATOM   1182 N NH1 . ARG   A 1 110 ? -0.229  -0.158  -11.249 1.00 77.26  ?  119 ARG   A NH1 1 
ATOM   1183 N NH2 . ARG   A 1 110 ? -2.186  -1.237  -11.752 1.00 79.05  ?  119 ARG   A NH2 1 
ATOM   1184 N N   . LYS   A 1 111 ? -5.610  3.210   -8.274  1.00 58.10  ?  120 LYS   A N   1 
ATOM   1185 C CA  . LYS   A 1 111 ? -6.831  2.605   -7.682  1.00 59.79  ?  120 LYS   A CA  1 
ATOM   1186 C C   . LYS   A 1 111 ? -6.481  1.157   -7.336  1.00 53.91  ?  120 LYS   A C   1 
ATOM   1187 O O   . LYS   A 1 111 ? -6.042  0.406   -8.235  1.00 56.08  ?  120 LYS   A O   1 
ATOM   1188 C CB  . LYS   A 1 111 ? -8.010  2.729   -8.657  1.00 60.39  ?  120 LYS   A CB  1 
ATOM   1189 C CG  . LYS   A 1 111 ? -8.378  4.165   -9.025  1.00 70.86  ?  120 LYS   A CG  1 
ATOM   1190 C CD  . LYS   A 1 111 ? -9.703  4.326   -9.746  1.00 77.08  ?  120 LYS   A CD  1 
ATOM   1191 C CE  . LYS   A 1 111 ? -9.719  3.713   -11.132 1.00 82.99  ?  120 LYS   A CE  1 
ATOM   1192 N NZ  . LYS   A 1 111 ? -11.100 3.368   -11.557 1.00 87.21  ?  120 LYS   A NZ  1 
ATOM   1193 N N   A VAL   A 1 112 ? -6.620  0.808   -6.056  0.38 51.73  ?  121 VAL   A N   1 
ATOM   1194 N N   B VAL   A 1 112 ? -6.621  0.808   -6.057  0.35 51.82  ?  121 VAL   A N   1 
ATOM   1195 N N   C VAL   A 1 112 ? -6.678  0.750   -6.075  0.14 54.63  ?  121 VAL   A N   1 
ATOM   1196 N N   D VAL   A 1 112 ? -6.678  0.749   -6.075  0.13 54.70  ?  121 VAL   A N   1 
ATOM   1197 C CA  A VAL   A 1 112 ? -6.326  -0.557  -5.535  0.38 51.34  ?  121 VAL   A CA  1 
ATOM   1198 C CA  B VAL   A 1 112 ? -6.326  -0.557  -5.535  0.35 51.40  ?  121 VAL   A CA  1 
ATOM   1199 C CA  C VAL   A 1 112 ? -6.347  -0.632  -5.603  0.14 54.82  ?  121 VAL   A CA  1 
ATOM   1200 C CA  D VAL   A 1 112 ? -6.347  -0.632  -5.603  0.13 54.86  ?  121 VAL   A CA  1 
ATOM   1201 C C   A VAL   A 1 112 ? -7.441  -0.975  -4.576  0.38 50.98  ?  121 VAL   A C   1 
ATOM   1202 C C   B VAL   A 1 112 ? -7.443  -0.976  -4.578  0.35 51.11  ?  121 VAL   A C   1 
ATOM   1203 C C   C VAL   A 1 112 ? -7.411  -1.153  -4.628  0.14 55.25  ?  121 VAL   A C   1 
ATOM   1204 C C   D VAL   A 1 112 ? -7.410  -1.153  -4.627  0.13 55.34  ?  121 VAL   A C   1 
ATOM   1205 O O   A VAL   A 1 112 ? -8.044  -0.096  -3.932  0.38 49.86  ?  121 VAL   A O   1 
ATOM   1206 O O   B VAL   A 1 112 ? -8.047  -0.097  -3.935  0.35 49.97  ?  121 VAL   A O   1 
ATOM   1207 O O   C VAL   A 1 112 ? -8.260  -0.359  -4.178  0.14 54.31  ?  121 VAL   A O   1 
ATOM   1208 O O   D VAL   A 1 112 ? -8.257  -0.359  -4.174  0.13 54.43  ?  121 VAL   A O   1 
ATOM   1209 C CB  A VAL   A 1 112 ? -4.939  -0.628  -4.864  0.38 49.51  ?  121 VAL   A CB  1 
ATOM   1210 C CB  B VAL   A 1 112 ? -4.940  -0.627  -4.863  0.35 49.61  ?  121 VAL   A CB  1 
ATOM   1211 C CB  C VAL   A 1 112 ? -4.946  -0.700  -4.962  0.14 54.03  ?  121 VAL   A CB  1 
ATOM   1212 C CB  D VAL   A 1 112 ? -4.946  -0.701  -4.961  0.13 54.11  ?  121 VAL   A CB  1 
ATOM   1213 C CG1 A VAL   A 1 112 ? -3.846  -0.137  -5.798  0.38 51.26  ?  121 VAL   A CG1 1 
ATOM   1214 C CG1 B VAL   A 1 112 ? -3.845  -0.138  -5.798  0.35 51.24  ?  121 VAL   A CG1 1 
ATOM   1215 C CG1 C VAL   A 1 112 ? -3.855  -0.294  -5.938  0.14 54.71  ?  121 VAL   A CG1 1 
ATOM   1216 C CG1 D VAL   A 1 112 ? -3.854  -0.295  -5.938  0.13 54.71  ?  121 VAL   A CG1 1 
ATOM   1217 C CG2 A VAL   A 1 112 ? -4.889  0.127   -3.542  0.38 47.69  ?  121 VAL   A CG2 1 
ATOM   1218 C CG2 B VAL   A 1 112 ? -4.890  0.128   -3.542  0.35 47.85  ?  121 VAL   A CG2 1 
ATOM   1219 C CG2 C VAL   A 1 112 ? -4.855  0.115   -3.680  0.14 53.31  ?  121 VAL   A CG2 1 
ATOM   1220 C CG2 D VAL   A 1 112 ? -4.855  0.116   -3.680  0.13 53.43  ?  121 VAL   A CG2 1 
ATOM   1221 N N   A LEU   A 1 113 ? -7.695  -2.282  -4.527  0.38 54.80  ?  122 LEU   A N   1 
ATOM   1222 N N   B LEU   A 1 113 ? -7.695  -2.283  -4.530  0.35 54.85  ?  122 LEU   A N   1 
ATOM   1223 N N   C LEU   A 1 113 ? -7.332  -2.456  -4.331  0.14 57.62  ?  122 LEU   A N   1 
ATOM   1224 N N   D LEU   A 1 113 ? -7.333  -2.456  -4.333  0.13 57.65  ?  122 LEU   A N   1 
ATOM   1225 C CA  A LEU   A 1 113 ? -8.560  -2.975  -3.543  0.38 56.79  ?  122 LEU   A CA  1 
ATOM   1226 C CA  B LEU   A 1 113 ? -8.560  -2.976  -3.543  0.35 56.88  ?  122 LEU   A CA  1 
ATOM   1227 C CA  C LEU   A 1 113 ? -8.148  -3.198  -3.331  0.14 59.06  ?  122 LEU   A CA  1 
ATOM   1228 C CA  D LEU   A 1 113 ? -8.148  -3.198  -3.333  0.13 59.12  ?  122 LEU   A CA  1 
ATOM   1229 C C   A LEU   A 1 113 ? -7.638  -3.715  -2.572  0.38 57.06  ?  122 LEU   A C   1 
ATOM   1230 C C   B LEU   A 1 113 ? -7.637  -3.715  -2.573  0.35 57.14  ?  122 LEU   A C   1 
ATOM   1231 C C   C LEU   A 1 113 ? -7.190  -3.968  -2.412  0.14 59.84  ?  122 LEU   A C   1 
ATOM   1232 C C   D LEU   A 1 113 ? -7.190  -3.967  -2.412  0.13 59.91  ?  122 LEU   A C   1 
ATOM   1233 O O   A LEU   A 1 113 ? -6.961  -4.672  -2.999  0.38 51.86  ?  122 LEU   A O   1 
ATOM   1234 O O   B LEU   A 1 113 ? -6.958  -4.670  -3.001  0.35 52.11  ?  122 LEU   A O   1 
ATOM   1235 O O   C LEU   A 1 113 ? -6.360  -4.734  -2.937  0.14 57.84  ?  122 LEU   A O   1 
ATOM   1236 O O   D LEU   A 1 113 ? -6.357  -4.728  -2.939  0.13 58.01  ?  122 LEU   A O   1 
ATOM   1237 C CB  A LEU   A 1 113 ? -9.482  -3.936  -4.302  0.38 61.33  ?  122 LEU   A CB  1 
ATOM   1238 C CB  B LEU   A 1 113 ? -9.483  -3.937  -4.302  0.35 61.28  ?  122 LEU   A CB  1 
ATOM   1239 C CB  C LEU   A 1 113 ? -9.085  -4.161  -4.071  0.14 60.56  ?  122 LEU   A CB  1 
ATOM   1240 C CB  D LEU   A 1 113 ? -9.085  -4.161  -4.073  0.13 60.55  ?  122 LEU   A CB  1 
ATOM   1241 C CG  A LEU   A 1 113 ? -10.729 -4.420  -3.561  0.38 65.24  ?  122 LEU   A CG  1 
ATOM   1242 C CG  B LEU   A 1 113 ? -10.729 -4.420  -3.561  0.35 65.09  ?  122 LEU   A CG  1 
ATOM   1243 C CG  C LEU   A 1 113 ? -10.514 -4.266  -3.541  0.14 62.06  ?  122 LEU   A CG  1 
ATOM   1244 C CG  D LEU   A 1 113 ? -10.514 -4.266  -3.541  0.13 61.98  ?  122 LEU   A CG  1 
ATOM   1245 C CD1 A LEU   A 1 113 ? -11.603 -3.253  -3.118  0.38 67.23  ?  122 LEU   A CD1 1 
ATOM   1246 C CD1 B LEU   A 1 113 ? -11.603 -3.253  -3.119  0.35 67.02  ?  122 LEU   A CD1 1 
ATOM   1247 C CD1 C LEU   A 1 113 ? -11.296 -2.993  -3.822  0.14 62.96  ?  122 LEU   A CD1 1 
ATOM   1248 C CD1 D LEU   A 1 113 ? -11.296 -2.993  -3.821  0.13 62.84  ?  122 LEU   A CD1 1 
ATOM   1249 C CD2 A LEU   A 1 113 ? -11.534 -5.368  -4.439  0.38 66.89  ?  122 LEU   A CD2 1 
ATOM   1250 C CD2 B LEU   A 1 113 ? -11.535 -5.369  -4.438  0.35 66.69  ?  122 LEU   A CD2 1 
ATOM   1251 C CD2 C LEU   A 1 113 ? -11.230 -5.465  -4.146  0.14 62.47  ?  122 LEU   A CD2 1 
ATOM   1252 C CD2 D LEU   A 1 113 ? -11.231 -5.465  -4.146  0.13 62.38  ?  122 LEU   A CD2 1 
ATOM   1253 N N   A LEU   A 1 114 ? -7.576  -3.254  -1.323  0.38 59.77  ?  123 LEU   A N   1 
ATOM   1254 N N   B LEU   A 1 114 ? -7.577  -3.255  -1.324  0.35 59.84  ?  123 LEU   A N   1 
ATOM   1255 N N   C LEU   A 1 114 ? -7.289  -3.762  -1.096  0.14 61.99  ?  123 LEU   A N   1 
ATOM   1256 N N   D LEU   A 1 114 ? -7.290  -3.761  -1.095  0.13 62.04  ?  123 LEU   A N   1 
ATOM   1257 C CA  A LEU   A 1 114 ? -6.619  -3.766  -0.312  0.38 62.53  ?  123 LEU   A CA  1 
ATOM   1258 C CA  B LEU   A 1 114 ? -6.619  -3.766  -0.312  0.35 62.60  ?  123 LEU   A CA  1 
ATOM   1259 C CA  C LEU   A 1 114 ? -6.497  -4.491  -0.066  0.14 63.72  ?  123 LEU   A CA  1 
ATOM   1260 C CA  D LEU   A 1 114 ? -6.497  -4.490  -0.066  0.13 63.79  ?  123 LEU   A CA  1 
ATOM   1261 C C   A LEU   A 1 114 ? -7.310  -4.830  0.545   0.38 64.39  ?  123 LEU   A C   1 
ATOM   1262 C C   B LEU   A 1 114 ? -7.309  -4.829  0.546   0.35 64.55  ?  123 LEU   A C   1 
ATOM   1263 C C   C LEU   A 1 114 ? -7.416  -5.449  0.695   0.14 66.07  ?  123 LEU   A C   1 
ATOM   1264 C C   D LEU   A 1 114 ? -7.416  -5.449  0.695   0.13 66.16  ?  123 LEU   A C   1 
ATOM   1265 O O   A LEU   A 1 114 ? -8.364  -4.512  1.129   0.38 62.64  ?  123 LEU   A O   1 
ATOM   1266 O O   B LEU   A 1 114 ? -8.362  -4.510  1.132   0.35 62.80  ?  123 LEU   A O   1 
ATOM   1267 O O   C LEU   A 1 114 ? -8.592  -5.094  0.909   0.14 65.70  ?  123 LEU   A O   1 
ATOM   1268 O O   D LEU   A 1 114 ? -8.592  -5.096  0.907   0.13 65.78  ?  123 LEU   A O   1 
ATOM   1269 C CB  A LEU   A 1 114 ? -6.139  -2.589  0.540   0.38 63.16  ?  123 LEU   A CB  1 
ATOM   1270 C CB  B LEU   A 1 114 ? -6.139  -2.589  0.540   0.35 63.16  ?  123 LEU   A CB  1 
ATOM   1271 C CB  C LEU   A 1 114 ? -5.864  -3.482  0.903   0.14 64.27  ?  123 LEU   A CB  1 
ATOM   1272 C CB  D LEU   A 1 114 ? -5.864  -3.481  0.902   0.13 64.23  ?  123 LEU   A CB  1 
ATOM   1273 C CG  A LEU   A 1 114 ? -4.967  -2.891  1.472   0.38 63.29  ?  123 LEU   A CG  1 
ATOM   1274 C CG  B LEU   A 1 114 ? -4.967  -2.890  1.472   0.35 63.26  ?  123 LEU   A CG  1 
ATOM   1275 C CG  C LEU   A 1 114 ? -4.338  -3.348  0.891   0.14 62.97  ?  123 LEU   A CG  1 
ATOM   1276 C CG  D LEU   A 1 114 ? -4.338  -3.347  0.891   0.13 63.01  ?  123 LEU   A CG  1 
ATOM   1277 C CD1 A LEU   A 1 114 ? -3.671  -3.018  0.688   0.38 61.08  ?  123 LEU   A CD1 1 
ATOM   1278 C CD1 B LEU   A 1 114 ? -3.671  -3.017  0.689   0.35 61.17  ?  123 LEU   A CD1 1 
ATOM   1279 C CD1 C LEU   A 1 114 ? -3.732  -3.743  -0.438  0.14 62.38  ?  123 LEU   A CD1 1 
ATOM   1280 C CD1 D LEU   A 1 114 ? -3.732  -3.743  -0.438  0.13 62.46  ?  123 LEU   A CD1 1 
ATOM   1281 C CD2 A LEU   A 1 114 ? -4.850  -1.822  2.541   0.38 64.10  ?  123 LEU   A CD2 1 
ATOM   1282 C CD2 B LEU   A 1 114 ? -4.850  -1.821  2.542   0.35 64.04  ?  123 LEU   A CD2 1 
ATOM   1283 C CD2 C LEU   A 1 114 ? -3.927  -1.928  1.240   0.14 62.97  ?  123 LEU   A CD2 1 
ATOM   1284 C CD2 D LEU   A 1 114 ? -3.927  -1.928  1.240   0.13 62.99  ?  123 LEU   A CD2 1 
ATOM   1285 N N   A ARG   A 1 115 ? -6.736  -6.036  0.604   0.38 69.17  ?  124 ARG   A N   1 
ATOM   1286 N N   B ARG   A 1 115 ? -6.738  -6.036  0.604   0.35 69.45  ?  124 ARG   A N   1 
ATOM   1287 N N   C ARG   A 1 115 ? -6.884  -6.607  1.091   0.14 69.72  ?  124 ARG   A N   1 
ATOM   1288 N N   D ARG   A 1 115 ? -6.882  -6.607  1.092   0.13 69.85  ?  124 ARG   A N   1 
ATOM   1289 C CA  A ARG   A 1 115 ? -7.115  -7.088  1.586   0.38 78.47  ?  124 ARG   A CA  1 
ATOM   1290 C CA  B ARG   A 1 115 ? -7.115  -7.087  1.585   0.35 78.60  ?  124 ARG   A CA  1 
ATOM   1291 C CA  C ARG   A 1 115 ? -7.464  -7.466  2.157   0.14 74.26  ?  124 ARG   A CA  1 
ATOM   1292 C CA  D ARG   A 1 115 ? -7.463  -7.466  2.157   0.13 74.30  ?  124 ARG   A CA  1 
ATOM   1293 C C   A ARG   A 1 115 ? -6.814  -6.542  2.986   0.38 79.78  ?  124 ARG   A C   1 
ATOM   1294 C C   B ARG   A 1 115 ? -6.813  -6.540  2.986   0.35 79.93  ?  124 ARG   A C   1 
ATOM   1295 C C   C ARG   A 1 115 ? -7.250  -6.747  3.496   0.14 74.50  ?  124 ARG   A C   1 
ATOM   1296 C C   D ARG   A 1 115 ? -7.249  -6.749  3.496   0.13 74.57  ?  124 ARG   A C   1 
ATOM   1297 O O   A ARG   A 1 115 ? -5.636  -6.234  3.250   0.38 87.05  ?  124 ARG   A O   1 
ATOM   1298 O O   B ARG   A 1 115 ? -5.635  -6.232  3.250   0.35 86.88  ?  124 ARG   A O   1 
ATOM   1299 O O   C ARG   A 1 115 ? -6.087  -6.672  3.940   0.14 76.76  ?  124 ARG   A O   1 
ATOM   1300 O O   D ARG   A 1 115 ? -6.087  -6.678  3.943   0.13 76.65  ?  124 ARG   A O   1 
ATOM   1301 C CB  A ARG   A 1 115 ? -6.362  -8.390  1.295   0.38 85.27  ?  124 ARG   A CB  1 
ATOM   1302 C CB  B ARG   A 1 115 ? -6.362  -8.389  1.294   0.35 85.35  ?  124 ARG   A CB  1 
ATOM   1303 C CB  C ARG   A 1 115 ? -6.805  -8.851  2.144   0.14 77.42  ?  124 ARG   A CB  1 
ATOM   1304 C CB  D ARG   A 1 115 ? -6.805  -8.851  2.143   0.13 77.44  ?  124 ARG   A CB  1 
ATOM   1305 C CG  A ARG   A 1 115 ? -6.958  -9.623  1.962   0.38 94.21  ?  124 ARG   A CG  1 
ATOM   1306 C CG  B ARG   A 1 115 ? -6.958  -9.623  1.962   0.35 94.11  ?  124 ARG   A CG  1 
ATOM   1307 C CG  C ARG   A 1 115 ? -7.682  -9.974  2.683   0.14 81.22  ?  124 ARG   A CG  1 
ATOM   1308 C CG  D ARG   A 1 115 ? -7.681  -9.973  2.683   0.13 81.13  ?  124 ARG   A CG  1 
ATOM   1309 C CD  A ARG   A 1 115 ? -6.337  -10.909 1.443   0.38 102.75 ?  124 ARG   A CD  1 
ATOM   1310 C CD  B ARG   A 1 115 ? -6.337  -10.909 1.441   0.35 102.50 ?  124 ARG   A CD  1 
ATOM   1311 C CD  C ARG   A 1 115 ? -7.305  -11.326 2.103   0.14 83.85  ?  124 ARG   A CD  1 
ATOM   1312 C CD  D ARG   A 1 115 ? -7.304  -11.325 2.102   0.13 83.78  ?  124 ARG   A CD  1 
ATOM   1313 N NE  A ARG   A 1 115 ? -6.585  -11.092 0.016   0.38 111.60 ?  124 ARG   A NE  1 
ATOM   1314 N NE  B ARG   A 1 115 ? -6.585  -11.092 0.016   0.35 111.14 ?  124 ARG   A NE  1 
ATOM   1315 N NE  C ARG   A 1 115 ? -7.447  -11.339 0.649   0.14 86.81  ?  124 ARG   A NE  1 
ATOM   1316 N NE  D ARG   A 1 115 ? -7.446  -11.339 0.648   0.13 86.68  ?  124 ARG   A NE  1 
ATOM   1317 C CZ  A ARG   A 1 115 ? -5.940  -11.949 -0.778  0.38 117.06 ?  124 ARG   A CZ  1 
ATOM   1318 C CZ  B ARG   A 1 115 ? -5.940  -11.948 -0.778  0.35 116.54 ?  124 ARG   A CZ  1 
ATOM   1319 C CZ  C ARG   A 1 115 ? -6.489  -11.638 -0.231  0.14 90.92  ?  124 ARG   A CZ  1 
ATOM   1320 C CZ  D ARG   A 1 115 ? -6.489  -11.638 -0.232  0.13 90.61  ?  124 ARG   A CZ  1 
ATOM   1321 N NH1 A ARG   A 1 115 ? -4.979  -12.725 -0.299  0.38 112.73 ?  124 ARG   A NH1 1 
ATOM   1322 N NH1 B ARG   A 1 115 ? -4.979  -12.724 -0.299  0.35 112.59 ?  124 ARG   A NH1 1 
ATOM   1323 N NH1 C ARG   A 1 115 ? -5.276  -11.993 0.166   0.14 90.94  1  124 ARG   A NH1 1 
ATOM   1324 N NH1 D ARG   A 1 115 ? -5.276  -11.993 0.165   0.13 90.71  1  124 ARG   A NH1 1 
ATOM   1325 N NH2 A ARG   A 1 115 ? -6.263  -12.020 -2.060  0.38 117.20 ?  124 ARG   A NH2 1 
ATOM   1326 N NH2 B ARG   A 1 115 ? -6.262  -12.019 -2.061  0.35 116.83 ?  124 ARG   A NH2 1 
ATOM   1327 N NH2 C ARG   A 1 115 ? -6.762  -11.596 -1.526  0.14 91.85  ?  124 ARG   A NH2 1 
ATOM   1328 N NH2 D ARG   A 1 115 ? -6.761  -11.598 -1.527  0.13 91.54  ?  124 ARG   A NH2 1 
ATOM   1329 N N   A LYS   A 1 116 ? -7.847  -6.378  3.820   0.38 82.35  ?  125 LYS   A N   1 
ATOM   1330 N N   B LYS   A 1 116 ? -7.848  -6.377  3.820   0.35 82.44  ?  125 LYS   A N   1 
ATOM   1331 N N   C LYS   A 1 116 ? -8.317  -6.205  4.095   0.14 75.74  ?  125 LYS   A N   1 
ATOM   1332 N N   D LYS   A 1 116 ? -8.316  -6.204  4.094   0.13 75.75  ?  125 LYS   A N   1 
ATOM   1333 C CA  A LYS   A 1 116 ? -7.783  -5.769  5.173   0.38 84.91  ?  125 LYS   A CA  1 
ATOM   1334 C CA  B LYS   A 1 116 ? -7.784  -5.769  5.172   0.35 84.94  ?  125 LYS   A CA  1 
ATOM   1335 C CA  C LYS   A 1 116 ? -8.273  -5.448  5.371   0.14 75.94  ?  125 LYS   A CA  1 
ATOM   1336 C CA  D LYS   A 1 116 ? -8.273  -5.447  5.370   0.13 75.99  ?  125 LYS   A CA  1 
ATOM   1337 C C   A LYS   A 1 116 ? -8.168  -6.815  6.227   0.38 91.34  ?  125 LYS   A C   1 
ATOM   1338 C C   B LYS   A 1 116 ? -8.172  -6.815  6.226   0.35 91.12  ?  125 LYS   A C   1 
ATOM   1339 C C   C LYS   A 1 116 ? -8.354  -6.424  6.551   0.14 77.70  ?  125 LYS   A C   1 
ATOM   1340 C C   D LYS   A 1 116 ? -8.353  -6.425  6.549   0.13 77.64  ?  125 LYS   A C   1 
ATOM   1341 O O   A LYS   A 1 116 ? -7.493  -7.844  6.390   0.38 95.78  ?  125 LYS   A O   1 
ATOM   1342 O O   B LYS   A 1 116 ? -7.496  -7.839  6.394   0.35 95.50  ?  125 LYS   A O   1 
ATOM   1343 O O   C LYS   A 1 116 ? -7.485  -7.281  6.730   0.14 80.19  ?  125 LYS   A O   1 
ATOM   1344 O O   D LYS   A 1 116 ? -7.485  -7.282  6.727   0.13 80.00  ?  125 LYS   A O   1 
ATOM   1345 C CB  A LYS   A 1 116 ? -8.685  -4.560  5.237   0.38 83.78  ?  125 LYS   A CB  1 
ATOM   1346 C CB  B LYS   A 1 116 ? -8.685  -4.558  5.235   0.35 83.86  ?  125 LYS   A CB  1 
ATOM   1347 C CB  C LYS   A 1 116 ? -9.387  -4.429  5.423   0.14 75.93  ?  125 LYS   A CB  1 
ATOM   1348 C CB  D LYS   A 1 116 ? -9.385  -4.429  5.423   0.13 75.97  ?  125 LYS   A CB  1 
HETATM 1349 C C13 C A1CS2 B 2 .   ? -4.709  -1.947  4.942   0.14 32.89  ?  201 A1CS2 A C13 1 
HETATM 1350 C C13 D A1CS2 B 2 .   ? -4.704  -1.946  4.939   0.13 32.93  ?  201 A1CS2 A C13 1 
HETATM 1351 C C15 C A1CS2 B 2 .   ? -5.934  -1.503  4.251   0.14 33.46  ?  201 A1CS2 A C15 1 
HETATM 1352 C C15 D A1CS2 B 2 .   ? -5.929  -1.501  4.248   0.13 33.44  ?  201 A1CS2 A C15 1 
HETATM 1353 O O01 C A1CS2 B 2 .   ? -12.137 0.901   7.804   0.14 35.81  -1 201 A1CS2 A O01 1 
HETATM 1354 O O01 D A1CS2 B 2 .   ? -12.138 0.899   7.802   0.13 35.69  -1 201 A1CS2 A O01 1 
HETATM 1355 C C02 C A1CS2 B 2 .   ? -10.984 0.471   7.638   0.14 34.00  ?  201 A1CS2 A C02 1 
HETATM 1356 C C02 D A1CS2 B 2 .   ? -10.984 0.468   7.638   0.13 33.98  ?  201 A1CS2 A C02 1 
HETATM 1357 O O03 C A1CS2 B 2 .   ? -10.465 -0.470  8.251   0.14 34.32  ?  201 A1CS2 A O03 1 
HETATM 1358 O O03 D A1CS2 B 2 .   ? -10.467 -0.474  8.252   0.13 34.31  ?  201 A1CS2 A O03 1 
HETATM 1359 C C04 C A1CS2 B 2 .   ? -10.108 1.176   6.564   0.14 32.93  ?  201 A1CS2 A C04 1 
HETATM 1360 C C04 D A1CS2 B 2 .   ? -10.107 1.171   6.562   0.13 32.96  ?  201 A1CS2 A C04 1 
HETATM 1361 C C05 C A1CS2 B 2 .   ? -10.546 2.398   5.995   0.14 32.63  ?  201 A1CS2 A C05 1 
HETATM 1362 C C05 D A1CS2 B 2 .   ? -10.546 2.394   5.995   0.13 32.66  ?  201 A1CS2 A C05 1 
HETATM 1363 C C06 C A1CS2 B 2 .   ? -9.813  3.080   5.030   0.14 32.52  ?  201 A1CS2 A C06 1 
HETATM 1364 C C06 D A1CS2 B 2 .   ? -9.813  3.078   5.031   0.13 32.55  ?  201 A1CS2 A C06 1 
HETATM 1365 C C07 C A1CS2 B 2 .   ? -8.601  2.539   4.612   0.14 32.71  ?  201 A1CS2 A C07 1 
HETATM 1366 C C07 D A1CS2 B 2 .   ? -8.601  2.538   4.611   0.13 32.71  ?  201 A1CS2 A C07 1 
HETATM 1367 C C08 C A1CS2 B 2 .   ? -8.165  1.339   5.164   0.14 32.59  ?  201 A1CS2 A C08 1 
HETATM 1368 C C08 D A1CS2 B 2 .   ? -8.164  1.337   5.161   0.13 32.61  ?  201 A1CS2 A C08 1 
HETATM 1369 C C09 C A1CS2 B 2 .   ? -8.900  0.647   6.136   0.14 32.28  ?  201 A1CS2 A C09 1 
HETATM 1370 C C09 D A1CS2 B 2 .   ? -8.898  0.643   6.134   0.13 32.36  ?  201 A1CS2 A C09 1 
HETATM 1371 S S10 C A1CS2 B 2 .   ? -8.097  -0.969  6.746   0.14 33.39  ?  201 A1CS2 A S10 1 
HETATM 1372 S S10 D A1CS2 B 2 .   ? -8.091  -0.975  6.740   0.13 33.37  ?  201 A1CS2 A S10 1 
HETATM 1373 C C11 C A1CS2 B 2 .   ? -6.535  -1.605  5.766   0.14 33.19  ?  201 A1CS2 A C11 1 
HETATM 1374 C C11 D A1CS2 B 2 .   ? -6.530  -1.607  5.762   0.13 33.19  ?  201 A1CS2 A C11 1 
HETATM 1375 C C12 C A1CS2 B 2 .   ? -5.108  -0.676  6.094   0.14 33.36  ?  201 A1CS2 A C12 1 
HETATM 1376 C C12 D A1CS2 B 2 .   ? -5.106  -0.676  6.092   0.13 33.35  ?  201 A1CS2 A C12 1 
HETATM 1377 C C14 C A1CS2 B 2 .   ? -5.511  -2.810  6.047   0.14 33.41  ?  201 A1CS2 A C14 1 
HETATM 1378 C C14 D A1CS2 B 2 .   ? -5.506  -2.811  6.044   0.13 33.40  ?  201 A1CS2 A C14 1 
HETATM 1379 O O   . HOH   C 3 .   ? -3.908  13.368  -3.608  0.50 47.23  ?  301 HOH   A O   1 
HETATM 1380 O O   . HOH   C 3 .   ? 14.707  -5.434  -2.980  1.00 67.63  ?  302 HOH   A O   1 
HETATM 1381 O O   . HOH   C 3 .   ? 14.729  -10.185 6.459   1.00 64.82  ?  303 HOH   A O   1 
HETATM 1382 O O   . HOH   C 3 .   ? 14.700  0.240   -7.671  1.00 47.36  ?  304 HOH   A O   1 
HETATM 1383 O O   . HOH   C 3 .   ? 5.756   2.975   15.086  1.00 56.06  ?  305 HOH   A O   1 
HETATM 1384 O O   . HOH   C 3 .   ? 9.110   5.543   -9.879  1.00 50.28  ?  306 HOH   A O   1 
HETATM 1385 O O   . HOH   C 3 .   ? -6.655  -7.443  -9.443  1.00 58.22  ?  307 HOH   A O   1 
HETATM 1386 O O   . HOH   C 3 .   ? 1.744   1.900   -9.872  1.00 59.87  ?  308 HOH   A O   1 
HETATM 1387 O O   . HOH   C 3 .   ? 0.946   6.481   12.174  1.00 58.30  ?  309 HOH   A O   1 
HETATM 1388 O O   . HOH   C 3 .   ? 17.558  1.341   0.523   1.00 59.32  ?  310 HOH   A O   1 
HETATM 1389 O O   . HOH   C 3 .   ? 16.560  11.166  -3.552  1.00 60.78  ?  311 HOH   A O   1 
HETATM 1390 O O   . HOH   C 3 .   ? -6.135  9.807   -2.987  1.00 73.06  ?  312 HOH   A O   1 
HETATM 1391 O O   . HOH   C 3 .   ? 7.224   -10.900 -5.422  1.00 87.41  ?  313 HOH   A O   1 
HETATM 1392 O O   A HOH   C 3 .   ? -3.268  -6.731  5.271   0.38 63.22  ?  314 HOH   A O   1 
HETATM 1393 O O   B HOH   C 3 .   ? -3.263  -6.725  5.263   0.35 62.96  ?  314 HOH   A O   1 
HETATM 1394 O O   C HOH   C 3 .   ? -2.258  -8.487  5.037   0.14 47.34  ?  314 HOH   A O   1 
HETATM 1395 O O   D HOH   C 3 .   ? -2.258  -8.492  5.033   0.13 47.45  ?  314 HOH   A O   1 
HETATM 1396 O O   . HOH   C 3 .   ? -4.981  1.376   14.306  1.00 78.65  ?  315 HOH   A O   1 
HETATM 1397 O O   . HOH   C 3 .   ? 19.111  11.257  -11.713 1.00 52.37  ?  316 HOH   A O   1 
HETATM 1398 O O   . HOH   C 3 .   ? 6.698   7.036   -8.782  1.00 46.35  ?  317 HOH   A O   1 
HETATM 1399 O O   . HOH   C 3 .   ? 2.976   -5.499  11.835  1.00 58.69  ?  318 HOH   A O   1 
HETATM 1400 O O   . HOH   C 3 .   ? -8.653  6.379   -1.515  1.00 51.54  ?  319 HOH   A O   1 
HETATM 1401 O O   . HOH   C 3 .   ? 13.839  -8.322  -3.459  1.00 77.81  ?  320 HOH   A O   1 
HETATM 1402 O O   . HOH   C 3 .   ? -6.049  12.068  7.426   1.00 65.21  ?  321 HOH   A O   1 
HETATM 1403 O O   A HOH   C 3 .   ? -13.819 0.457   0.148   0.38 59.03  ?  322 HOH   A O   1 
HETATM 1404 O O   B HOH   C 3 .   ? -13.824 0.449   0.148   0.35 59.14  ?  322 HOH   A O   1 
HETATM 1405 O O   . HOH   C 3 .   ? 8.892   1.292   4.735   1.00 41.08  ?  323 HOH   A O   1 
HETATM 1406 O O   . HOH   C 3 .   ? 10.977  2.581   1.966   1.00 41.65  ?  324 HOH   A O   1 
HETATM 1407 O O   . HOH   C 3 .   ? -5.393  5.482   1.866   1.00 48.75  ?  325 HOH   A O   1 
HETATM 1408 O O   . HOH   C 3 .   ? -5.420  0.545   -10.788 1.00 68.84  ?  326 HOH   A O   1 
HETATM 1409 O O   . HOH   C 3 .   ? 7.124   -11.451 15.100  1.00 88.91  ?  327 HOH   A O   1 
HETATM 1410 O O   . HOH   C 3 .   ? 6.927   -8.004  -8.904  1.00 57.78  ?  328 HOH   A O   1 
HETATM 1411 O O   . HOH   C 3 .   ? 8.431   1.592   2.404   1.00 40.38  ?  329 HOH   A O   1 
HETATM 1412 O O   . HOH   C 3 .   ? 7.692   -13.172 -1.344  1.00 67.40  ?  330 HOH   A O   1 
HETATM 1413 O O   . HOH   C 3 .   ? -3.820  -12.618 -11.053 0.50 128.48 ?  331 HOH   A O   1 
HETATM 1414 O O   . HOH   C 3 .   ? 7.079   11.507  2.602   1.00 38.71  ?  332 HOH   A O   1 
HETATM 1415 O O   . HOH   C 3 .   ? 15.589  -5.649  1.494   1.00 75.54  ?  333 HOH   A O   1 
HETATM 1416 O O   . HOH   C 3 .   ? 20.722  3.030   -0.032  1.00 65.75  ?  334 HOH   A O   1 
HETATM 1417 O O   . HOH   C 3 .   ? 11.725  2.188   6.391   1.00 35.68  ?  335 HOH   A O   1 
HETATM 1418 O O   . HOH   C 3 .   ? 12.176  -5.981  -4.204  1.00 72.56  ?  336 HOH   A O   1 
HETATM 1419 O O   . HOH   C 3 .   ? 12.959  8.972   7.108   1.00 50.15  ?  337 HOH   A O   1 
HETATM 1420 O O   . HOH   C 3 .   ? 10.070  7.866   -9.167  1.00 50.30  ?  338 HOH   A O   1 
HETATM 1421 O O   . HOH   C 3 .   ? 10.483  -7.242  12.630  1.00 73.18  ?  339 HOH   A O   1 
HETATM 1422 O O   . HOH   C 3 .   ? -8.481  8.054   -8.775  1.00 60.25  ?  340 HOH   A O   1 
HETATM 1423 O O   . HOH   C 3 .   ? 5.783   13.435  -6.321  1.00 41.20  ?  341 HOH   A O   1 
HETATM 1424 O O   . HOH   C 3 .   ? 6.151   -0.592  -9.286  1.00 61.76  ?  342 HOH   A O   1 
HETATM 1425 O O   . HOH   C 3 .   ? 11.360  13.671  -9.848  1.00 51.15  ?  343 HOH   A O   1 
HETATM 1426 O O   . HOH   C 3 .   ? 5.518   7.333   -11.828 1.00 52.77  ?  344 HOH   A O   1 
HETATM 1427 O O   . HOH   C 3 .   ? 6.188   -12.881 -3.825  1.00 68.31  ?  345 HOH   A O   1 
HETATM 1428 O O   . HOH   C 3 .   ? 1.481   20.709  -0.982  1.00 64.92  ?  346 HOH   A O   1 
HETATM 1429 O O   . HOH   C 3 .   ? -10.910 5.208   -4.790  1.00 57.83  ?  347 HOH   A O   1 
HETATM 1430 O O   . HOH   C 3 .   ? 10.516  -1.129  14.991  1.00 59.93  ?  348 HOH   A O   1 
HETATM 1431 O O   . HOH   C 3 .   ? 9.001   19.032  -6.701  1.00 65.73  ?  349 HOH   A O   1 
HETATM 1432 O O   . HOH   C 3 .   ? 8.191   17.450  -2.150  1.00 50.98  ?  350 HOH   A O   1 
HETATM 1433 O O   . HOH   C 3 .   ? 12.079  11.295  -8.677  1.00 41.98  ?  351 HOH   A O   1 
HETATM 1434 O O   . HOH   C 3 .   ? 7.350   4.826   13.121  1.00 61.97  ?  352 HOH   A O   1 
HETATM 1435 O O   . HOH   C 3 .   ? 12.949  -9.387  10.099  1.00 59.39  ?  353 HOH   A O   1 
HETATM 1436 O O   A HOH   C 3 .   ? -2.485  -7.001  2.734   0.38 44.04  ?  354 HOH   A O   1 
HETATM 1437 O O   B HOH   C 3 .   ? -2.487  -7.013  2.725   0.35 44.28  ?  354 HOH   A O   1 
HETATM 1438 O O   C HOH   C 3 .   ? -2.832  -7.553  2.496   0.14 49.86  ?  354 HOH   A O   1 
HETATM 1439 O O   D HOH   C 3 .   ? -2.836  -7.539  2.499   0.13 49.86  ?  354 HOH   A O   1 
HETATM 1440 O O   . HOH   C 3 .   ? -3.591  7.413   1.187   1.00 38.44  ?  355 HOH   A O   1 
HETATM 1441 O O   . HOH   C 3 .   ? 11.099  -6.858  15.053  1.00 72.09  ?  356 HOH   A O   1 
HETATM 1442 O O   . HOH   C 3 .   ? 13.055  14.703  -0.602  1.00 56.97  ?  357 HOH   A O   1 
HETATM 1443 O O   . HOH   C 3 .   ? 19.777  -10.750 5.054   1.00 84.65  ?  358 HOH   A O   1 
HETATM 1444 O O   . HOH   C 3 .   ? 2.759   16.298  -10.848 1.00 57.72  ?  359 HOH   A O   1 
HETATM 1445 O O   . HOH   C 3 .   ? 20.149  10.510  -5.419  1.00 75.83  ?  360 HOH   A O   1 
HETATM 1446 O O   . HOH   C 3 .   ? 5.641   5.756   9.772   1.00 47.77  ?  361 HOH   A O   1 
HETATM 1447 O O   . HOH   C 3 .   ? 12.435  -6.922  10.911  1.00 63.92  ?  362 HOH   A O   1 
HETATM 1448 O O   . HOH   C 3 .   ? -5.886  3.146   -11.278 1.00 63.54  ?  363 HOH   A O   1 
HETATM 1449 O O   . HOH   C 3 .   ? 17.856  1.366   3.969   1.00 57.17  ?  364 HOH   A O   1 
HETATM 1450 O O   . HOH   C 3 .   ? -2.440  10.138  0.580   1.00 72.19  ?  365 HOH   A O   1 
HETATM 1451 O O   . HOH   C 3 .   ? 13.191  10.221  5.163   1.00 52.62  ?  366 HOH   A O   1 
HETATM 1452 O O   . HOH   C 3 .   ? 5.931   17.650  -4.167  1.00 53.48  ?  367 HOH   A O   1 
HETATM 1453 O O   . HOH   C 3 .   ? 2.106   10.843  7.203   1.00 63.13  ?  368 HOH   A O   1 
HETATM 1454 O O   . HOH   C 3 .   ? -4.118  8.876   -12.610 1.00 51.02  ?  369 HOH   A O   1 
HETATM 1455 O O   . HOH   C 3 .   ? 15.919  13.803  -3.538  1.00 61.75  ?  370 HOH   A O   1 
HETATM 1456 O O   . HOH   C 3 .   ? 15.860  6.429   -9.992  1.00 73.72  ?  371 HOH   A O   1 
HETATM 1457 O O   . HOH   C 3 .   ? 14.503  -5.087  11.657  1.00 65.31  ?  372 HOH   A O   1 
HETATM 1458 O O   . HOH   C 3 .   ? -9.324  9.891   -7.085  1.00 63.05  ?  373 HOH   A O   1 
HETATM 1459 O O   . HOH   C 3 .   ? 1.339   -11.720 1.425   1.00 80.31  ?  374 HOH   A O   1 
HETATM 1460 O O   . HOH   C 3 .   ? -5.042  8.651   -0.159  1.00 54.99  ?  375 HOH   A O   1 
HETATM 1461 O O   . HOH   C 3 .   ? 7.218   -15.351 3.105   1.00 71.86  ?  376 HOH   A O   1 
HETATM 1462 O O   . HOH   C 3 .   ? -11.338 -14.373 -7.565  1.00 56.76  ?  377 HOH   A O   1 
HETATM 1463 O O   . HOH   C 3 .   ? -7.188  -15.095 -6.476  1.00 97.99  ?  378 HOH   A O   1 
HETATM 1464 O O   . HOH   C 3 .   ? 14.997  14.193  1.375   1.00 65.46  ?  379 HOH   A O   1 
HETATM 1465 O O   . HOH   C 3 .   ? 17.967  -1.060  -7.717  1.00 53.52  ?  380 HOH   A O   1 
HETATM 1466 O O   A HOH   C 3 .   ? -6.279  -0.994  5.698   0.38 67.98  ?  381 HOH   A O   1 
HETATM 1467 O O   B HOH   C 3 .   ? -6.281  -1.003  5.696   0.35 67.93  ?  381 HOH   A O   1 
# 
